data_4FXD
#
_entry.id   4FXD
#
_cell.length_a   72.140
_cell.length_b   74.770
_cell.length_c   116.990
_cell.angle_alpha   82.26
_cell.angle_beta   72.57
_cell.angle_gamma   82.40
#
_symmetry.space_group_name_H-M   'P 1'
#
loop_
_entity.id
_entity.type
_entity.pdbx_description
1 polymer 'DNA polymerase alpha catalytic subunit A'
2 polymer "DNA (5'-D(*TP*TP*TP*TP*CP*GP*CP*TP*GP*CP*CP*CP*GP*CP*CP*T)-3')"
3 polymer "RNA (5'-R(*AP*GP*GP*CP*GP*GP*GP*CP*AP*G)-3')"
#
loop_
_entity_poly.entity_id
_entity_poly.type
_entity_poly.pdbx_seq_one_letter_code
_entity_poly.pdbx_strand_id
1 'polypeptide(L)'
;TDTFQMFWLDYCEVNNTLILFGKVKLKDDNCVSAMVQINGLCRELFFLPREGKTPTDIHEEIIPLLMDKYGLDNIRAKPQ
KMKYSFELPDIPSESDYLKVLLPYQTPKSSRDTIPSDLSSDTFYHVFGGNSNIFESFVIQNRIMGPCWLDIKGADFNSIR
NASHCAVEVSVDKPQNITPTTTKTMPNLRCLSLSIQTLMNPKENKQEIVSITLSAYRNISLDSPIPENIKPDDLCTLVRP
PQSTSFPLGLAALAKQKLPGRVRLFNNEKAMLSCFCAMLKVEDPDVIIGHRLQNVYLDVLAHRMHDLNIPTFSSIGRRLR
RTWPEKFGRGNSNMNHFFISDICSGRLICDIANEMGQSLTPKCQSWDLSEMYQVTCEKEHKPLDIDYQNPQYQNDVNSMT
MALQENITNCMISAEVSYRIQLLTLTKQLTNLAGNAWAQTLGGTRAGRNEYILLHEFSRNGFIVPDKEGNRSRAQKQRQN
EENADAPVNSKKAKYQGGLVFEPEKGLHKNYVLVMDFNSLYPSIIQEFNICFTTVDRNKEDIDELPSVPPSEVDQGVLPR
LLANLVDRRREVKKVMKTETDPHKRVQCDIRQQALKLTANSMYGCLGYVNSRFYAKPLAMLVTNKGREILMNTRQLAESM
NLLVVYGDTDSVMIDTGCDNYADAIKIGLGFKRLVNERYRLLEIDIDNVFKKLLLHAKKKYAALTVNLDKNGNGTTVLEV
KGLDMKRREFCPLSRDVSIHVLNTILSDKDPEEALQEVYDYLEDIRIKVETNNIRIDKYKINMKLSKDPKAYPGGKNMPA
VQVALRMRKAGRVVKAGSVITFVITKQDEIDNAADTPALSVAERAHALNEVMIKSNNLIPDPQYYLEKQIFAPVERLLER
IDSFNVVRLSEALGLDSKKYFRREGGNNNG
;
A,B
2 'polydeoxyribonucleotide' (DT)(DT)(DT)(DT)(DC)(DG)(DC)(DT)(DG)(DC)(DC)(DC)(DG)(DC)(DC)(DT) C,D
3 'polyribonucleotide' AGGCGGGCAG E,F
#
loop_
_chem_comp.id
_chem_comp.type
_chem_comp.name
_chem_comp.formula
A RNA linking ADENOSINE-5'-MONOPHOSPHATE 'C10 H14 N5 O7 P'
C RNA linking CYTIDINE-5'-MONOPHOSPHATE 'C9 H14 N3 O8 P'
DC DNA linking 2'-DEOXYCYTIDINE-5'-MONOPHOSPHATE 'C9 H14 N3 O7 P'
DG DNA linking 2'-DEOXYGUANOSINE-5'-MONOPHOSPHATE 'C10 H14 N5 O7 P'
DT DNA linking THYMIDINE-5'-MONOPHOSPHATE 'C10 H15 N2 O8 P'
G RNA linking GUANOSINE-5'-MONOPHOSPHATE 'C10 H14 N5 O8 P'
#
# COMPACT_ATOMS: atom_id res chain seq x y z
N THR A 3 -9.35 16.38 22.93
CA THR A 3 -8.30 15.97 22.01
C THR A 3 -6.99 16.67 22.31
N PHE A 4 -5.88 16.00 22.02
CA PHE A 4 -4.54 16.51 22.31
C PHE A 4 -3.68 16.35 21.06
N GLN A 5 -3.06 17.44 20.61
CA GLN A 5 -2.29 17.44 19.38
C GLN A 5 -0.80 17.62 19.62
N MET A 6 -0.01 16.63 19.24
CA MET A 6 1.44 16.70 19.45
C MET A 6 2.21 16.24 18.22
N PHE A 7 3.18 17.03 17.81
CA PHE A 7 4.12 16.65 16.76
C PHE A 7 5.28 15.90 17.41
N TRP A 8 5.30 14.58 17.23
CA TRP A 8 6.28 13.75 17.93
C TRP A 8 7.63 13.74 17.21
N LEU A 9 8.69 13.75 18.01
CA LEU A 9 10.06 13.84 17.53
C LEU A 9 10.87 12.59 17.90
N ASP A 10 10.77 12.15 19.15
CA ASP A 10 11.58 11.05 19.65
C ASP A 10 10.83 10.22 20.69
N TYR A 11 11.43 9.12 21.12
CA TYR A 11 10.78 8.24 22.09
C TYR A 11 11.81 7.58 23.01
N CYS A 12 11.32 6.83 23.98
CA CYS A 12 12.17 5.98 24.80
C CYS A 12 11.33 4.89 25.48
N GLU A 13 11.96 3.75 25.76
CA GLU A 13 11.30 2.64 26.41
C GLU A 13 11.68 2.58 27.88
N VAL A 14 10.69 2.38 28.75
CA VAL A 14 10.94 2.26 30.18
C VAL A 14 9.83 1.53 30.92
N ASN A 15 10.19 0.45 31.63
CA ASN A 15 9.22 -0.31 32.41
C ASN A 15 8.04 -0.81 31.58
N ASN A 16 8.35 -1.42 30.44
CA ASN A 16 7.34 -1.94 29.53
C ASN A 16 6.28 -0.92 29.12
N THR A 17 6.65 0.36 29.16
CA THR A 17 5.81 1.41 28.59
C THR A 17 6.59 2.08 27.48
N LEU A 18 5.94 2.96 26.74
CA LEU A 18 6.58 3.69 25.66
C LEU A 18 6.34 5.18 25.81
N ILE A 19 7.39 5.97 25.84
CA ILE A 19 7.23 7.41 26.01
C ILE A 19 7.57 8.14 24.73
N LEU A 20 6.70 9.07 24.35
CA LEU A 20 6.92 9.89 23.16
C LEU A 20 7.19 11.30 23.61
N PHE A 21 8.26 11.90 23.07
CA PHE A 21 8.57 13.29 23.35
C PHE A 21 8.26 14.07 22.09
N GLY A 22 7.65 15.24 22.23
CA GLY A 22 7.30 16.04 21.07
C GLY A 22 6.89 17.46 21.47
N LYS A 23 6.25 18.15 20.53
CA LYS A 23 5.83 19.53 20.76
C LYS A 23 4.31 19.63 20.70
N VAL A 24 3.74 20.49 21.54
CA VAL A 24 2.31 20.72 21.54
C VAL A 24 2.06 22.20 21.35
N LYS A 25 1.04 22.51 20.54
CA LYS A 25 0.65 23.89 20.32
C LYS A 25 -0.32 24.31 21.42
N LEU A 26 -0.17 25.54 21.88
CA LEU A 26 -1.01 26.07 22.96
C LEU A 26 -2.03 27.04 22.41
N LYS A 27 -2.93 27.51 23.28
CA LYS A 27 -4.00 28.40 22.86
C LYS A 27 -3.43 29.62 22.14
N ASP A 28 -2.28 30.08 22.59
CA ASP A 28 -1.60 31.22 21.95
C ASP A 28 -0.71 30.77 20.79
N ASP A 29 -0.93 29.56 20.30
CA ASP A 29 -0.16 29.01 19.18
C ASP A 29 1.32 28.76 19.54
N ASN A 30 1.65 28.92 20.82
CA ASN A 30 3.02 28.69 21.27
C ASN A 30 3.27 27.20 21.40
N CYS A 31 4.47 26.76 21.03
CA CYS A 31 4.81 25.36 21.12
C CYS A 31 5.72 25.10 22.32
N VAL A 32 5.35 24.08 23.09
CA VAL A 32 6.17 23.68 24.25
C VAL A 32 6.46 22.19 24.16
N SER A 33 7.45 21.73 24.92
CA SER A 33 7.79 20.31 24.91
C SER A 33 6.75 19.52 25.71
N ALA A 34 6.57 18.26 25.37
CA ALA A 34 5.59 17.41 26.03
C ALA A 34 5.97 15.94 25.92
N MET A 35 5.54 15.14 26.89
CA MET A 35 5.75 13.71 26.81
C MET A 35 4.44 12.96 27.03
N VAL A 36 4.27 11.86 26.32
CA VAL A 36 3.08 11.05 26.42
C VAL A 36 3.47 9.61 26.75
N GLN A 37 3.08 9.15 27.93
CA GLN A 37 3.34 7.77 28.30
C GLN A 37 2.22 6.91 27.75
N ILE A 38 2.58 5.83 27.06
CA ILE A 38 1.60 4.99 26.38
C ILE A 38 1.50 3.65 27.07
N ASN A 39 0.36 3.40 27.69
CA ASN A 39 0.07 2.13 28.31
C ASN A 39 -0.85 1.32 27.41
N GLY A 40 -1.04 0.05 27.75
CA GLY A 40 -2.00 -0.77 27.04
C GLY A 40 -1.48 -1.32 25.72
N LEU A 41 -0.20 -1.11 25.45
CA LEU A 41 0.41 -1.67 24.26
C LEU A 41 0.58 -3.18 24.40
N CYS A 42 0.30 -3.91 23.32
CA CYS A 42 0.45 -5.35 23.31
C CYS A 42 1.28 -5.80 22.12
N ARG A 43 1.95 -6.94 22.27
CA ARG A 43 2.57 -7.62 21.15
C ARG A 43 1.49 -8.36 20.38
N GLU A 44 1.55 -8.29 19.06
CA GLU A 44 0.64 -9.05 18.22
C GLU A 44 1.33 -10.37 17.92
N LEU A 45 0.80 -11.45 18.48
CA LEU A 45 1.37 -12.77 18.27
C LEU A 45 0.47 -13.52 17.30
N PHE A 46 1.08 -14.29 16.40
CA PHE A 46 0.30 -15.03 15.41
C PHE A 46 0.60 -16.52 15.49
N PHE A 47 -0.41 -17.26 15.93
CA PHE A 47 -0.29 -18.70 16.12
C PHE A 47 -0.73 -19.43 14.85
N LEU A 48 0.21 -20.17 14.28
CA LEU A 48 0.05 -20.89 13.02
C LEU A 48 -0.53 -22.28 13.28
N PRO A 49 -1.80 -22.51 12.89
CA PRO A 49 -2.45 -23.81 13.13
C PRO A 49 -1.81 -24.96 12.35
N ARG A 50 -1.85 -26.15 12.93
CA ARG A 50 -1.32 -27.34 12.29
C ARG A 50 -2.30 -27.85 11.24
N GLU A 51 -1.84 -28.73 10.37
CA GLU A 51 -2.69 -29.30 9.34
C GLU A 51 -3.98 -29.86 9.94
N GLY A 52 -5.09 -29.20 9.67
CA GLY A 52 -6.39 -29.65 10.15
C GLY A 52 -6.85 -28.99 11.43
N LYS A 53 -6.39 -27.76 11.67
CA LYS A 53 -6.74 -27.02 12.87
C LYS A 53 -7.22 -25.61 12.55
N THR A 54 -7.86 -24.97 13.53
CA THR A 54 -8.39 -23.63 13.35
C THR A 54 -7.87 -22.70 14.45
N PRO A 55 -8.09 -21.39 14.28
CA PRO A 55 -7.71 -20.41 15.29
C PRO A 55 -8.43 -20.62 16.62
N THR A 56 -9.65 -21.14 16.57
CA THR A 56 -10.40 -21.46 17.78
C THR A 56 -9.80 -22.63 18.55
N ASP A 57 -9.23 -23.60 17.84
CA ASP A 57 -8.57 -24.73 18.48
C ASP A 57 -7.42 -24.24 19.34
N ILE A 58 -6.68 -23.27 18.79
CA ILE A 58 -5.59 -22.63 19.51
C ILE A 58 -6.14 -21.81 20.66
N HIS A 59 -7.19 -21.05 20.37
CA HIS A 59 -7.78 -20.12 21.33
C HIS A 59 -8.11 -20.83 22.63
N GLU A 60 -8.71 -22.02 22.52
CA GLU A 60 -9.09 -22.81 23.68
C GLU A 60 -7.88 -23.29 24.46
N GLU A 61 -6.85 -23.71 23.72
CA GLU A 61 -5.67 -24.30 24.34
C GLU A 61 -4.79 -23.28 25.08
N ILE A 62 -4.17 -22.37 24.34
CA ILE A 62 -3.16 -21.47 24.93
C ILE A 62 -3.72 -20.34 25.80
N ILE A 63 -4.89 -19.79 25.45
CA ILE A 63 -5.41 -18.62 26.16
C ILE A 63 -5.54 -18.85 27.66
N PRO A 64 -6.18 -19.97 28.08
CA PRO A 64 -6.25 -20.26 29.50
C PRO A 64 -4.84 -20.40 30.11
N LEU A 65 -3.92 -20.95 29.32
CA LEU A 65 -2.55 -21.13 29.77
C LEU A 65 -1.81 -19.80 29.88
N LEU A 66 -2.14 -18.86 29.00
CA LEU A 66 -1.51 -17.55 29.01
C LEU A 66 -2.04 -16.70 30.17
N MET A 67 -3.34 -16.80 30.42
CA MET A 67 -3.97 -16.09 31.53
C MET A 67 -3.29 -16.45 32.85
N ASP A 68 -2.87 -17.71 32.98
CA ASP A 68 -2.25 -18.20 34.20
C ASP A 68 -0.84 -17.65 34.36
N LYS A 69 0.01 -17.88 33.36
CA LYS A 69 1.40 -17.45 33.43
C LYS A 69 1.53 -15.95 33.65
N TYR A 70 0.83 -15.17 32.83
CA TYR A 70 0.93 -13.71 32.90
C TYR A 70 -0.07 -13.11 33.90
N GLY A 71 -1.08 -13.89 34.29
CA GLY A 71 -2.02 -13.46 35.30
C GLY A 71 -3.01 -12.41 34.81
N LEU A 72 -3.59 -12.64 33.64
CA LEU A 72 -4.60 -11.72 33.10
C LEU A 72 -6.00 -12.30 33.25
N ASP A 73 -6.97 -11.42 33.50
CA ASP A 73 -8.36 -11.81 33.61
C ASP A 73 -8.92 -12.18 32.23
N ASN A 74 -8.72 -11.28 31.26
CA ASN A 74 -9.12 -11.54 29.89
C ASN A 74 -8.04 -11.11 28.89
N ILE A 75 -7.88 -11.88 27.82
CA ILE A 75 -6.91 -11.58 26.79
C ILE A 75 -7.59 -11.51 25.42
N ARG A 76 -7.50 -10.36 24.78
CA ARG A 76 -8.09 -10.19 23.45
C ARG A 76 -7.40 -11.08 22.42
N ALA A 77 -8.19 -11.86 21.70
CA ALA A 77 -7.68 -12.69 20.64
C ALA A 77 -8.76 -12.85 19.58
N LYS A 78 -8.32 -13.03 18.33
CA LYS A 78 -9.26 -13.15 17.22
C LYS A 78 -8.57 -13.82 16.05
N PRO A 79 -9.34 -14.51 15.21
CA PRO A 79 -8.76 -15.09 13.97
C PRO A 79 -8.40 -14.00 12.97
N GLN A 80 -7.30 -14.19 12.25
CA GLN A 80 -6.95 -13.28 11.16
C GLN A 80 -6.14 -13.99 10.07
N LYS A 81 -6.56 -13.79 8.83
CA LYS A 81 -5.90 -14.42 7.70
C LYS A 81 -4.65 -13.61 7.34
N MET A 82 -3.50 -14.27 7.36
CA MET A 82 -2.23 -13.61 7.09
C MET A 82 -1.41 -14.40 6.06
N LYS A 83 -0.57 -13.67 5.34
CA LYS A 83 0.33 -14.27 4.36
C LYS A 83 1.75 -14.34 4.92
N TYR A 84 2.49 -15.37 4.52
CA TYR A 84 3.89 -15.49 4.88
C TYR A 84 4.72 -15.90 3.67
N SER A 85 5.81 -15.17 3.44
CA SER A 85 6.61 -15.39 2.24
C SER A 85 8.11 -15.26 2.50
N PHE A 86 8.54 -15.51 3.73
CA PHE A 86 9.95 -15.33 4.08
C PHE A 86 10.69 -16.66 4.26
N GLU A 87 11.87 -16.62 4.88
CA GLU A 87 12.84 -17.71 4.78
C GLU A 87 12.57 -18.93 5.66
N LEU A 88 11.57 -18.87 6.54
CA LEU A 88 11.27 -20.02 7.38
C LEU A 88 10.60 -21.14 6.59
N PRO A 89 11.21 -22.34 6.59
CA PRO A 89 10.68 -23.49 5.84
C PRO A 89 9.46 -24.11 6.49
N ASP A 90 8.64 -24.78 5.69
CA ASP A 90 7.46 -25.50 6.17
C ASP A 90 6.26 -24.61 6.55
N ILE A 91 6.47 -23.29 6.63
CA ILE A 91 5.37 -22.37 6.89
C ILE A 91 4.69 -21.97 5.57
N PRO A 92 3.36 -22.03 5.51
CA PRO A 92 2.64 -21.85 4.24
C PRO A 92 2.53 -20.41 3.78
N SER A 93 2.29 -20.23 2.48
CA SER A 93 2.14 -18.91 1.87
C SER A 93 1.02 -18.10 2.52
N GLU A 94 -0.06 -18.76 2.89
CA GLU A 94 -1.19 -18.09 3.50
C GLU A 94 -1.92 -19.04 4.44
N SER A 95 -2.36 -18.53 5.58
CA SER A 95 -3.08 -19.36 6.55
C SER A 95 -3.96 -18.51 7.45
N ASP A 96 -4.84 -19.18 8.19
CA ASP A 96 -5.60 -18.53 9.24
C ASP A 96 -4.79 -18.65 10.51
N TYR A 97 -4.52 -17.52 11.15
CA TYR A 97 -3.72 -17.51 12.35
C TYR A 97 -4.60 -17.10 13.51
N LEU A 98 -4.14 -17.35 14.73
CA LEU A 98 -4.79 -16.78 15.90
C LEU A 98 -3.97 -15.59 16.39
N LYS A 99 -4.55 -14.41 16.21
CA LYS A 99 -3.94 -13.17 16.66
C LYS A 99 -4.24 -12.95 18.15
N VAL A 100 -3.20 -12.98 18.96
CA VAL A 100 -3.31 -12.79 20.39
C VAL A 100 -2.65 -11.48 20.77
N LEU A 101 -3.41 -10.58 21.40
CA LEU A 101 -2.87 -9.32 21.87
C LEU A 101 -2.37 -9.49 23.30
N LEU A 102 -1.07 -9.68 23.45
CA LEU A 102 -0.48 -9.91 24.76
C LEU A 102 0.20 -8.64 25.26
N PRO A 103 -0.38 -7.98 26.27
CA PRO A 103 0.18 -6.72 26.76
C PRO A 103 1.64 -6.84 27.20
N TYR A 104 2.38 -5.76 27.07
CA TYR A 104 3.76 -5.71 27.53
C TYR A 104 3.80 -5.65 29.05
N GLN A 105 2.85 -4.91 29.62
CA GLN A 105 2.74 -4.76 31.07
C GLN A 105 1.84 -5.84 31.65
N THR A 106 2.45 -6.83 32.31
CA THR A 106 1.69 -7.88 32.99
C THR A 106 2.06 -7.96 34.46
N PRO A 107 1.09 -8.34 35.31
CA PRO A 107 1.34 -8.51 36.75
C PRO A 107 2.43 -9.52 37.05
N LYS A 108 2.52 -10.58 36.25
CA LYS A 108 3.52 -11.62 36.45
C LYS A 108 4.41 -11.80 35.23
N SER A 109 5.62 -12.30 35.46
CA SER A 109 6.56 -12.68 34.40
C SER A 109 6.47 -11.82 33.13
N SER A 110 6.44 -10.51 33.31
CA SER A 110 6.36 -9.60 32.15
C SER A 110 7.65 -9.61 31.33
N ARG A 111 8.73 -10.17 31.89
CA ARG A 111 10.01 -10.21 31.21
C ARG A 111 10.27 -11.55 30.52
N ASP A 112 9.31 -12.46 30.60
CA ASP A 112 9.45 -13.78 29.98
C ASP A 112 8.73 -13.79 28.63
N THR A 113 9.50 -14.01 27.56
CA THR A 113 8.95 -14.01 26.21
C THR A 113 8.57 -15.41 25.75
N ILE A 114 7.61 -15.47 24.84
CA ILE A 114 7.12 -16.72 24.29
C ILE A 114 7.99 -17.14 23.11
N PRO A 115 8.65 -18.31 23.23
CA PRO A 115 9.53 -18.75 22.14
C PRO A 115 8.75 -19.02 20.86
N SER A 116 9.42 -18.81 19.73
CA SER A 116 8.81 -18.99 18.41
C SER A 116 8.53 -20.44 18.07
N ASP A 117 9.28 -21.36 18.66
CA ASP A 117 9.06 -22.77 18.38
C ASP A 117 8.04 -23.40 19.31
N LEU A 118 7.03 -22.64 19.74
CA LEU A 118 6.03 -23.26 20.60
C LEU A 118 5.19 -24.21 19.76
N SER A 119 5.50 -25.50 19.89
CA SER A 119 4.85 -26.57 19.14
C SER A 119 3.77 -27.17 20.02
N SER A 120 2.54 -27.19 19.53
CA SER A 120 1.40 -27.73 20.28
C SER A 120 0.60 -28.54 19.27
N ASP A 121 -0.48 -29.18 19.71
CA ASP A 121 -1.29 -29.97 18.80
C ASP A 121 -2.21 -29.06 18.00
N THR A 122 -2.29 -27.80 18.37
CA THR A 122 -3.14 -26.88 17.64
C THR A 122 -2.26 -26.12 16.63
N PHE A 123 -1.29 -25.37 17.13
CA PHE A 123 -0.36 -24.63 16.27
C PHE A 123 1.05 -25.22 16.32
N TYR A 124 1.92 -24.79 15.40
CA TYR A 124 3.32 -25.22 15.41
C TYR A 124 4.33 -24.06 15.46
N HIS A 125 3.85 -22.84 15.20
CA HIS A 125 4.73 -21.66 15.16
C HIS A 125 4.04 -20.42 15.69
N VAL A 126 4.83 -19.46 16.17
CA VAL A 126 4.28 -18.20 16.67
C VAL A 126 5.14 -17.01 16.24
N PHE A 127 4.51 -16.00 15.67
CA PHE A 127 5.21 -14.79 15.27
C PHE A 127 4.95 -13.65 16.25
N GLY A 128 5.90 -12.73 16.38
CA GLY A 128 5.72 -11.57 17.22
C GLY A 128 5.98 -11.82 18.69
N GLY A 129 6.75 -12.85 19.00
CA GLY A 129 7.04 -13.19 20.38
C GLY A 129 7.97 -12.20 21.04
N ASN A 130 9.02 -11.80 20.33
CA ASN A 130 10.02 -10.88 20.87
C ASN A 130 9.84 -9.44 20.38
N SER A 131 8.65 -9.11 19.90
CA SER A 131 8.36 -7.78 19.39
C SER A 131 8.86 -6.66 20.32
N ASN A 132 9.45 -5.63 19.72
CA ASN A 132 9.86 -4.45 20.47
C ASN A 132 8.69 -3.48 20.60
N ILE A 133 8.59 -2.83 21.75
CA ILE A 133 7.43 -1.99 22.05
C ILE A 133 7.27 -0.79 21.11
N PHE A 134 8.36 -0.11 20.76
CA PHE A 134 8.28 1.02 19.86
C PHE A 134 7.86 0.57 18.47
N GLU A 135 8.41 -0.57 18.05
CA GLU A 135 8.11 -1.12 16.75
C GLU A 135 6.64 -1.49 16.67
N SER A 136 6.12 -2.07 17.75
CA SER A 136 4.71 -2.45 17.83
C SER A 136 3.79 -1.25 17.70
N PHE A 137 4.06 -0.20 18.46
CA PHE A 137 3.25 1.01 18.40
C PHE A 137 3.22 1.59 17.00
N VAL A 138 4.39 1.74 16.41
CA VAL A 138 4.54 2.40 15.12
C VAL A 138 3.90 1.62 13.96
N ILE A 139 4.03 0.30 14.00
CA ILE A 139 3.46 -0.57 12.98
C ILE A 139 1.93 -0.68 13.07
N GLN A 140 1.45 -0.87 14.29
CA GLN A 140 0.02 -1.05 14.55
C GLN A 140 -0.78 0.22 14.27
N ASN A 141 -0.19 1.37 14.59
CA ASN A 141 -0.87 2.64 14.40
C ASN A 141 -0.45 3.31 13.09
N ARG A 142 0.38 2.61 12.32
CA ARG A 142 0.80 3.09 11.00
C ARG A 142 1.42 4.47 11.07
N ILE A 143 2.31 4.66 12.05
CA ILE A 143 3.03 5.92 12.20
C ILE A 143 4.29 5.88 11.33
N MET A 144 4.44 6.88 10.47
CA MET A 144 5.57 6.92 9.55
C MET A 144 6.48 8.10 9.87
N GLY A 145 7.36 7.92 10.85
CA GLY A 145 8.29 8.98 11.25
C GLY A 145 7.64 10.16 11.94
N PRO A 146 8.41 11.24 12.14
CA PRO A 146 7.96 12.44 12.87
C PRO A 146 6.78 13.11 12.19
N CYS A 147 5.70 13.30 12.95
CA CYS A 147 4.47 13.85 12.41
C CYS A 147 3.54 14.36 13.50
N TRP A 148 2.44 14.96 13.08
CA TRP A 148 1.39 15.39 14.01
C TRP A 148 0.54 14.19 14.42
N LEU A 149 0.19 14.13 15.70
CA LEU A 149 -0.62 13.05 16.22
C LEU A 149 -1.81 13.63 16.97
N ASP A 150 -3.01 13.12 16.66
CA ASP A 150 -4.19 13.41 17.46
C ASP A 150 -4.27 12.40 18.59
N ILE A 151 -4.23 12.91 19.81
CA ILE A 151 -4.21 12.06 21.00
C ILE A 151 -5.44 12.34 21.86
N LYS A 152 -6.33 11.36 21.94
CA LYS A 152 -7.56 11.50 22.71
C LYS A 152 -7.50 10.76 24.03
N GLY A 153 -8.23 11.25 25.02
CA GLY A 153 -8.23 10.65 26.35
C GLY A 153 -6.90 10.80 27.06
N ALA A 154 -6.28 11.96 26.91
CA ALA A 154 -5.02 12.25 27.58
C ALA A 154 -5.25 12.59 29.04
N ASP A 155 -4.54 11.90 29.92
CA ASP A 155 -4.67 12.11 31.36
C ASP A 155 -3.62 13.11 31.84
N PHE A 156 -4.08 14.29 32.24
CA PHE A 156 -3.17 15.36 32.68
C PHE A 156 -2.85 15.31 34.18
N ASN A 157 -3.49 14.41 34.91
CA ASN A 157 -3.30 14.33 36.36
C ASN A 157 -2.61 13.06 36.82
N SER A 158 -2.31 12.16 35.89
CA SER A 158 -1.62 10.92 36.21
C SER A 158 -0.11 11.10 36.40
N ILE A 159 0.54 11.77 35.46
CA ILE A 159 2.00 11.89 35.43
C ILE A 159 2.54 13.11 36.15
N ARG A 160 3.47 12.90 37.08
CA ARG A 160 4.07 14.01 37.81
C ARG A 160 5.59 13.85 37.94
N ASN A 161 6.32 14.85 37.49
CA ASN A 161 7.77 14.86 37.58
C ASN A 161 8.41 13.65 36.93
N ALA A 162 7.95 13.32 35.72
CA ALA A 162 8.49 12.20 34.95
C ALA A 162 9.52 12.65 33.93
N SER A 163 9.46 13.92 33.53
CA SER A 163 10.27 14.41 32.43
C SER A 163 10.74 15.84 32.65
N HIS A 164 11.52 16.34 31.70
CA HIS A 164 11.98 17.73 31.71
C HIS A 164 11.12 18.58 30.77
N CYS A 165 9.95 18.07 30.42
CA CYS A 165 9.06 18.74 29.49
C CYS A 165 8.06 19.62 30.22
N ALA A 166 7.49 20.57 29.49
CA ALA A 166 6.50 21.49 30.06
C ALA A 166 5.18 20.78 30.32
N VAL A 167 4.86 19.79 29.49
CA VAL A 167 3.61 19.05 29.62
C VAL A 167 3.88 17.55 29.77
N GLU A 168 3.22 16.94 30.75
CA GLU A 168 3.34 15.50 30.98
C GLU A 168 1.96 14.86 31.06
N VAL A 169 1.66 13.97 30.12
CA VAL A 169 0.38 13.27 30.09
C VAL A 169 0.56 11.77 29.84
N SER A 170 -0.50 11.01 30.07
CA SER A 170 -0.49 9.58 29.77
C SER A 170 -1.78 9.16 29.09
N VAL A 171 -1.75 8.00 28.44
CA VAL A 171 -2.93 7.41 27.82
C VAL A 171 -3.05 5.95 28.20
N ASP A 172 -4.28 5.50 28.40
CA ASP A 172 -4.55 4.14 28.87
C ASP A 172 -4.43 3.10 27.75
N LYS A 173 -4.56 3.55 26.51
CA LYS A 173 -4.49 2.66 25.37
C LYS A 173 -3.85 3.34 24.16
N PRO A 174 -3.08 2.57 23.36
CA PRO A 174 -2.39 3.14 22.20
C PRO A 174 -3.35 3.55 21.09
N GLN A 175 -4.54 2.97 21.08
CA GLN A 175 -5.53 3.27 20.04
C GLN A 175 -6.01 4.71 20.14
N ASN A 176 -5.73 5.35 21.26
CA ASN A 176 -6.08 6.75 21.45
C ASN A 176 -5.23 7.68 20.58
N ILE A 177 -4.15 7.15 20.03
CA ILE A 177 -3.24 7.94 19.20
C ILE A 177 -3.38 7.59 17.72
N THR A 178 -3.74 8.58 16.92
CA THR A 178 -3.87 8.40 15.47
C THR A 178 -3.07 9.48 14.74
N PRO A 179 -2.39 9.09 13.65
CA PRO A 179 -1.63 10.09 12.87
C PRO A 179 -2.51 11.00 12.02
N THR A 180 -1.99 12.20 11.72
CA THR A 180 -2.72 13.18 10.91
C THR A 180 -2.05 13.29 9.55
N THR A 181 -2.74 13.92 8.58
CA THR A 181 -2.21 14.08 7.24
C THR A 181 -1.39 15.37 7.08
N THR A 182 -1.46 16.26 8.06
CA THR A 182 -0.75 17.53 8.03
C THR A 182 0.71 17.37 7.59
N LYS A 183 1.10 18.14 6.57
CA LYS A 183 2.44 18.08 6.03
C LYS A 183 3.39 19.03 6.76
N THR A 184 2.84 20.08 7.36
CA THR A 184 3.63 21.06 8.08
C THR A 184 4.06 20.54 9.44
N MET A 185 5.00 21.25 10.06
CA MET A 185 5.51 20.89 11.38
C MET A 185 5.77 22.15 12.18
N PRO A 186 5.81 22.03 13.51
CA PRO A 186 6.07 23.20 14.37
C PRO A 186 7.52 23.66 14.30
N ASN A 187 7.79 24.85 14.83
CA ASN A 187 9.17 25.34 14.91
C ASN A 187 9.94 24.50 15.92
N LEU A 188 11.23 24.33 15.66
CA LEU A 188 12.09 23.57 16.56
C LEU A 188 12.99 24.49 17.37
N ARG A 189 13.35 24.02 18.58
CA ARG A 189 14.29 24.74 19.41
C ARG A 189 15.64 24.04 19.30
N CYS A 190 16.56 24.69 18.60
CA CYS A 190 17.89 24.12 18.39
C CYS A 190 18.90 24.77 19.32
N LEU A 191 19.85 23.97 19.80
CA LEU A 191 20.92 24.51 20.63
C LEU A 191 22.26 23.96 20.14
N SER A 192 23.08 24.85 19.60
CA SER A 192 24.41 24.47 19.16
C SER A 192 25.37 24.45 20.34
N LEU A 193 26.09 23.34 20.47
CA LEU A 193 27.03 23.15 21.56
C LEU A 193 28.44 23.12 21.02
N SER A 194 29.35 23.82 21.69
CA SER A 194 30.77 23.68 21.38
C SER A 194 31.54 23.48 22.67
N ILE A 195 32.31 22.40 22.74
CA ILE A 195 32.98 22.07 23.98
C ILE A 195 34.49 22.10 23.81
N GLN A 196 35.13 22.79 24.74
CA GLN A 196 36.58 22.82 24.82
C GLN A 196 36.99 22.02 26.03
N THR A 197 37.92 21.12 25.80
CA THR A 197 38.38 20.16 26.80
C THR A 197 39.84 20.33 27.15
N LEU A 198 40.27 19.56 28.15
CA LEU A 198 41.65 19.52 28.60
C LEU A 198 42.02 18.11 28.98
N MET A 199 43.25 17.71 28.71
CA MET A 199 43.66 16.34 29.00
C MET A 199 44.57 16.31 30.22
N ASN A 200 44.13 15.55 31.22
CA ASN A 200 44.89 15.32 32.42
C ASN A 200 45.69 14.04 32.23
N PRO A 201 47.02 14.15 32.27
CA PRO A 201 47.85 12.98 31.92
C PRO A 201 47.84 11.96 33.05
N LYS A 202 47.52 12.40 34.26
CA LYS A 202 47.48 11.49 35.39
C LYS A 202 46.48 10.37 35.16
N GLU A 203 45.23 10.74 34.90
CA GLU A 203 44.19 9.74 34.74
C GLU A 203 43.79 9.53 33.28
N ASN A 204 44.42 10.26 32.36
CA ASN A 204 44.09 10.11 30.97
C ASN A 204 42.61 10.43 30.81
N LYS A 205 42.21 11.62 31.26
CA LYS A 205 40.81 11.97 31.26
C LYS A 205 40.68 13.35 30.63
N GLN A 206 39.83 13.43 29.63
CA GLN A 206 39.51 14.68 28.98
C GLN A 206 38.48 15.46 29.80
N GLU A 207 38.92 16.53 30.45
CA GLU A 207 38.02 17.33 31.29
C GLU A 207 37.50 18.51 30.50
N ILE A 208 36.37 19.07 30.93
CA ILE A 208 35.76 20.18 30.22
C ILE A 208 36.18 21.52 30.80
N VAL A 209 36.70 22.38 29.95
CA VAL A 209 37.14 23.72 30.35
C VAL A 209 36.04 24.73 30.05
N SER A 210 35.45 24.65 28.87
CA SER A 210 34.39 25.60 28.52
C SER A 210 33.31 24.99 27.64
N ILE A 211 32.14 25.64 27.62
CA ILE A 211 31.01 25.20 26.82
C ILE A 211 30.32 26.43 26.25
N THR A 212 30.05 26.40 24.95
CA THR A 212 29.30 27.49 24.31
C THR A 212 27.93 26.97 23.90
N LEU A 213 26.92 27.78 24.19
CA LEU A 213 25.53 27.46 23.95
C LEU A 213 24.93 28.56 23.09
N SER A 214 24.54 28.21 21.87
CA SER A 214 23.94 29.19 20.96
C SER A 214 22.52 28.74 20.63
N ALA A 215 21.54 29.58 20.96
CA ALA A 215 20.14 29.17 20.86
C ALA A 215 19.44 29.76 19.64
N TYR A 216 18.77 28.89 18.90
CA TYR A 216 17.98 29.27 17.74
C TYR A 216 16.59 28.68 17.96
N ARG A 217 15.72 29.47 18.58
CA ARG A 217 14.46 28.97 19.12
C ARG A 217 13.35 28.77 18.09
N ASN A 218 13.57 29.23 16.86
CA ASN A 218 12.53 29.14 15.84
C ASN A 218 13.04 28.67 14.46
N ILE A 219 13.65 27.50 14.43
CA ILE A 219 14.08 26.90 13.18
C ILE A 219 12.93 26.15 12.50
N SER A 220 12.43 26.71 11.40
CA SER A 220 11.35 26.09 10.64
C SER A 220 11.89 25.33 9.43
N LEU A 221 11.64 24.03 9.40
CA LEU A 221 12.03 23.20 8.25
C LEU A 221 11.02 23.28 7.11
N ASP A 222 9.89 23.95 7.36
CA ASP A 222 8.87 24.11 6.33
C ASP A 222 9.25 25.24 5.38
N SER A 223 10.23 26.03 5.79
CA SER A 223 10.74 27.11 4.96
C SER A 223 12.26 27.10 5.05
N PRO A 224 12.93 27.60 4.01
CA PRO A 224 14.40 27.61 4.03
C PRO A 224 14.95 28.45 5.18
N ILE A 225 16.03 27.98 5.79
CA ILE A 225 16.65 28.71 6.88
C ILE A 225 17.58 29.78 6.31
N PRO A 226 17.38 31.04 6.70
CA PRO A 226 18.18 32.14 6.17
C PRO A 226 19.67 31.96 6.45
N GLU A 227 20.50 32.24 5.45
CA GLU A 227 21.94 32.09 5.58
C GLU A 227 22.50 33.04 6.65
N ASN A 228 23.53 32.59 7.34
CA ASN A 228 24.11 33.33 8.46
C ASN A 228 23.04 33.76 9.46
N ILE A 229 22.11 32.87 9.75
CA ILE A 229 21.04 33.14 10.70
C ILE A 229 21.59 33.56 12.06
N LYS A 230 20.95 34.55 12.67
CA LYS A 230 21.43 35.11 13.93
C LYS A 230 20.78 34.39 15.11
N PRO A 231 21.57 34.07 16.14
CA PRO A 231 21.08 33.36 17.33
C PRO A 231 20.23 34.25 18.23
N ASP A 232 19.28 33.63 18.92
CA ASP A 232 18.42 34.37 19.85
C ASP A 232 19.16 34.63 21.16
N ASP A 233 20.09 33.74 21.50
CA ASP A 233 20.86 33.88 22.72
C ASP A 233 22.20 33.17 22.60
N LEU A 234 23.24 33.79 23.16
CA LEU A 234 24.58 33.23 23.12
C LEU A 234 25.21 33.36 24.50
N CYS A 235 25.63 32.24 25.07
CA CYS A 235 26.23 32.23 26.40
C CYS A 235 27.38 31.24 26.49
N THR A 236 28.43 31.61 27.21
CA THR A 236 29.59 30.73 27.36
C THR A 236 29.89 30.51 28.83
N LEU A 237 30.04 29.25 29.24
CA LEU A 237 30.39 28.93 30.61
C LEU A 237 31.85 28.47 30.64
N VAL A 238 32.61 28.91 31.63
CA VAL A 238 34.01 28.52 31.69
C VAL A 238 34.58 28.39 33.09
N ARG A 239 35.42 27.38 33.27
CA ARG A 239 36.14 27.16 34.52
C ARG A 239 37.64 27.27 34.28
N PRO A 240 38.42 27.56 35.34
CA PRO A 240 39.87 27.73 35.20
C PRO A 240 40.58 26.42 34.94
N PRO A 241 41.38 26.34 33.86
CA PRO A 241 42.06 25.10 33.48
C PRO A 241 43.20 24.71 34.41
N GLN A 242 43.85 25.69 35.04
CA GLN A 242 45.01 25.40 35.89
C GLN A 242 44.75 25.68 37.38
N SER A 243 44.17 26.84 37.68
CA SER A 243 44.01 27.28 39.06
C SER A 243 42.59 27.12 39.57
N THR A 244 42.32 27.73 40.72
CA THR A 244 41.01 27.64 41.36
C THR A 244 40.21 28.92 41.13
N SER A 245 40.87 29.93 40.58
CA SER A 245 40.23 31.22 40.32
C SER A 245 40.76 31.84 39.03
N PHE A 246 39.93 32.66 38.40
CA PHE A 246 40.35 33.38 37.20
C PHE A 246 41.03 34.67 37.63
N PRO A 247 41.87 35.24 36.74
CA PRO A 247 42.41 36.58 37.02
C PRO A 247 41.27 37.59 37.11
N LEU A 248 41.45 38.63 37.92
CA LEU A 248 40.42 39.65 38.05
C LEU A 248 40.30 40.47 36.76
N GLY A 249 39.11 41.01 36.52
CA GLY A 249 38.87 41.82 35.35
C GLY A 249 38.55 41.01 34.11
N LEU A 250 38.69 39.69 34.20
CA LEU A 250 38.36 38.81 33.08
C LEU A 250 36.94 39.05 32.59
N ALA A 251 36.01 39.18 33.53
CA ALA A 251 34.61 39.42 33.17
C ALA A 251 34.43 40.76 32.46
N ALA A 252 35.20 41.76 32.88
CA ALA A 252 35.12 43.08 32.28
C ALA A 252 35.63 43.05 30.84
N LEU A 253 36.67 42.27 30.61
CA LEU A 253 37.25 42.16 29.27
C LEU A 253 36.37 41.31 28.36
N ALA A 254 35.69 40.33 28.95
CA ALA A 254 34.82 39.43 28.22
C ALA A 254 33.62 40.19 27.67
N LYS A 255 32.98 40.96 28.55
CA LYS A 255 31.85 41.79 28.16
C LYS A 255 32.27 42.75 27.05
N GLN A 256 33.53 43.16 27.06
CA GLN A 256 34.06 44.12 26.11
C GLN A 256 34.38 43.49 24.76
N LYS A 257 34.96 42.30 24.77
CA LYS A 257 35.48 41.67 23.56
C LYS A 257 34.64 40.51 23.06
N LEU A 258 34.00 39.79 24.00
CA LEU A 258 33.27 38.57 23.64
C LEU A 258 31.77 38.84 23.53
N PRO A 259 31.14 38.30 22.48
CA PRO A 259 29.69 38.42 22.26
C PRO A 259 28.89 37.50 23.16
N GLY A 260 27.66 37.87 23.47
CA GLY A 260 26.81 37.07 24.33
C GLY A 260 27.23 37.16 25.79
N ARG A 261 26.56 36.40 26.63
CA ARG A 261 26.87 36.39 28.06
C ARG A 261 28.08 35.50 28.32
N VAL A 262 28.85 35.84 29.35
CA VAL A 262 29.96 34.98 29.77
C VAL A 262 29.91 34.80 31.28
N ARG A 263 29.90 33.53 31.70
CA ARG A 263 29.80 33.16 33.10
C ARG A 263 31.02 32.37 33.55
N LEU A 264 31.64 32.84 34.62
CA LEU A 264 32.86 32.25 35.14
C LEU A 264 32.57 31.44 36.39
N PHE A 265 33.22 30.28 36.51
CA PHE A 265 32.98 29.37 37.62
C PHE A 265 34.30 29.01 38.29
N ASN A 266 34.24 28.61 39.56
CA ASN A 266 35.45 28.30 40.31
C ASN A 266 35.95 26.88 40.06
N ASN A 267 35.08 26.03 39.52
CA ASN A 267 35.46 24.66 39.19
C ASN A 267 34.57 24.08 38.11
N GLU A 268 34.90 22.87 37.67
CA GLU A 268 34.16 22.21 36.60
C GLU A 268 32.77 21.73 37.04
N LYS A 269 32.65 21.31 38.30
CA LYS A 269 31.39 20.79 38.81
C LYS A 269 30.30 21.87 38.81
N ALA A 270 30.62 23.06 39.29
CA ALA A 270 29.66 24.15 39.33
C ALA A 270 29.26 24.54 37.92
N MET A 271 30.21 24.49 37.00
CA MET A 271 29.95 24.84 35.61
C MET A 271 28.93 23.89 35.00
N LEU A 272 29.18 22.60 35.16
CA LEU A 272 28.31 21.57 34.59
C LEU A 272 26.92 21.54 35.23
N SER A 273 26.83 21.91 36.51
CA SER A 273 25.53 22.00 37.18
C SER A 273 24.74 23.13 36.55
N CYS A 274 25.42 24.25 36.33
CA CYS A 274 24.80 25.40 35.70
C CYS A 274 24.40 25.05 34.29
N PHE A 275 25.23 24.23 33.63
CA PHE A 275 24.96 23.83 32.25
C PHE A 275 23.64 23.07 32.16
N CYS A 276 23.52 22.05 33.01
CA CYS A 276 22.30 21.25 33.08
C CYS A 276 21.05 22.10 33.38
N ALA A 277 21.18 23.07 34.27
CA ALA A 277 20.05 23.93 34.61
C ALA A 277 19.62 24.79 33.42
N MET A 278 20.61 25.35 32.73
CA MET A 278 20.37 26.21 31.58
C MET A 278 19.74 25.39 30.47
N LEU A 279 20.18 24.14 30.36
CA LEU A 279 19.69 23.25 29.34
C LEU A 279 18.22 22.95 29.57
N LYS A 280 17.87 22.66 30.82
CA LYS A 280 16.49 22.37 31.17
C LYS A 280 15.58 23.55 30.84
N VAL A 281 16.03 24.75 31.18
CA VAL A 281 15.23 25.96 30.94
C VAL A 281 15.07 26.25 29.46
N GLU A 282 16.15 26.09 28.70
CA GLU A 282 16.15 26.31 27.26
C GLU A 282 15.23 25.28 26.61
N ASP A 283 15.39 24.03 27.04
CA ASP A 283 14.54 22.94 26.59
C ASP A 283 14.51 22.78 25.07
N PRO A 284 15.69 22.59 24.46
CA PRO A 284 15.78 22.47 22.99
C PRO A 284 15.22 21.16 22.46
N ASP A 285 14.74 21.20 21.22
CA ASP A 285 14.28 20.00 20.53
C ASP A 285 15.45 19.31 19.85
N VAL A 286 16.44 20.13 19.47
CA VAL A 286 17.60 19.63 18.76
C VAL A 286 18.89 20.15 19.38
N ILE A 287 19.85 19.26 19.59
CA ILE A 287 21.18 19.66 20.03
C ILE A 287 22.15 19.52 18.87
N ILE A 288 22.62 20.65 18.36
CA ILE A 288 23.53 20.68 17.21
C ILE A 288 24.96 20.74 17.70
N GLY A 289 25.85 20.06 16.99
CA GLY A 289 27.26 20.13 17.29
C GLY A 289 28.12 19.47 16.24
N HIS A 290 29.41 19.37 16.53
CA HIS A 290 30.38 18.80 15.62
C HIS A 290 31.15 17.71 16.34
N ARG A 291 30.97 16.47 15.90
CA ARG A 291 31.57 15.33 16.59
C ARG A 291 31.06 15.15 18.02
N LEU A 292 29.78 15.41 18.22
CA LEU A 292 29.14 15.15 19.50
C LEU A 292 28.99 13.65 19.74
N GLN A 293 28.39 12.98 18.76
CA GLN A 293 28.01 11.58 18.90
C GLN A 293 29.07 10.68 19.54
N ASN A 294 30.28 10.71 18.98
CA ASN A 294 31.35 9.82 19.44
C ASN A 294 32.56 10.50 20.09
N VAL A 295 32.49 11.81 20.32
CA VAL A 295 33.59 12.49 21.00
C VAL A 295 33.13 13.32 22.19
N TYR A 296 32.55 14.49 21.92
CA TYR A 296 32.26 15.46 22.97
C TYR A 296 31.05 15.10 23.84
N LEU A 297 30.06 14.42 23.26
CA LEU A 297 28.90 14.00 24.04
C LEU A 297 29.27 12.91 25.05
N ASP A 298 30.15 12.01 24.65
CA ASP A 298 30.64 10.97 25.55
C ASP A 298 31.41 11.59 26.70
N VAL A 299 32.28 12.54 26.39
CA VAL A 299 33.04 13.25 27.42
C VAL A 299 32.12 13.95 28.41
N LEU A 300 31.16 14.71 27.89
CA LEU A 300 30.23 15.47 28.71
C LEU A 300 29.49 14.57 29.69
N ALA A 301 28.99 13.44 29.19
CA ALA A 301 28.27 12.50 30.03
C ALA A 301 29.18 11.99 31.14
N HIS A 302 30.37 11.54 30.74
CA HIS A 302 31.35 10.98 31.68
C HIS A 302 31.84 11.97 32.73
N ARG A 303 31.86 13.25 32.39
CA ARG A 303 32.25 14.28 33.36
C ARG A 303 31.13 14.53 34.36
N MET A 304 29.90 14.53 33.86
CA MET A 304 28.73 14.67 34.71
C MET A 304 28.63 13.49 35.66
N HIS A 305 29.07 12.33 35.19
CA HIS A 305 29.08 11.12 35.99
C HIS A 305 30.15 11.23 37.08
N ASP A 306 31.36 11.54 36.64
CA ASP A 306 32.53 11.68 37.52
C ASP A 306 32.29 12.71 38.62
N LEU A 307 31.76 13.86 38.24
CA LEU A 307 31.55 14.95 39.19
C LEU A 307 30.19 14.84 39.87
N ASN A 308 29.55 13.68 39.73
CA ASN A 308 28.30 13.41 40.42
C ASN A 308 27.28 14.53 40.27
N ILE A 309 27.06 14.98 39.04
CA ILE A 309 26.06 16.01 38.77
C ILE A 309 24.67 15.37 38.86
N PRO A 310 23.85 15.85 39.80
CA PRO A 310 22.53 15.24 40.03
C PRO A 310 21.52 15.53 38.91
N THR A 311 21.66 16.69 38.25
CA THR A 311 20.72 17.11 37.21
C THR A 311 21.17 16.74 35.78
N PHE A 312 21.96 15.68 35.66
CA PHE A 312 22.53 15.26 34.38
C PHE A 312 21.47 14.90 33.33
N SER A 313 20.31 14.45 33.78
CA SER A 313 19.30 13.89 32.88
C SER A 313 18.65 14.94 31.99
N SER A 314 18.92 16.21 32.25
CA SER A 314 18.38 17.28 31.41
C SER A 314 19.08 17.32 30.05
N ILE A 315 20.09 16.48 29.87
CA ILE A 315 20.71 16.34 28.56
C ILE A 315 19.69 15.70 27.60
N GLY A 316 18.74 14.97 28.17
CA GLY A 316 17.61 14.45 27.42
C GLY A 316 16.33 15.05 27.96
N ARG A 317 15.19 14.42 27.68
CA ARG A 317 13.92 14.95 28.15
C ARG A 317 13.26 14.05 29.18
N ARG A 318 13.84 12.88 29.43
CA ARG A 318 13.38 12.01 30.50
C ARG A 318 14.13 12.31 31.79
N LEU A 319 13.42 12.27 32.92
CA LEU A 319 14.02 12.52 34.22
C LEU A 319 14.49 11.24 34.89
N ARG A 320 15.74 11.24 35.34
CA ARG A 320 16.30 10.11 36.06
C ARG A 320 17.07 10.59 37.28
N ARG A 321 16.91 9.89 38.40
CA ARG A 321 17.65 10.21 39.60
C ARG A 321 19.04 9.60 39.57
N THR A 322 19.15 8.42 38.96
CA THR A 322 20.41 7.69 38.94
C THR A 322 20.83 7.31 37.52
N TRP A 323 22.12 7.10 37.34
CA TRP A 323 22.66 6.62 36.07
C TRP A 323 22.33 5.13 35.97
N PRO A 324 22.43 4.57 34.75
CA PRO A 324 22.27 3.11 34.62
C PRO A 324 23.33 2.37 35.42
N GLU A 325 22.97 1.20 35.95
CA GLU A 325 23.86 0.48 36.86
C GLU A 325 25.22 0.20 36.21
N LYS A 326 25.19 -0.31 34.99
CA LYS A 326 26.43 -0.63 34.27
C LYS A 326 26.98 0.56 33.49
N PHE A 327 26.92 1.76 34.07
CA PHE A 327 27.44 2.94 33.38
C PHE A 327 28.83 3.25 33.90
N GLY A 328 29.82 3.08 33.03
CA GLY A 328 31.19 3.35 33.38
C GLY A 328 31.90 2.05 33.74
N ARG A 329 31.45 0.96 33.13
CA ARG A 329 32.04 -0.35 33.36
C ARG A 329 33.23 -0.58 32.44
N GLY A 330 33.64 0.48 31.76
CA GLY A 330 34.76 0.42 30.82
C GLY A 330 34.35 -0.17 29.48
N ASN A 331 33.04 -0.31 29.27
CA ASN A 331 32.53 -0.82 28.00
C ASN A 331 32.18 0.32 27.05
N SER A 332 33.18 0.80 26.32
CA SER A 332 32.99 1.92 25.40
C SER A 332 31.84 1.67 24.43
N ASN A 333 31.49 0.40 24.24
CA ASN A 333 30.42 0.04 23.31
C ASN A 333 29.03 0.22 23.94
N MET A 334 28.88 -0.26 25.16
CA MET A 334 27.62 -0.20 25.90
C MET A 334 27.33 1.21 26.41
N ASN A 335 28.40 1.91 26.81
CA ASN A 335 28.29 3.27 27.30
C ASN A 335 27.62 4.17 26.27
N HIS A 336 27.97 3.97 25.01
CA HIS A 336 27.38 4.74 23.93
C HIS A 336 25.86 4.60 23.94
N PHE A 337 25.39 3.36 24.13
CA PHE A 337 23.96 3.11 24.19
C PHE A 337 23.33 3.88 25.34
N PHE A 338 23.93 3.80 26.51
CA PHE A 338 23.39 4.52 27.67
C PHE A 338 23.25 6.02 27.42
N ILE A 339 24.25 6.64 26.81
CA ILE A 339 24.21 8.08 26.54
C ILE A 339 23.08 8.43 25.57
N SER A 340 22.97 7.67 24.49
CA SER A 340 21.93 7.88 23.49
C SER A 340 20.56 7.77 24.13
N ASP A 341 20.43 6.82 25.05
CA ASP A 341 19.18 6.57 25.74
C ASP A 341 18.82 7.73 26.66
N ILE A 342 19.82 8.24 27.37
CA ILE A 342 19.62 9.34 28.31
C ILE A 342 19.23 10.61 27.57
N CYS A 343 19.73 10.75 26.35
CA CYS A 343 19.41 11.92 25.53
C CYS A 343 18.01 11.84 24.92
N SER A 344 17.41 10.65 24.90
CA SER A 344 16.08 10.46 24.34
C SER A 344 15.17 11.65 24.63
N GLY A 345 14.57 12.19 23.57
CA GLY A 345 13.68 13.33 23.68
C GLY A 345 14.26 14.55 22.99
N ARG A 346 15.59 14.59 22.91
CA ARG A 346 16.30 15.66 22.22
C ARG A 346 17.07 15.07 21.05
N LEU A 347 16.86 15.63 19.86
CA LEU A 347 17.50 15.10 18.67
C LEU A 347 18.95 15.57 18.58
N ILE A 348 19.86 14.62 18.36
CA ILE A 348 21.27 14.94 18.24
C ILE A 348 21.65 15.19 16.78
N CYS A 349 21.86 16.47 16.46
CA CYS A 349 22.19 16.87 15.10
C CYS A 349 23.70 17.05 14.93
N ASP A 350 24.40 15.94 14.68
CA ASP A 350 25.84 15.97 14.48
C ASP A 350 26.21 16.08 13.00
N ILE A 351 26.81 17.20 12.62
CA ILE A 351 27.18 17.44 11.21
C ILE A 351 28.39 16.62 10.74
N ALA A 352 29.16 16.09 11.68
CA ALA A 352 30.39 15.36 11.33
C ALA A 352 30.30 13.87 11.65
N ASN A 353 29.08 13.36 11.81
CA ASN A 353 28.87 11.93 11.99
C ASN A 353 28.68 11.24 10.65
N GLU A 354 28.47 9.93 10.68
CA GLU A 354 28.33 9.15 9.45
C GLU A 354 27.30 9.77 8.52
N MET A 355 26.19 10.23 9.09
CA MET A 355 25.13 10.84 8.29
C MET A 355 25.59 12.17 7.71
N GLY A 356 26.12 13.04 8.57
CA GLY A 356 26.59 14.35 8.17
C GLY A 356 27.65 14.33 7.09
N GLN A 357 28.58 13.38 7.19
CA GLN A 357 29.66 13.26 6.22
C GLN A 357 29.11 12.97 4.83
N SER A 358 28.06 12.15 4.78
CA SER A 358 27.46 11.75 3.50
C SER A 358 26.94 12.94 2.69
N LEU A 359 26.57 14.02 3.38
CA LEU A 359 26.05 15.21 2.72
C LEU A 359 27.16 16.19 2.36
N THR A 360 28.37 15.92 2.83
CA THR A 360 29.52 16.78 2.54
C THR A 360 30.67 15.96 1.98
N PRO A 361 30.44 15.32 0.83
CA PRO A 361 31.42 14.45 0.16
C PRO A 361 32.63 15.23 -0.36
N LYS A 362 32.46 16.54 -0.56
CA LYS A 362 33.56 17.40 -1.00
C LYS A 362 34.55 17.69 0.12
N CYS A 363 34.23 17.23 1.33
CA CYS A 363 35.14 17.34 2.46
C CYS A 363 36.05 16.13 2.46
N GLN A 364 37.22 16.28 3.08
CA GLN A 364 38.21 15.20 3.10
C GLN A 364 38.57 14.80 4.53
N SER A 365 38.68 15.79 5.41
CA SER A 365 38.95 15.55 6.82
C SER A 365 37.69 15.69 7.68
N TRP A 366 36.78 16.56 7.21
CA TRP A 366 35.58 16.91 7.96
C TRP A 366 35.89 17.62 9.28
N ASP A 367 36.98 18.37 9.29
CA ASP A 367 37.32 19.23 10.40
C ASP A 367 36.40 20.44 10.33
N LEU A 368 36.04 21.01 11.48
CA LEU A 368 35.03 22.05 11.52
C LEU A 368 35.33 23.18 10.55
N SER A 369 36.58 23.65 10.56
CA SER A 369 36.97 24.75 9.69
C SER A 369 36.84 24.33 8.23
N GLU A 370 37.20 23.08 7.94
CA GLU A 370 37.14 22.57 6.59
C GLU A 370 35.69 22.51 6.12
N MET A 371 34.81 21.98 6.96
CA MET A 371 33.39 21.90 6.61
C MET A 371 32.80 23.28 6.34
N TYR A 372 33.20 24.25 7.16
CA TYR A 372 32.66 25.60 7.02
C TYR A 372 33.08 26.21 5.69
N GLN A 373 34.33 25.98 5.30
CA GLN A 373 34.85 26.49 4.04
C GLN A 373 34.13 25.84 2.84
N VAL A 374 34.11 24.51 2.82
CA VAL A 374 33.51 23.73 1.74
C VAL A 374 32.04 24.07 1.52
N THR A 375 31.29 24.18 2.62
CA THR A 375 29.84 24.31 2.53
C THR A 375 29.37 25.75 2.40
N CYS A 376 30.08 26.68 3.03
CA CYS A 376 29.67 28.08 3.05
C CYS A 376 30.62 28.98 2.26
N GLU A 377 31.72 28.41 1.80
CA GLU A 377 32.72 29.19 1.06
C GLU A 377 33.16 30.41 1.86
N LYS A 378 33.52 30.18 3.11
CA LYS A 378 34.01 31.22 4.00
C LYS A 378 35.22 30.70 4.75
N GLU A 379 36.18 31.57 5.05
CA GLU A 379 37.45 31.13 5.62
C GLU A 379 37.52 31.32 7.12
N HIS A 380 38.00 30.30 7.82
CA HIS A 380 38.25 30.36 9.25
C HIS A 380 39.57 29.67 9.57
N LYS A 381 40.47 30.37 10.24
CA LYS A 381 41.74 29.79 10.63
C LYS A 381 41.60 29.17 12.01
N PRO A 382 41.68 27.84 12.10
CA PRO A 382 41.46 27.19 13.39
C PRO A 382 42.59 27.47 14.37
N LEU A 383 42.23 27.84 15.59
CA LEU A 383 43.21 28.08 16.64
C LEU A 383 43.38 26.80 17.44
N ASP A 384 44.63 26.37 17.61
CA ASP A 384 44.92 25.18 18.39
C ASP A 384 45.02 25.57 19.86
N ILE A 385 43.95 25.30 20.60
CA ILE A 385 43.91 25.65 22.01
C ILE A 385 44.33 24.47 22.87
N ASP A 386 45.40 24.67 23.63
CA ASP A 386 45.86 23.66 24.58
C ASP A 386 45.92 24.30 25.95
N TYR A 387 44.92 23.99 26.79
CA TYR A 387 44.80 24.63 28.09
C TYR A 387 45.86 24.20 29.10
N GLN A 388 46.65 23.18 28.76
CA GLN A 388 47.76 22.79 29.62
C GLN A 388 48.84 23.85 29.58
N ASN A 389 48.85 24.63 28.50
CA ASN A 389 49.81 25.73 28.36
C ASN A 389 49.66 26.70 29.52
N PRO A 390 50.78 27.12 30.11
CA PRO A 390 50.70 27.97 31.31
C PRO A 390 50.16 29.38 31.05
N GLN A 391 50.19 29.82 29.79
CA GLN A 391 49.78 31.18 29.47
C GLN A 391 48.32 31.39 29.88
N TYR A 392 47.53 30.33 29.83
CA TYR A 392 46.10 30.44 30.08
C TYR A 392 45.74 30.68 31.54
N GLN A 393 46.67 30.48 32.46
CA GLN A 393 46.35 30.66 33.87
C GLN A 393 46.36 32.14 34.27
N ASN A 394 47.32 32.90 33.75
CA ASN A 394 47.46 34.31 34.11
C ASN A 394 47.26 35.29 32.96
N ASP A 395 47.21 34.79 31.72
CA ASP A 395 47.06 35.68 30.58
C ASP A 395 45.60 35.82 30.18
N VAL A 396 45.00 36.92 30.63
CA VAL A 396 43.59 37.19 30.38
C VAL A 396 43.28 37.28 28.89
N ASN A 397 44.23 37.78 28.10
CA ASN A 397 44.02 37.90 26.66
C ASN A 397 44.12 36.56 25.93
N SER A 398 44.91 35.64 26.48
CA SER A 398 45.03 34.29 25.92
C SER A 398 43.72 33.55 26.16
N MET A 399 43.27 33.58 27.41
CA MET A 399 42.00 32.96 27.77
C MET A 399 40.88 33.53 26.93
N THR A 400 40.89 34.85 26.73
CA THR A 400 39.86 35.50 25.93
C THR A 400 39.89 35.05 24.47
N MET A 401 41.08 34.87 23.93
CA MET A 401 41.23 34.41 22.55
C MET A 401 40.70 32.98 22.39
N ALA A 402 40.92 32.15 23.39
CA ALA A 402 40.47 30.76 23.36
C ALA A 402 38.95 30.69 23.43
N LEU A 403 38.37 31.52 24.30
CA LEU A 403 36.92 31.55 24.45
C LEU A 403 36.26 32.07 23.18
N GLN A 404 36.93 33.02 22.52
CA GLN A 404 36.43 33.54 21.25
C GLN A 404 36.46 32.44 20.20
N GLU A 405 37.50 31.62 20.22
CA GLU A 405 37.61 30.49 19.30
C GLU A 405 36.45 29.52 19.50
N ASN A 406 36.13 29.23 20.75
CA ASN A 406 35.05 28.31 21.06
C ASN A 406 33.69 28.84 20.57
N ILE A 407 33.43 30.11 20.82
CA ILE A 407 32.21 30.75 20.38
C ILE A 407 32.04 30.67 18.86
N THR A 408 33.12 31.00 18.15
CA THR A 408 33.10 30.96 16.70
C THR A 408 32.75 29.57 16.20
N ASN A 409 33.44 28.57 16.74
CA ASN A 409 33.18 27.18 16.39
C ASN A 409 31.73 26.77 16.58
N CYS A 410 31.11 27.20 17.68
CA CYS A 410 29.71 26.90 17.95
C CYS A 410 28.80 27.47 16.87
N MET A 411 29.08 28.72 16.51
CA MET A 411 28.26 29.43 15.53
C MET A 411 28.44 28.80 14.15
N ILE A 412 29.64 28.28 13.91
CA ILE A 412 29.97 27.63 12.65
C ILE A 412 29.21 26.32 12.53
N SER A 413 29.20 25.54 13.60
CA SER A 413 28.55 24.24 13.60
C SER A 413 27.08 24.41 13.23
N ALA A 414 26.42 25.36 13.88
CA ALA A 414 25.01 25.59 13.57
C ALA A 414 24.80 25.97 12.11
N GLU A 415 25.55 26.97 11.64
CA GLU A 415 25.33 27.46 10.28
C GLU A 415 25.53 26.37 9.24
N VAL A 416 26.52 25.51 9.45
CA VAL A 416 26.78 24.40 8.55
C VAL A 416 25.62 23.42 8.56
N SER A 417 25.14 23.09 9.75
CA SER A 417 24.04 22.13 9.87
C SER A 417 22.82 22.60 9.11
N TYR A 418 22.59 23.91 9.11
CA TYR A 418 21.45 24.48 8.40
C TYR A 418 21.72 24.52 6.89
N ARG A 419 22.96 24.81 6.52
CA ARG A 419 23.32 24.95 5.11
C ARG A 419 23.25 23.60 4.40
N ILE A 420 23.74 22.54 5.04
CA ILE A 420 23.70 21.22 4.45
C ILE A 420 22.33 20.58 4.64
N GLN A 421 21.47 21.25 5.41
CA GLN A 421 20.08 20.83 5.55
C GLN A 421 19.97 19.40 6.08
N LEU A 422 20.73 19.12 7.14
CA LEU A 422 20.78 17.79 7.73
C LEU A 422 19.44 17.40 8.35
N LEU A 423 18.76 18.36 8.95
CA LEU A 423 17.48 18.10 9.61
C LEU A 423 16.42 17.69 8.60
N THR A 424 16.23 18.51 7.57
CA THR A 424 15.22 18.21 6.56
C THR A 424 15.42 16.86 5.89
N LEU A 425 16.63 16.55 5.46
CA LEU A 425 16.89 15.30 4.76
C LEU A 425 16.64 14.07 5.65
N THR A 426 17.13 14.12 6.88
CA THR A 426 16.95 12.99 7.78
C THR A 426 15.48 12.81 8.15
N LYS A 427 14.75 13.92 8.24
CA LYS A 427 13.33 13.88 8.55
C LYS A 427 12.59 13.17 7.42
N GLN A 428 12.92 13.55 6.19
CA GLN A 428 12.30 12.96 5.00
C GLN A 428 12.56 11.46 4.96
N LEU A 429 13.81 11.09 5.26
CA LEU A 429 14.23 9.69 5.22
C LEU A 429 13.47 8.89 6.28
N THR A 430 13.20 9.53 7.41
CA THR A 430 12.48 8.88 8.49
C THR A 430 11.02 8.64 8.11
N ASN A 431 10.40 9.63 7.49
CA ASN A 431 9.03 9.51 7.02
C ASN A 431 8.87 8.46 5.93
N LEU A 432 9.90 8.33 5.09
CA LEU A 432 9.87 7.34 4.03
C LEU A 432 10.03 5.92 4.57
N ALA A 433 10.91 5.74 5.55
CA ALA A 433 11.16 4.42 6.11
C ALA A 433 10.20 4.10 7.27
N GLY A 434 9.71 5.15 7.92
CA GLY A 434 8.80 4.97 9.04
C GLY A 434 9.49 4.55 10.34
N ASN A 435 10.78 4.90 10.48
CA ASN A 435 11.50 4.59 11.70
C ASN A 435 11.54 5.80 12.63
N ALA A 436 12.47 5.81 13.56
CA ALA A 436 12.61 6.94 14.48
C ALA A 436 13.61 7.95 13.91
N TRP A 437 13.28 9.23 14.02
CA TRP A 437 14.16 10.30 13.57
C TRP A 437 15.53 10.17 14.21
N ALA A 438 15.55 9.85 15.50
CA ALA A 438 16.80 9.69 16.23
C ALA A 438 17.73 8.73 15.50
N GLN A 439 17.18 7.58 15.10
CA GLN A 439 17.95 6.56 14.40
C GLN A 439 18.60 7.12 13.13
N THR A 440 17.81 7.81 12.30
CA THR A 440 18.33 8.36 11.05
C THR A 440 19.48 9.32 11.30
N LEU A 441 19.31 10.24 12.25
CA LEU A 441 20.34 11.22 12.58
C LEU A 441 21.61 10.55 13.08
N GLY A 442 21.51 9.27 13.46
CA GLY A 442 22.64 8.53 13.95
C GLY A 442 23.56 7.91 12.90
N GLY A 443 22.99 7.27 11.90
CA GLY A 443 23.78 6.66 10.85
C GLY A 443 23.84 5.15 10.97
N THR A 444 22.66 4.52 10.98
CA THR A 444 22.54 3.08 11.07
C THR A 444 22.31 2.51 9.68
N ARG A 445 22.53 1.21 9.52
CA ARG A 445 22.30 0.57 8.23
C ARG A 445 21.09 -0.35 8.26
N ALA A 446 20.89 -1.07 9.35
CA ALA A 446 19.72 -1.92 9.49
C ALA A 446 18.55 -1.14 10.11
N GLY A 447 18.57 0.19 10.02
CA GLY A 447 17.46 0.98 10.54
C GLY A 447 16.34 1.43 9.61
N ARG A 448 16.66 2.13 8.53
CA ARG A 448 15.61 2.61 7.64
C ARG A 448 15.33 1.53 6.62
N ASN A 449 16.19 0.50 6.63
CA ASN A 449 16.05 -0.60 5.69
C ASN A 449 15.19 -1.71 6.26
N GLU A 450 14.97 -1.71 7.57
CA GLU A 450 14.14 -2.74 8.19
C GLU A 450 12.71 -2.24 8.37
N TYR A 451 12.58 -0.97 8.70
CA TYR A 451 11.26 -0.39 8.96
C TYR A 451 10.49 -0.24 7.66
N ILE A 452 11.12 0.37 6.67
CA ILE A 452 10.49 0.55 5.37
C ILE A 452 9.82 -0.74 4.92
N LEU A 453 10.43 -1.88 5.24
CA LEU A 453 9.88 -3.17 4.83
C LEU A 453 8.78 -3.67 5.77
N LEU A 454 8.93 -3.44 7.06
CA LEU A 454 7.90 -3.83 8.02
C LEU A 454 6.57 -3.10 7.80
N HIS A 455 6.64 -1.86 7.35
CA HIS A 455 5.45 -1.05 7.14
C HIS A 455 4.75 -1.43 5.85
N GLU A 456 5.53 -1.74 4.82
CA GLU A 456 4.97 -2.09 3.53
C GLU A 456 4.27 -3.44 3.64
N PHE A 457 4.99 -4.40 4.21
CA PHE A 457 4.47 -5.76 4.33
C PHE A 457 3.33 -5.87 5.34
N SER A 458 3.44 -5.16 6.47
CA SER A 458 2.38 -5.19 7.46
C SER A 458 1.11 -4.57 6.89
N ARG A 459 1.25 -3.51 6.10
CA ARG A 459 0.09 -2.88 5.49
C ARG A 459 -0.58 -3.79 4.47
N ASN A 460 0.21 -4.68 3.86
CA ASN A 460 -0.33 -5.62 2.87
C ASN A 460 -0.60 -7.00 3.43
N GLY A 461 -0.80 -7.08 4.74
CA GLY A 461 -1.28 -8.29 5.37
C GLY A 461 -0.27 -9.42 5.46
N PHE A 462 1.02 -9.09 5.47
CA PHE A 462 2.04 -10.11 5.60
C PHE A 462 2.58 -10.19 7.02
N ILE A 463 2.97 -11.40 7.42
CA ILE A 463 3.68 -11.59 8.67
C ILE A 463 5.16 -11.39 8.42
N VAL A 464 5.77 -10.55 9.24
CA VAL A 464 7.18 -10.21 9.09
C VAL A 464 8.08 -11.08 9.96
N PRO A 465 9.35 -11.24 9.56
CA PRO A 465 10.27 -12.07 10.36
C PRO A 465 10.53 -11.46 11.74
N ASP A 466 10.79 -12.31 12.72
CA ASP A 466 11.17 -11.84 14.05
C ASP A 466 12.64 -11.46 14.02
N LYS A 467 13.05 -10.60 14.94
CA LYS A 467 14.45 -10.16 15.00
C LYS A 467 15.20 -10.82 16.15
N VAL A 500 33.38 -6.97 -10.49
CA VAL A 500 34.52 -6.22 -9.97
C VAL A 500 35.70 -6.29 -10.94
N PHE A 501 36.30 -5.14 -11.22
CA PHE A 501 37.40 -5.06 -12.19
C PHE A 501 38.70 -4.66 -11.51
N GLU A 502 39.72 -5.50 -11.65
CA GLU A 502 41.03 -5.20 -11.10
C GLU A 502 41.47 -3.81 -11.58
N PRO A 503 41.99 -2.99 -10.66
CA PRO A 503 42.36 -1.61 -10.96
C PRO A 503 43.59 -1.49 -11.86
N GLU A 504 43.60 -0.45 -12.69
CA GLU A 504 44.76 -0.15 -13.53
C GLU A 504 45.69 0.76 -12.75
N LYS A 505 46.61 0.15 -12.00
CA LYS A 505 47.46 0.91 -11.10
C LYS A 505 48.44 1.78 -11.87
N GLY A 506 48.48 3.07 -11.53
CA GLY A 506 49.41 3.99 -12.14
C GLY A 506 48.83 5.40 -12.22
N LEU A 507 49.59 6.31 -12.79
CA LEU A 507 49.12 7.68 -12.99
C LEU A 507 48.28 7.77 -14.28
N HIS A 508 47.15 8.45 -14.18
CA HIS A 508 46.27 8.64 -15.33
C HIS A 508 46.19 10.12 -15.67
N LYS A 509 46.77 10.48 -16.80
CA LYS A 509 46.91 11.88 -17.18
C LYS A 509 45.62 12.48 -17.74
N ASN A 510 44.80 11.65 -18.34
CA ASN A 510 43.54 12.11 -18.92
C ASN A 510 42.42 12.13 -17.88
N TYR A 511 41.44 13.00 -18.09
CA TYR A 511 40.30 13.09 -17.18
C TYR A 511 39.63 11.74 -16.96
N VAL A 512 39.49 11.36 -15.71
CA VAL A 512 38.78 10.13 -15.34
C VAL A 512 37.47 10.50 -14.67
N LEU A 513 36.38 9.90 -15.12
CA LEU A 513 35.07 10.16 -14.55
C LEU A 513 34.60 8.98 -13.72
N VAL A 514 34.22 9.26 -12.47
CA VAL A 514 33.62 8.23 -11.63
C VAL A 514 32.12 8.19 -11.93
N MET A 515 31.64 7.04 -12.37
CA MET A 515 30.23 6.84 -12.72
C MET A 515 29.55 6.08 -11.59
N ASP A 516 28.47 6.61 -11.02
CA ASP A 516 27.88 5.90 -9.89
C ASP A 516 26.79 4.89 -10.22
N PHE A 517 27.03 3.61 -9.95
CA PHE A 517 25.98 2.64 -10.17
C PHE A 517 25.25 2.28 -8.88
N ASN A 518 25.04 3.25 -7.98
CA ASN A 518 24.35 2.93 -6.74
C ASN A 518 23.04 2.28 -7.07
N SER A 519 22.31 2.90 -8.00
CA SER A 519 21.02 2.34 -8.31
C SER A 519 21.07 1.15 -9.24
N LEU A 520 22.12 0.32 -9.12
CA LEU A 520 22.20 -0.85 -9.95
C LEU A 520 21.19 -1.92 -9.53
N TYR A 521 21.27 -2.25 -8.23
CA TYR A 521 20.45 -3.29 -7.62
C TYR A 521 18.97 -2.95 -7.57
N PRO A 522 18.62 -1.72 -7.14
CA PRO A 522 17.19 -1.45 -7.16
C PRO A 522 16.59 -1.62 -8.55
N SER A 523 17.28 -1.13 -9.58
CA SER A 523 16.79 -1.27 -10.93
C SER A 523 16.66 -2.75 -11.32
N ILE A 524 17.60 -3.57 -10.84
CA ILE A 524 17.59 -4.99 -11.10
C ILE A 524 16.40 -5.66 -10.43
N ILE A 525 16.13 -5.28 -9.19
CA ILE A 525 15.03 -5.84 -8.44
C ILE A 525 13.69 -5.45 -9.06
N GLN A 526 13.64 -4.26 -9.66
CA GLN A 526 12.41 -3.75 -10.26
C GLN A 526 12.20 -4.32 -11.66
N GLU A 527 13.28 -4.50 -12.41
CA GLU A 527 13.19 -4.96 -13.79
C GLU A 527 12.77 -6.43 -13.84
N PHE A 528 13.47 -7.25 -13.07
CA PHE A 528 13.22 -8.69 -13.05
C PHE A 528 12.14 -9.09 -12.06
N ASN A 529 11.60 -8.11 -11.33
CA ASN A 529 10.50 -8.34 -10.40
C ASN A 529 10.92 -9.30 -9.29
N ILE A 530 12.04 -8.98 -8.63
CA ILE A 530 12.55 -9.81 -7.55
C ILE A 530 11.92 -9.43 -6.21
N CYS A 531 11.30 -10.40 -5.56
CA CYS A 531 10.66 -10.17 -4.28
C CYS A 531 10.62 -11.45 -3.46
N PHE A 532 10.31 -11.30 -2.17
CA PHE A 532 10.12 -12.45 -1.30
C PHE A 532 8.84 -13.18 -1.73
N THR A 533 7.94 -12.44 -2.35
CA THR A 533 6.65 -12.97 -2.76
C THR A 533 6.64 -13.57 -4.16
N THR A 534 7.69 -13.30 -4.94
CA THR A 534 7.69 -13.68 -6.35
C THR A 534 8.74 -14.74 -6.68
N VAL A 535 9.83 -14.79 -5.93
CA VAL A 535 10.92 -15.69 -6.26
C VAL A 535 10.80 -17.04 -5.54
N ASP A 536 10.46 -18.07 -6.30
CA ASP A 536 10.42 -19.42 -5.76
C ASP A 536 11.83 -19.85 -5.42
N ARG A 537 12.08 -20.11 -4.14
CA ARG A 537 13.41 -20.46 -3.68
C ARG A 537 13.37 -21.59 -2.68
N ASN A 538 14.48 -22.30 -2.56
CA ASN A 538 14.59 -23.41 -1.61
C ASN A 538 14.99 -22.88 -0.23
N LYS A 539 14.03 -22.86 0.68
CA LYS A 539 14.24 -22.32 2.02
C LYS A 539 15.01 -23.28 2.92
N GLU A 540 15.19 -24.51 2.46
CA GLU A 540 16.04 -25.46 3.14
C GLU A 540 17.50 -25.17 2.82
N ASP A 541 17.78 -25.04 1.52
CA ASP A 541 19.12 -24.73 1.04
C ASP A 541 19.20 -23.28 0.53
N ILE A 542 19.74 -22.39 1.36
CA ILE A 542 19.87 -20.99 0.99
C ILE A 542 20.98 -20.75 -0.03
N ASP A 543 21.87 -21.72 -0.16
CA ASP A 543 22.98 -21.62 -1.11
C ASP A 543 22.56 -22.02 -2.52
N GLU A 544 21.33 -22.52 -2.65
CA GLU A 544 20.79 -22.87 -3.96
C GLU A 544 20.37 -21.62 -4.69
N LEU A 545 20.86 -21.46 -5.92
CA LEU A 545 20.51 -20.30 -6.72
C LEU A 545 19.11 -20.51 -7.30
N PRO A 546 18.20 -19.54 -7.07
CA PRO A 546 16.85 -19.66 -7.62
C PRO A 546 16.79 -19.03 -9.00
N SER A 547 15.60 -19.03 -9.60
CA SER A 547 15.42 -18.45 -10.92
C SER A 547 14.54 -17.21 -10.83
N VAL A 548 14.67 -16.33 -11.82
CA VAL A 548 13.84 -15.14 -11.89
C VAL A 548 12.42 -15.59 -12.19
N PRO A 549 11.41 -14.89 -11.64
CA PRO A 549 10.04 -15.33 -11.90
C PRO A 549 9.63 -15.12 -13.36
N PRO A 550 8.69 -15.95 -13.85
CA PRO A 550 8.19 -15.81 -15.22
C PRO A 550 7.32 -14.57 -15.38
N SER A 551 7.31 -14.00 -16.58
CA SER A 551 6.55 -12.78 -16.85
C SER A 551 5.10 -12.85 -16.38
N GLU A 552 4.57 -14.06 -16.24
CA GLU A 552 3.19 -14.23 -15.82
C GLU A 552 2.96 -13.74 -14.39
N VAL A 553 3.94 -13.94 -13.53
CA VAL A 553 3.83 -13.56 -12.12
C VAL A 553 3.57 -12.07 -11.94
N ASP A 554 2.60 -11.73 -11.11
CA ASP A 554 2.25 -10.34 -10.84
C ASP A 554 3.38 -9.62 -10.11
N GLN A 555 3.43 -8.29 -10.27
CA GLN A 555 4.43 -7.47 -9.62
C GLN A 555 4.46 -7.73 -8.10
N GLY A 556 5.65 -7.99 -7.57
CA GLY A 556 5.81 -8.26 -6.15
C GLY A 556 5.73 -7.02 -5.27
N VAL A 557 5.82 -7.25 -3.96
CA VAL A 557 5.72 -6.17 -2.98
C VAL A 557 6.92 -5.23 -3.05
N LEU A 558 8.11 -5.84 -2.98
CA LEU A 558 9.36 -5.08 -2.95
C LEU A 558 9.53 -4.23 -4.20
N PRO A 559 9.42 -4.86 -5.39
CA PRO A 559 9.54 -4.09 -6.64
C PRO A 559 8.45 -3.02 -6.81
N ARG A 560 7.24 -3.24 -6.31
CA ARG A 560 6.20 -2.22 -6.42
C ARG A 560 6.59 -1.00 -5.60
N LEU A 561 7.08 -1.23 -4.38
CA LEU A 561 7.55 -0.15 -3.52
C LEU A 561 8.66 0.64 -4.21
N LEU A 562 9.60 -0.07 -4.80
CA LEU A 562 10.71 0.55 -5.50
C LEU A 562 10.18 1.45 -6.62
N ALA A 563 9.23 0.90 -7.38
CA ALA A 563 8.63 1.61 -8.50
C ALA A 563 7.97 2.90 -8.04
N ASN A 564 7.29 2.84 -6.91
CA ASN A 564 6.63 4.01 -6.36
C ASN A 564 7.65 5.09 -6.02
N LEU A 565 8.76 4.70 -5.42
CA LEU A 565 9.81 5.65 -5.09
C LEU A 565 10.41 6.32 -6.33
N VAL A 566 10.63 5.52 -7.38
CA VAL A 566 11.21 6.03 -8.62
C VAL A 566 10.27 7.03 -9.30
N ASP A 567 8.99 6.70 -9.32
CA ASP A 567 7.97 7.54 -9.94
C ASP A 567 7.88 8.89 -9.23
N ARG A 568 7.84 8.84 -7.90
CA ARG A 568 7.76 10.04 -7.09
C ARG A 568 8.97 10.92 -7.41
N ARG A 569 10.14 10.30 -7.51
CA ARG A 569 11.36 11.04 -7.82
C ARG A 569 11.22 11.72 -9.18
N ARG A 570 10.58 11.03 -10.12
CA ARG A 570 10.35 11.61 -11.44
C ARG A 570 9.49 12.85 -11.35
N GLU A 571 8.38 12.76 -10.61
CA GLU A 571 7.47 13.89 -10.45
C GLU A 571 8.19 15.10 -9.86
N VAL A 572 9.08 14.85 -8.90
CA VAL A 572 9.81 15.95 -8.28
C VAL A 572 10.72 16.65 -9.30
N LYS A 573 11.46 15.87 -10.07
CA LYS A 573 12.36 16.45 -11.08
C LYS A 573 11.59 17.23 -12.15
N LYS A 574 10.44 16.71 -12.58
CA LYS A 574 9.63 17.39 -13.59
C LYS A 574 9.22 18.74 -13.04
N VAL A 575 8.83 18.77 -11.78
CA VAL A 575 8.46 20.01 -11.12
C VAL A 575 9.66 20.94 -11.02
N MET A 576 10.85 20.37 -10.84
CA MET A 576 12.07 21.18 -10.73
C MET A 576 12.36 21.95 -12.03
N LYS A 577 12.23 21.30 -13.18
CA LYS A 577 12.48 22.01 -14.44
C LYS A 577 11.66 23.29 -14.53
N THR A 578 10.42 23.27 -14.06
CA THR A 578 9.55 24.43 -14.13
C THR A 578 9.76 25.35 -12.94
N GLU A 579 9.78 24.79 -11.74
CA GLU A 579 9.94 25.55 -10.51
C GLU A 579 10.90 26.72 -10.69
N THR A 580 10.48 27.91 -10.25
CA THR A 580 11.32 29.10 -10.36
C THR A 580 11.82 29.60 -9.01
N ASP A 581 11.03 29.38 -7.95
CA ASP A 581 11.40 29.83 -6.61
C ASP A 581 12.63 29.08 -6.08
N PRO A 582 13.74 29.81 -5.89
CA PRO A 582 14.96 29.19 -5.35
C PRO A 582 14.70 28.39 -4.09
N HIS A 583 13.71 28.81 -3.29
CA HIS A 583 13.38 28.12 -2.06
C HIS A 583 12.74 26.78 -2.37
N LYS A 584 11.63 26.82 -3.10
CA LYS A 584 10.90 25.63 -3.48
C LYS A 584 11.82 24.69 -4.27
N ARG A 585 12.70 25.27 -5.08
CA ARG A 585 13.63 24.49 -5.88
C ARG A 585 14.54 23.64 -5.00
N VAL A 586 15.26 24.29 -4.10
CA VAL A 586 16.16 23.60 -3.19
C VAL A 586 15.43 22.51 -2.42
N GLN A 587 14.22 22.81 -1.97
CA GLN A 587 13.43 21.83 -1.24
C GLN A 587 13.19 20.60 -2.10
N CYS A 588 12.87 20.81 -3.37
CA CYS A 588 12.67 19.70 -4.29
C CYS A 588 13.92 18.84 -4.41
N ASP A 589 15.08 19.50 -4.46
CA ASP A 589 16.36 18.79 -4.55
C ASP A 589 16.55 17.86 -3.35
N ILE A 590 16.20 18.34 -2.16
CA ILE A 590 16.30 17.52 -0.96
C ILE A 590 15.36 16.33 -1.05
N ARG A 591 14.14 16.57 -1.49
CA ARG A 591 13.13 15.52 -1.61
C ARG A 591 13.60 14.37 -2.50
N GLN A 592 14.14 14.71 -3.67
CA GLN A 592 14.60 13.69 -4.60
C GLN A 592 15.84 12.97 -4.07
N GLN A 593 16.69 13.68 -3.33
CA GLN A 593 17.86 13.06 -2.74
C GLN A 593 17.41 11.98 -1.75
N ALA A 594 16.40 12.31 -0.95
CA ALA A 594 15.86 11.38 0.04
C ALA A 594 15.28 10.14 -0.62
N LEU A 595 14.55 10.35 -1.72
CA LEU A 595 13.95 9.23 -2.45
C LEU A 595 15.03 8.33 -3.04
N LYS A 596 16.10 8.94 -3.53
CA LYS A 596 17.20 8.19 -4.15
C LYS A 596 17.92 7.32 -3.12
N LEU A 597 18.17 7.90 -1.96
CA LEU A 597 18.87 7.21 -0.90
C LEU A 597 18.03 6.08 -0.34
N THR A 598 16.72 6.29 -0.27
CA THR A 598 15.82 5.28 0.25
C THR A 598 15.79 4.08 -0.69
N ALA A 599 15.73 4.34 -1.99
CA ALA A 599 15.69 3.28 -2.99
C ALA A 599 17.01 2.54 -3.09
N ASN A 600 18.11 3.26 -2.93
CA ASN A 600 19.44 2.67 -3.06
C ASN A 600 19.87 1.91 -1.81
N SER A 601 19.01 1.91 -0.80
CA SER A 601 19.29 1.23 0.46
C SER A 601 18.43 -0.01 0.61
N MET A 602 17.57 -0.27 -0.37
CA MET A 602 16.66 -1.41 -0.33
C MET A 602 17.39 -2.75 -0.42
N TYR A 603 18.49 -2.80 -1.16
CA TYR A 603 19.23 -4.04 -1.33
C TYR A 603 19.74 -4.60 -0.01
N GLY A 604 20.35 -3.74 0.79
CA GLY A 604 20.90 -4.17 2.07
C GLY A 604 19.90 -4.97 2.86
N CYS A 605 18.62 -4.74 2.59
CA CYS A 605 17.55 -5.44 3.28
C CYS A 605 17.66 -6.95 3.14
N LEU A 606 17.84 -7.40 1.91
CA LEU A 606 17.93 -8.85 1.64
C LEU A 606 19.37 -9.34 1.43
N GLY A 607 20.31 -8.41 1.26
CA GLY A 607 21.65 -8.78 0.88
C GLY A 607 22.67 -8.91 1.99
N TYR A 608 22.58 -8.05 3.00
CA TYR A 608 23.53 -8.08 4.10
C TYR A 608 23.12 -9.14 5.13
N VAL A 609 24.09 -9.95 5.52
CA VAL A 609 23.84 -11.18 6.28
C VAL A 609 23.06 -11.03 7.60
N ASN A 610 23.27 -9.95 8.33
CA ASN A 610 22.60 -9.78 9.61
C ASN A 610 21.34 -8.94 9.51
N SER A 611 20.78 -8.87 8.30
CA SER A 611 19.53 -8.15 8.09
C SER A 611 18.34 -9.01 8.50
N ARG A 612 17.32 -8.34 9.02
CA ARG A 612 16.08 -8.99 9.42
C ARG A 612 15.39 -9.66 8.24
N PHE A 613 15.60 -9.11 7.05
CA PHE A 613 14.98 -9.63 5.83
C PHE A 613 15.99 -10.34 4.95
N TYR A 614 17.12 -10.74 5.53
CA TYR A 614 18.17 -11.40 4.76
C TYR A 614 17.63 -12.63 4.03
N ALA A 615 17.99 -12.74 2.76
CA ALA A 615 17.63 -13.90 1.94
C ALA A 615 18.75 -14.17 0.94
N LYS A 616 19.59 -15.14 1.24
CA LYS A 616 20.77 -15.40 0.42
C LYS A 616 20.43 -15.74 -1.02
N PRO A 617 19.37 -16.51 -1.25
CA PRO A 617 19.01 -16.82 -2.65
C PRO A 617 18.64 -15.57 -3.45
N LEU A 618 18.03 -14.59 -2.79
CA LEU A 618 17.63 -13.35 -3.45
C LEU A 618 18.84 -12.46 -3.68
N ALA A 619 19.73 -12.41 -2.71
CA ALA A 619 20.94 -11.61 -2.83
C ALA A 619 21.78 -12.10 -4.02
N MET A 620 21.98 -13.41 -4.08
CA MET A 620 22.75 -14.05 -5.14
C MET A 620 22.11 -13.82 -6.49
N LEU A 621 20.79 -14.00 -6.57
CA LEU A 621 20.06 -13.79 -7.82
C LEU A 621 20.31 -12.38 -8.34
N VAL A 622 20.22 -11.39 -7.46
CA VAL A 622 20.43 -10.00 -7.84
C VAL A 622 21.88 -9.73 -8.24
N THR A 623 22.81 -10.34 -7.53
CA THR A 623 24.23 -10.13 -7.75
C THR A 623 24.67 -10.61 -9.13
N ASN A 624 24.20 -11.78 -9.52
CA ASN A 624 24.58 -12.37 -10.80
C ASN A 624 24.10 -11.52 -11.95
N LYS A 625 22.87 -11.01 -11.84
CA LYS A 625 22.34 -10.09 -12.84
C LYS A 625 23.17 -8.82 -12.82
N GLY A 626 23.68 -8.44 -11.64
CA GLY A 626 24.56 -7.31 -11.53
C GLY A 626 25.89 -7.56 -12.24
N ARG A 627 26.34 -8.81 -12.24
CA ARG A 627 27.57 -9.18 -12.94
C ARG A 627 27.39 -9.12 -14.44
N GLU A 628 26.26 -9.61 -14.93
CA GLU A 628 25.98 -9.56 -16.36
C GLU A 628 25.96 -8.10 -16.80
N ILE A 629 25.17 -7.29 -16.10
CA ILE A 629 25.03 -5.88 -16.43
C ILE A 629 26.38 -5.17 -16.47
N LEU A 630 27.21 -5.43 -15.47
CA LEU A 630 28.54 -4.81 -15.40
C LEU A 630 29.45 -5.28 -16.54
N MET A 631 29.38 -6.56 -16.89
CA MET A 631 30.19 -7.12 -17.97
C MET A 631 29.87 -6.43 -19.28
N ASN A 632 28.58 -6.28 -19.55
CA ASN A 632 28.12 -5.62 -20.77
C ASN A 632 28.54 -4.17 -20.71
N THR A 633 28.53 -3.61 -19.51
CA THR A 633 28.93 -2.22 -19.29
C THR A 633 30.39 -2.03 -19.66
N ARG A 634 31.24 -2.97 -19.27
CA ARG A 634 32.66 -2.92 -19.59
C ARG A 634 32.80 -2.93 -21.09
N GLN A 635 32.06 -3.83 -21.73
CA GLN A 635 32.07 -3.94 -23.18
C GLN A 635 31.65 -2.64 -23.85
N LEU A 636 30.68 -1.94 -23.27
CA LEU A 636 30.18 -0.67 -23.81
C LEU A 636 31.25 0.41 -23.73
N ALA A 637 31.96 0.46 -22.62
CA ALA A 637 33.01 1.45 -22.42
C ALA A 637 34.09 1.22 -23.46
N GLU A 638 34.54 -0.03 -23.56
CA GLU A 638 35.55 -0.42 -24.52
C GLU A 638 35.04 -0.14 -25.93
N SER A 639 33.73 -0.32 -26.11
CA SER A 639 33.09 -0.07 -27.41
C SER A 639 33.21 1.42 -27.73
N MET A 640 33.26 2.24 -26.70
CA MET A 640 33.48 3.67 -26.87
C MET A 640 34.97 4.02 -26.82
N ASN A 641 35.83 3.01 -26.96
CA ASN A 641 37.28 3.21 -26.93
C ASN A 641 37.78 3.74 -25.59
N LEU A 642 36.95 3.61 -24.56
CA LEU A 642 37.32 4.03 -23.21
C LEU A 642 37.95 2.86 -22.46
N LEU A 643 38.74 3.17 -21.45
CA LEU A 643 39.35 2.13 -20.63
C LEU A 643 38.81 2.23 -19.21
N VAL A 644 38.37 1.11 -18.66
CA VAL A 644 37.89 1.05 -17.29
C VAL A 644 39.06 0.95 -16.34
N VAL A 645 39.36 2.04 -15.65
CA VAL A 645 40.48 2.10 -14.72
C VAL A 645 40.20 1.28 -13.46
N TYR A 646 38.94 1.27 -13.04
CA TYR A 646 38.51 0.46 -11.91
C TYR A 646 37.00 0.32 -11.96
N GLY A 647 36.45 -0.69 -11.30
CA GLY A 647 35.01 -0.83 -11.20
C GLY A 647 34.54 -1.80 -10.15
N ASP A 648 33.33 -1.58 -9.65
CA ASP A 648 32.68 -2.47 -8.71
C ASP A 648 31.18 -2.27 -8.77
N THR A 649 30.44 -2.88 -7.85
CA THR A 649 28.98 -2.81 -7.87
C THR A 649 28.45 -1.41 -7.56
N ASP A 650 29.27 -0.57 -6.95
CA ASP A 650 28.85 0.78 -6.57
C ASP A 650 29.19 1.80 -7.65
N SER A 651 30.36 1.66 -8.28
CA SER A 651 30.79 2.64 -9.27
C SER A 651 31.76 2.05 -10.29
N VAL A 652 31.89 2.74 -11.42
CA VAL A 652 32.84 2.36 -12.45
C VAL A 652 33.58 3.61 -12.94
N MET A 653 34.90 3.62 -12.79
CA MET A 653 35.70 4.77 -13.19
C MET A 653 36.24 4.55 -14.60
N ILE A 654 36.03 5.54 -15.46
CA ILE A 654 36.40 5.42 -16.87
C ILE A 654 37.34 6.54 -17.32
N ASP A 655 38.43 6.16 -17.97
CA ASP A 655 39.33 7.15 -18.56
C ASP A 655 38.72 7.65 -19.86
N THR A 656 38.45 8.95 -19.91
CA THR A 656 37.81 9.53 -21.09
C THR A 656 38.78 9.72 -22.24
N GLY A 657 40.07 9.75 -21.92
CA GLY A 657 41.09 9.94 -22.93
C GLY A 657 41.25 11.41 -23.32
N CYS A 658 40.61 12.29 -22.55
CA CYS A 658 40.64 13.71 -22.85
C CYS A 658 41.50 14.47 -21.84
N ASP A 659 41.91 15.67 -22.21
CA ASP A 659 42.69 16.54 -21.33
C ASP A 659 41.91 17.84 -21.14
N ASN A 660 40.60 17.76 -21.36
CA ASN A 660 39.73 18.92 -21.29
C ASN A 660 38.49 18.56 -20.49
N TYR A 661 38.06 19.48 -19.63
CA TYR A 661 36.88 19.24 -18.82
C TYR A 661 35.67 19.02 -19.72
N ALA A 662 35.49 19.92 -20.68
CA ALA A 662 34.36 19.84 -21.61
C ALA A 662 34.34 18.53 -22.39
N ASP A 663 35.44 18.19 -23.04
CA ASP A 663 35.50 16.98 -23.86
C ASP A 663 35.22 15.75 -23.01
N ALA A 664 35.67 15.81 -21.76
CA ALA A 664 35.53 14.67 -20.86
C ALA A 664 34.07 14.51 -20.47
N ILE A 665 33.39 15.63 -20.23
CA ILE A 665 31.99 15.60 -19.85
C ILE A 665 31.12 15.06 -20.98
N LYS A 666 31.42 15.47 -22.21
CA LYS A 666 30.69 14.95 -23.36
C LYS A 666 30.85 13.44 -23.47
N ILE A 667 32.07 12.96 -23.24
CA ILE A 667 32.30 11.52 -23.23
C ILE A 667 31.44 10.84 -22.15
N GLY A 668 31.44 11.41 -20.96
CA GLY A 668 30.70 10.86 -19.83
C GLY A 668 29.21 10.77 -20.05
N LEU A 669 28.67 11.80 -20.71
CA LEU A 669 27.24 11.86 -20.97
C LEU A 669 26.88 10.83 -22.03
N GLY A 670 27.75 10.68 -23.03
CA GLY A 670 27.54 9.69 -24.06
C GLY A 670 27.52 8.29 -23.47
N PHE A 671 28.37 8.06 -22.48
CA PHE A 671 28.45 6.75 -21.82
C PHE A 671 27.19 6.49 -20.99
N LYS A 672 26.73 7.52 -20.29
CA LYS A 672 25.52 7.43 -19.48
C LYS A 672 24.32 7.04 -20.33
N ARG A 673 24.15 7.76 -21.43
CA ARG A 673 23.06 7.54 -22.37
C ARG A 673 23.13 6.14 -22.95
N LEU A 674 24.34 5.73 -23.32
CA LEU A 674 24.56 4.42 -23.92
C LEU A 674 24.10 3.31 -22.98
N VAL A 675 24.46 3.43 -21.70
CA VAL A 675 24.10 2.44 -20.70
C VAL A 675 22.59 2.40 -20.48
N ASN A 676 21.94 3.56 -20.46
CA ASN A 676 20.51 3.60 -20.23
C ASN A 676 19.72 2.98 -21.38
N GLU A 677 20.22 3.13 -22.60
CA GLU A 677 19.57 2.51 -23.75
C GLU A 677 19.62 0.98 -23.64
N ARG A 678 20.66 0.46 -23.02
CA ARG A 678 20.80 -0.99 -22.85
C ARG A 678 20.01 -1.45 -21.63
N TYR A 679 19.94 -0.59 -20.62
CA TYR A 679 19.23 -0.88 -19.38
C TYR A 679 18.37 0.33 -19.01
N ARG A 680 17.19 0.39 -19.60
CA ARG A 680 16.30 1.54 -19.48
C ARG A 680 15.89 1.92 -18.05
N LEU A 681 15.90 0.95 -17.14
CA LEU A 681 15.58 1.23 -15.75
C LEU A 681 16.83 1.52 -14.92
N LEU A 682 18.00 1.38 -15.53
CA LEU A 682 19.27 1.68 -14.87
C LEU A 682 19.78 3.07 -15.27
N GLU A 683 19.69 4.02 -14.34
CA GLU A 683 20.11 5.38 -14.62
C GLU A 683 21.39 5.73 -13.86
N ILE A 684 22.51 5.73 -14.58
CA ILE A 684 23.80 6.10 -13.99
C ILE A 684 24.07 7.58 -14.26
N ASP A 685 24.95 8.18 -13.47
CA ASP A 685 25.28 9.58 -13.66
C ASP A 685 26.75 9.86 -13.29
N ILE A 686 27.24 11.02 -13.72
CA ILE A 686 28.60 11.44 -13.42
C ILE A 686 28.67 11.97 -11.99
N ASP A 687 29.41 11.25 -11.16
CA ASP A 687 29.51 11.54 -9.74
C ASP A 687 30.77 12.33 -9.39
N ASN A 688 31.88 11.99 -10.04
CA ASN A 688 33.18 12.59 -9.72
C ASN A 688 34.08 12.77 -10.93
N VAL A 689 34.63 13.98 -11.07
CA VAL A 689 35.54 14.28 -12.17
C VAL A 689 36.96 14.43 -11.67
N PHE A 690 37.86 13.55 -12.10
CA PHE A 690 39.27 13.61 -11.73
C PHE A 690 40.11 14.14 -12.90
N LYS A 691 40.58 15.37 -12.80
CA LYS A 691 41.50 15.92 -13.79
C LYS A 691 42.70 14.99 -13.95
N LYS A 692 43.23 14.53 -12.83
CA LYS A 692 44.31 13.54 -12.84
C LYS A 692 43.98 12.47 -11.80
N LEU A 693 44.50 11.26 -12.00
CA LEU A 693 44.24 10.18 -11.07
C LEU A 693 45.42 9.23 -10.93
N LEU A 694 45.99 9.21 -9.73
CA LEU A 694 46.98 8.22 -9.36
C LEU A 694 46.31 7.08 -8.60
N LEU A 695 46.07 5.97 -9.29
CA LEU A 695 45.37 4.83 -8.68
C LEU A 695 46.40 3.82 -8.19
N HIS A 696 46.17 3.31 -6.98
CA HIS A 696 47.15 2.45 -6.33
C HIS A 696 46.56 1.09 -5.95
N ALA A 697 45.29 1.08 -5.55
CA ALA A 697 44.57 -0.16 -5.25
C ALA A 697 43.06 0.09 -5.32
N LYS A 698 42.27 -0.94 -5.02
CA LYS A 698 40.82 -0.87 -5.11
C LYS A 698 40.29 0.46 -4.59
N LYS A 699 40.57 0.72 -3.32
CA LYS A 699 40.05 1.90 -2.65
C LYS A 699 41.18 2.77 -2.12
N LYS A 700 42.28 2.78 -2.87
CA LYS A 700 43.47 3.53 -2.49
C LYS A 700 43.98 4.35 -3.67
N TYR A 701 43.76 5.66 -3.64
CA TYR A 701 44.18 6.53 -4.73
C TYR A 701 44.27 7.99 -4.30
N ALA A 702 44.95 8.79 -5.10
CA ALA A 702 44.96 10.24 -4.95
C ALA A 702 44.51 10.81 -6.27
N ALA A 703 43.83 11.95 -6.26
CA ALA A 703 43.30 12.51 -7.49
C ALA A 703 43.00 13.99 -7.39
N LEU A 704 42.85 14.64 -8.54
CA LEU A 704 42.49 16.06 -8.57
C LEU A 704 41.05 16.20 -9.02
N THR A 705 40.15 16.39 -8.06
CA THR A 705 38.75 16.56 -8.35
C THR A 705 38.47 17.97 -8.84
N VAL A 706 37.54 18.09 -9.77
CA VAL A 706 37.18 19.38 -10.33
C VAL A 706 35.81 19.73 -9.79
N ASN A 707 35.74 20.87 -9.12
CA ASN A 707 34.51 21.37 -8.55
C ASN A 707 34.14 22.66 -9.27
N LEU A 708 32.97 22.65 -9.88
CA LEU A 708 32.48 23.80 -10.61
C LEU A 708 31.84 24.77 -9.63
N ASP A 709 32.01 26.07 -9.90
CA ASP A 709 31.44 27.10 -9.06
C ASP A 709 30.10 27.55 -9.63
N LYS A 710 29.54 28.60 -9.06
CA LYS A 710 28.25 29.11 -9.51
C LYS A 710 28.32 29.68 -10.92
N ASN A 711 29.38 30.42 -11.21
CA ASN A 711 29.54 31.06 -12.51
C ASN A 711 30.28 30.18 -13.50
N GLY A 712 30.05 28.87 -13.43
CA GLY A 712 30.70 27.91 -14.31
C GLY A 712 32.17 27.69 -13.99
N ASN A 713 32.79 28.65 -13.30
CA ASN A 713 34.21 28.58 -12.97
C ASN A 713 34.62 27.24 -12.37
N GLY A 714 35.68 26.65 -12.90
CA GLY A 714 36.16 25.36 -12.45
C GLY A 714 37.41 25.46 -11.59
N THR A 715 37.46 24.64 -10.53
CA THR A 715 38.57 24.68 -9.59
C THR A 715 39.07 23.27 -9.24
N THR A 716 40.39 23.12 -9.12
CA THR A 716 40.98 21.82 -8.80
C THR A 716 41.19 21.64 -7.30
N VAL A 717 41.03 20.41 -6.82
CA VAL A 717 41.22 20.11 -5.40
C VAL A 717 41.76 18.69 -5.23
N LEU A 718 42.67 18.50 -4.27
CA LEU A 718 43.25 17.19 -4.00
C LEU A 718 42.32 16.32 -3.15
N GLU A 719 42.19 15.05 -3.53
CA GLU A 719 41.35 14.08 -2.83
C GLU A 719 42.12 12.79 -2.66
N VAL A 720 42.11 12.27 -1.43
CA VAL A 720 42.87 11.06 -1.11
C VAL A 720 42.01 10.04 -0.34
N LYS A 721 42.10 8.79 -0.76
CA LYS A 721 41.41 7.70 -0.09
C LYS A 721 42.37 6.53 0.10
N GLY A 722 42.50 6.04 1.33
CA GLY A 722 43.17 4.77 1.57
C GLY A 722 44.69 4.76 1.61
N LEU A 723 45.33 5.88 1.29
CA LEU A 723 46.79 5.93 1.29
C LEU A 723 47.35 6.00 2.71
N ASP A 724 48.65 5.72 2.86
CA ASP A 724 49.31 5.77 4.15
C ASP A 724 49.07 7.12 4.82
N MET A 725 48.88 8.14 3.99
CA MET A 725 48.72 9.51 4.46
C MET A 725 47.41 9.68 5.23
N LYS A 726 46.57 8.63 5.22
CA LYS A 726 45.27 8.68 5.88
C LYS A 726 45.22 7.88 7.18
N ARG A 727 46.23 7.08 7.44
CA ARG A 727 46.26 6.24 8.63
C ARG A 727 46.73 7.03 9.85
N ARG A 728 46.34 6.57 11.04
CA ARG A 728 46.77 7.18 12.29
C ARG A 728 48.27 7.00 12.47
N GLU A 729 48.77 5.83 12.06
CA GLU A 729 50.15 5.44 12.34
C GLU A 729 51.20 6.30 11.64
N PHE A 730 50.76 7.16 10.72
CA PHE A 730 51.69 8.07 10.05
C PHE A 730 51.50 9.49 10.54
N CYS A 731 52.62 10.14 10.85
CA CYS A 731 52.62 11.44 11.52
C CYS A 731 52.29 12.57 10.56
N PRO A 732 51.92 13.74 11.12
CA PRO A 732 51.60 14.94 10.32
C PRO A 732 52.72 15.31 9.35
N LEU A 733 53.98 15.07 9.73
CA LEU A 733 55.09 15.30 8.82
C LEU A 733 54.97 14.38 7.61
N SER A 734 54.72 13.10 7.88
CA SER A 734 54.56 12.13 6.80
C SER A 734 53.38 12.49 5.91
N ARG A 735 52.31 12.99 6.51
CA ARG A 735 51.13 13.42 5.75
C ARG A 735 51.43 14.66 4.92
N ASP A 736 52.28 15.53 5.45
CA ASP A 736 52.64 16.77 4.76
C ASP A 736 53.49 16.49 3.54
N VAL A 737 54.39 15.51 3.70
CA VAL A 737 55.28 15.09 2.63
C VAL A 737 54.46 14.42 1.52
N SER A 738 53.56 13.54 1.94
CA SER A 738 52.69 12.82 1.02
C SER A 738 51.85 13.80 0.22
N ILE A 739 51.30 14.80 0.89
CA ILE A 739 50.43 15.78 0.26
C ILE A 739 51.18 16.59 -0.78
N HIS A 740 52.34 17.10 -0.43
CA HIS A 740 53.12 17.91 -1.37
C HIS A 740 53.55 17.09 -2.58
N VAL A 741 54.05 15.88 -2.33
CA VAL A 741 54.50 14.99 -3.38
C VAL A 741 53.41 14.75 -4.40
N LEU A 742 52.23 14.37 -3.91
CA LEU A 742 51.08 14.15 -4.76
C LEU A 742 50.77 15.40 -5.59
N ASN A 743 50.64 16.52 -4.90
CA ASN A 743 50.37 17.81 -5.54
C ASN A 743 51.26 18.07 -6.74
N THR A 744 52.56 17.79 -6.60
CA THR A 744 53.51 18.01 -7.69
C THR A 744 53.37 16.97 -8.81
N ILE A 745 53.15 15.72 -8.43
CA ILE A 745 52.99 14.63 -9.39
C ILE A 745 51.73 14.77 -10.24
N LEU A 746 50.63 15.15 -9.59
CA LEU A 746 49.36 15.33 -10.29
C LEU A 746 49.31 16.68 -10.98
N SER A 747 50.40 17.44 -10.89
CA SER A 747 50.50 18.73 -11.57
C SER A 747 50.59 18.55 -13.08
N ASP A 748 50.38 19.65 -13.80
CA ASP A 748 50.40 19.62 -15.26
C ASP A 748 51.80 19.79 -15.83
N LYS A 749 52.73 20.25 -14.99
CA LYS A 749 54.10 20.46 -15.43
C LYS A 749 54.75 19.15 -15.85
N ASP A 750 55.68 19.22 -16.79
CA ASP A 750 56.32 18.03 -17.34
C ASP A 750 56.82 17.06 -16.26
N PRO A 751 56.73 15.76 -16.55
CA PRO A 751 56.99 14.67 -15.59
C PRO A 751 58.41 14.58 -15.03
N GLU A 752 59.43 14.91 -15.81
CA GLU A 752 60.80 14.91 -15.29
C GLU A 752 61.04 16.09 -14.36
N GLU A 753 60.45 17.22 -14.67
CA GLU A 753 60.55 18.40 -13.80
C GLU A 753 59.80 18.13 -12.50
N ALA A 754 58.70 17.39 -12.59
CA ALA A 754 57.90 17.04 -11.41
C ALA A 754 58.65 16.08 -10.48
N LEU A 755 59.26 15.05 -11.06
CA LEU A 755 59.99 14.07 -10.26
C LEU A 755 61.28 14.66 -9.71
N GLN A 756 61.84 15.63 -10.43
CA GLN A 756 63.05 16.30 -9.98
C GLN A 756 62.71 17.25 -8.83
N GLU A 757 61.53 17.88 -8.94
CA GLU A 757 61.02 18.73 -7.87
C GLU A 757 60.77 17.90 -6.62
N VAL A 758 60.31 16.67 -6.83
CA VAL A 758 60.08 15.74 -5.72
C VAL A 758 61.38 15.40 -5.00
N TYR A 759 62.41 15.01 -5.75
CA TYR A 759 63.69 14.68 -5.12
C TYR A 759 64.30 15.91 -4.43
N ASP A 760 64.14 17.07 -5.03
CA ASP A 760 64.67 18.31 -4.47
C ASP A 760 63.94 18.67 -3.18
N TYR A 761 62.66 18.31 -3.11
CA TYR A 761 61.87 18.54 -1.91
C TYR A 761 62.35 17.64 -0.79
N LEU A 762 62.49 16.36 -1.10
CA LEU A 762 62.89 15.37 -0.11
C LEU A 762 64.26 15.65 0.49
N GLU A 763 65.23 16.01 -0.33
CA GLU A 763 66.56 16.37 0.17
C GLU A 763 66.46 17.45 1.26
N ASP A 764 65.68 18.49 0.99
CA ASP A 764 65.52 19.60 1.93
C ASP A 764 64.85 19.12 3.21
N ILE A 765 63.84 18.27 3.07
CA ILE A 765 63.14 17.71 4.23
C ILE A 765 64.12 16.87 5.05
N ARG A 766 64.98 16.15 4.36
CA ARG A 766 65.96 15.28 4.99
C ARG A 766 66.89 16.06 5.89
N ILE A 767 67.34 17.19 5.36
CA ILE A 767 68.22 18.07 6.11
C ILE A 767 67.48 18.62 7.33
N LYS A 768 66.24 19.04 7.13
CA LYS A 768 65.42 19.58 8.21
C LYS A 768 65.19 18.56 9.33
N VAL A 769 65.10 17.28 8.96
CA VAL A 769 64.88 16.23 9.96
C VAL A 769 66.14 15.90 10.76
N GLU A 770 67.25 15.72 10.06
CA GLU A 770 68.53 15.40 10.72
C GLU A 770 68.97 16.49 11.69
N THR A 771 68.77 17.75 11.30
CA THR A 771 69.14 18.87 12.15
C THR A 771 68.06 19.15 13.19
N ASN A 772 66.98 18.38 13.16
CA ASN A 772 65.89 18.54 14.10
C ASN A 772 65.32 19.95 14.10
N ASN A 773 65.00 20.47 12.92
CA ASN A 773 64.45 21.81 12.78
C ASN A 773 62.96 21.81 12.46
N ILE A 774 62.29 20.69 12.76
CA ILE A 774 60.84 20.60 12.59
C ILE A 774 60.16 20.44 13.95
N ARG A 775 59.00 21.06 14.10
CA ARG A 775 58.26 20.98 15.36
C ARG A 775 58.08 19.53 15.77
N ILE A 776 58.16 19.26 17.07
CA ILE A 776 58.05 17.90 17.58
C ILE A 776 56.64 17.37 17.44
N ASP A 777 55.66 18.28 17.38
CA ASP A 777 54.27 17.92 17.21
C ASP A 777 54.08 17.10 15.92
N LYS A 778 54.83 17.46 14.88
CA LYS A 778 54.70 16.83 13.58
C LYS A 778 55.20 15.39 13.52
N TYR A 779 55.85 14.93 14.58
CA TYR A 779 56.37 13.57 14.61
C TYR A 779 55.45 12.62 15.37
N LYS A 780 54.32 13.14 15.86
CA LYS A 780 53.43 12.36 16.69
C LYS A 780 52.69 11.26 15.91
N ILE A 781 52.60 10.09 16.54
CA ILE A 781 52.00 8.91 15.94
C ILE A 781 50.96 8.33 16.89
N ASN A 782 49.71 8.26 16.44
CA ASN A 782 48.63 7.73 17.26
C ASN A 782 48.31 6.29 16.93
N MET A 783 47.93 5.52 17.95
CA MET A 783 47.56 4.12 17.76
C MET A 783 46.63 3.66 18.86
N LYS A 784 45.43 3.23 18.48
CA LYS A 784 44.41 2.82 19.43
C LYS A 784 44.59 1.38 19.88
N LEU A 785 44.48 1.17 21.19
CA LEU A 785 44.52 -0.16 21.78
C LEU A 785 43.11 -0.61 22.14
N SER A 786 42.52 -1.45 21.30
CA SER A 786 41.18 -1.95 21.55
C SER A 786 41.19 -2.88 22.77
N LYS A 787 42.34 -3.48 23.02
CA LYS A 787 42.51 -4.38 24.17
C LYS A 787 43.24 -3.65 25.30
N ASP A 788 43.40 -4.36 26.42
CA ASP A 788 44.16 -3.82 27.54
C ASP A 788 45.64 -3.85 27.20
N PRO A 789 46.39 -2.82 27.59
CA PRO A 789 47.82 -2.75 27.26
C PRO A 789 48.58 -4.02 27.62
N LYS A 790 48.20 -4.65 28.72
CA LYS A 790 48.86 -5.87 29.18
C LYS A 790 48.50 -7.07 28.31
N ALA A 791 47.30 -7.06 27.74
CA ALA A 791 46.82 -8.17 26.94
C ALA A 791 47.25 -8.03 25.47
N TYR A 792 48.53 -8.29 25.21
CA TYR A 792 49.04 -8.24 23.84
C TYR A 792 50.19 -9.22 23.65
N PRO A 793 49.98 -10.22 22.76
CA PRO A 793 50.98 -11.27 22.53
C PRO A 793 52.33 -10.72 22.09
N GLY A 794 52.34 -9.97 21.00
CA GLY A 794 53.56 -9.36 20.49
C GLY A 794 53.66 -7.90 20.87
N GLY A 795 53.19 -7.57 22.08
CA GLY A 795 53.19 -6.21 22.56
C GLY A 795 54.59 -5.69 22.86
N LYS A 796 55.52 -6.61 23.09
CA LYS A 796 56.90 -6.23 23.40
C LYS A 796 57.60 -5.65 22.18
N ASN A 797 57.00 -5.82 21.01
CA ASN A 797 57.52 -5.24 19.78
C ASN A 797 56.73 -3.99 19.37
N MET A 798 55.51 -3.86 19.89
CA MET A 798 54.64 -2.74 19.55
C MET A 798 54.99 -1.50 20.39
N PRO A 799 55.43 -0.42 19.73
CA PRO A 799 55.79 0.82 20.45
C PRO A 799 54.61 1.42 21.21
N ALA A 800 53.41 1.36 20.65
CA ALA A 800 52.23 1.90 21.32
C ALA A 800 52.02 1.20 22.66
N VAL A 801 52.06 -0.12 22.65
CA VAL A 801 51.83 -0.91 23.86
C VAL A 801 52.89 -0.62 24.92
N GLN A 802 54.15 -0.56 24.49
CA GLN A 802 55.24 -0.28 25.42
C GLN A 802 55.04 1.06 26.12
N VAL A 803 54.68 2.07 25.34
CA VAL A 803 54.46 3.41 25.87
C VAL A 803 53.31 3.40 26.88
N ALA A 804 52.27 2.61 26.58
CA ALA A 804 51.14 2.49 27.49
C ALA A 804 51.55 1.90 28.84
N LEU A 805 52.32 0.82 28.81
CA LEU A 805 52.72 0.13 30.04
C LEU A 805 53.62 1.03 30.91
N ARG A 806 54.52 1.75 30.26
CA ARG A 806 55.41 2.69 30.95
C ARG A 806 54.60 3.73 31.70
N MET A 807 53.39 4.01 31.22
CA MET A 807 52.54 5.02 31.84
C MET A 807 51.96 4.53 33.16
N ARG A 808 51.57 3.27 33.20
CA ARG A 808 51.06 2.68 34.44
C ARG A 808 52.16 2.66 35.49
N LYS A 809 53.36 2.25 35.08
CA LYS A 809 54.48 2.28 36.02
C LYS A 809 54.78 3.72 36.47
N ALA A 810 54.64 4.66 35.54
CA ALA A 810 54.92 6.07 35.84
C ALA A 810 53.87 6.67 36.76
N GLY A 811 52.67 6.10 36.74
CA GLY A 811 51.57 6.58 37.57
C GLY A 811 50.35 6.92 36.75
N ARG A 812 50.57 7.25 35.48
CA ARG A 812 49.48 7.61 34.57
C ARG A 812 48.52 6.44 34.34
N VAL A 813 47.26 6.76 34.13
CA VAL A 813 46.23 5.74 33.91
C VAL A 813 46.07 5.46 32.42
N VAL A 814 45.84 4.20 32.09
CA VAL A 814 45.65 3.79 30.70
C VAL A 814 44.96 2.44 30.63
N LYS A 815 43.75 2.43 30.07
CA LYS A 815 42.96 1.21 29.97
C LYS A 815 42.64 0.90 28.50
N ALA A 816 41.83 -0.13 28.29
CA ALA A 816 41.42 -0.48 26.94
C ALA A 816 40.64 0.66 26.31
N GLY A 817 40.74 0.77 24.99
CA GLY A 817 40.05 1.82 24.25
C GLY A 817 40.81 3.13 24.23
N SER A 818 41.99 3.14 24.84
CA SER A 818 42.81 4.35 24.89
C SER A 818 43.60 4.54 23.61
N VAL A 819 43.76 5.80 23.22
CA VAL A 819 44.58 6.15 22.07
C VAL A 819 45.95 6.61 22.56
N ILE A 820 47.00 5.97 22.06
CA ILE A 820 48.36 6.29 22.47
C ILE A 820 49.04 7.17 21.45
N THR A 821 49.49 8.34 21.89
CA THR A 821 50.27 9.27 21.08
C THR A 821 51.73 9.23 21.48
N PHE A 822 52.61 8.89 20.54
CA PHE A 822 54.03 8.74 20.87
C PHE A 822 54.96 9.23 19.77
N VAL A 823 56.24 9.33 20.11
CA VAL A 823 57.28 9.74 19.18
C VAL A 823 58.45 8.81 19.38
N ILE A 824 59.03 8.34 18.28
CA ILE A 824 60.21 7.49 18.35
C ILE A 824 61.43 8.38 18.57
N THR A 825 62.21 8.06 19.60
CA THR A 825 63.36 8.89 19.97
C THR A 825 64.69 8.21 19.63
N LYS A 826 65.78 8.93 19.84
CA LYS A 826 67.10 8.46 19.48
C LYS A 826 67.86 7.93 20.70
N LEU A 839 69.74 -0.78 21.62
CA LEU A 839 68.53 0.05 21.59
C LEU A 839 67.53 -0.50 20.59
N SER A 840 66.25 -0.43 20.94
CA SER A 840 65.18 -0.92 20.07
C SER A 840 64.21 0.20 19.71
N VAL A 841 63.53 0.05 18.58
CA VAL A 841 62.56 1.03 18.14
C VAL A 841 61.43 1.19 19.15
N ALA A 842 60.87 0.06 19.60
CA ALA A 842 59.79 0.08 20.58
C ALA A 842 60.28 0.67 21.90
N GLU A 843 61.52 0.32 22.26
CA GLU A 843 62.10 0.81 23.50
C GLU A 843 62.33 2.32 23.44
N ARG A 844 62.67 2.81 22.25
CA ARG A 844 62.93 4.24 22.06
C ARG A 844 61.65 5.06 21.93
N ALA A 845 60.50 4.39 21.93
CA ALA A 845 59.21 5.08 21.84
C ALA A 845 58.83 5.72 23.16
N HIS A 846 58.35 6.96 23.12
CA HIS A 846 57.92 7.66 24.33
C HIS A 846 56.65 8.48 24.10
N ALA A 847 55.84 8.63 25.14
CA ALA A 847 54.62 9.42 25.04
C ALA A 847 54.95 10.82 24.53
N LEU A 848 54.14 11.32 23.59
CA LEU A 848 54.40 12.63 23.01
C LEU A 848 54.57 13.72 24.07
N ASN A 849 53.65 13.78 25.02
CA ASN A 849 53.69 14.80 26.07
C ASN A 849 54.99 14.82 26.84
N GLU A 850 55.55 13.63 27.09
CA GLU A 850 56.86 13.53 27.73
C GLU A 850 57.91 14.13 26.82
N VAL A 851 57.87 13.76 25.54
CA VAL A 851 58.81 14.26 24.55
C VAL A 851 58.66 15.78 24.35
N MET A 852 57.47 16.30 24.62
CA MET A 852 57.19 17.72 24.39
C MET A 852 57.97 18.59 25.36
N ILE A 853 58.36 18.03 26.50
CA ILE A 853 59.14 18.77 27.48
C ILE A 853 60.58 18.85 26.99
N LYS A 854 60.95 20.04 26.51
CA LYS A 854 62.22 20.28 25.85
C LYS A 854 63.45 19.96 26.72
N SER A 855 63.23 19.86 28.04
CA SER A 855 64.33 19.62 28.96
C SER A 855 64.68 18.15 29.16
N ASN A 856 63.86 17.26 28.61
CA ASN A 856 64.12 15.83 28.72
C ASN A 856 65.18 15.34 27.74
N ASN A 857 65.55 16.21 26.80
CA ASN A 857 66.53 15.87 25.78
C ASN A 857 66.14 14.60 25.01
N LEU A 858 64.87 14.55 24.59
CA LEU A 858 64.37 13.45 23.78
C LEU A 858 64.09 13.96 22.38
N ILE A 859 65.08 13.84 21.50
CA ILE A 859 64.90 14.25 20.11
C ILE A 859 64.46 13.06 19.26
N PRO A 860 63.65 13.31 18.23
CA PRO A 860 63.16 12.24 17.35
C PRO A 860 64.29 11.56 16.61
N ASP A 861 64.15 10.26 16.37
CA ASP A 861 65.17 9.50 15.64
C ASP A 861 65.05 9.74 14.13
N PRO A 862 66.04 10.44 13.54
CA PRO A 862 66.02 10.76 12.11
C PRO A 862 65.99 9.52 11.22
N GLN A 863 66.75 8.50 11.56
CA GLN A 863 66.80 7.26 10.78
C GLN A 863 65.40 6.72 10.56
N TYR A 864 64.64 6.61 11.64
CA TYR A 864 63.29 6.03 11.59
C TYR A 864 62.32 6.87 10.78
N TYR A 865 62.27 8.17 11.05
CA TYR A 865 61.29 9.03 10.40
C TYR A 865 61.58 9.23 8.92
N LEU A 866 62.85 9.15 8.53
CA LEU A 866 63.23 9.29 7.14
C LEU A 866 63.03 7.98 6.39
N GLU A 867 63.22 6.87 7.10
CA GLU A 867 63.04 5.55 6.51
C GLU A 867 61.58 5.12 6.51
N LYS A 868 61.03 4.85 7.69
CA LYS A 868 59.68 4.29 7.80
C LYS A 868 58.54 5.30 7.62
N GLN A 869 58.80 6.59 7.84
CA GLN A 869 57.73 7.58 7.79
C GLN A 869 57.79 8.47 6.55
N ILE A 870 58.95 8.59 5.94
CA ILE A 870 59.09 9.41 4.73
C ILE A 870 59.45 8.58 3.49
N PHE A 871 60.40 7.66 3.63
CA PHE A 871 60.82 6.89 2.47
C PHE A 871 59.75 5.90 2.03
N ALA A 872 59.46 4.89 2.85
CA ALA A 872 58.52 3.83 2.49
C ALA A 872 57.24 4.35 1.85
N PRO A 873 56.59 5.33 2.50
CA PRO A 873 55.32 5.84 1.97
C PRO A 873 55.46 6.44 0.57
N VAL A 874 56.55 7.16 0.33
CA VAL A 874 56.79 7.74 -0.98
C VAL A 874 57.12 6.66 -2.02
N GLU A 875 57.87 5.64 -1.60
CA GLU A 875 58.21 4.52 -2.47
C GLU A 875 56.95 3.85 -2.97
N ARG A 876 55.90 3.85 -2.14
CA ARG A 876 54.62 3.30 -2.59
C ARG A 876 53.82 4.29 -3.44
N LEU A 877 53.87 5.56 -3.10
CA LEU A 877 53.16 6.58 -3.87
C LEU A 877 53.66 6.69 -5.31
N LEU A 878 54.96 6.50 -5.52
CA LEU A 878 55.56 6.70 -6.83
C LEU A 878 56.05 5.37 -7.41
N GLU A 879 55.55 4.28 -6.85
CA GLU A 879 56.01 2.95 -7.22
C GLU A 879 55.80 2.64 -8.70
N ARG A 880 54.69 3.11 -9.26
CA ARG A 880 54.36 2.84 -10.65
C ARG A 880 54.29 4.11 -11.48
N ILE A 881 55.28 4.98 -11.30
CA ILE A 881 55.35 6.22 -12.08
C ILE A 881 56.55 6.19 -13.01
N ASP A 882 56.32 6.57 -14.26
CA ASP A 882 57.37 6.55 -15.28
C ASP A 882 58.57 7.39 -14.86
N SER A 883 59.77 6.84 -15.09
CA SER A 883 61.01 7.52 -14.77
C SER A 883 61.23 7.64 -13.26
N PHE A 884 60.55 6.80 -12.50
CA PHE A 884 60.77 6.77 -11.05
C PHE A 884 61.96 5.88 -10.74
N ASN A 885 62.79 6.34 -9.82
CA ASN A 885 63.98 5.59 -9.43
C ASN A 885 64.15 5.58 -7.92
N VAL A 886 64.01 4.40 -7.33
CA VAL A 886 64.15 4.25 -5.88
C VAL A 886 65.55 4.65 -5.43
N VAL A 887 66.54 4.47 -6.30
CA VAL A 887 67.91 4.85 -5.96
C VAL A 887 68.01 6.35 -5.68
N ARG A 888 67.44 7.15 -6.57
CA ARG A 888 67.43 8.61 -6.39
C ARG A 888 66.84 8.99 -5.05
N LEU A 889 65.73 8.35 -4.70
CA LEU A 889 65.02 8.67 -3.46
C LEU A 889 65.84 8.32 -2.22
N SER A 890 66.27 7.07 -2.14
CA SER A 890 67.05 6.57 -1.02
C SER A 890 68.34 7.37 -0.85
N GLU A 891 68.91 7.85 -1.96
CA GLU A 891 70.12 8.65 -1.90
C GLU A 891 69.79 10.04 -1.39
N ALA A 892 68.64 10.55 -1.81
CA ALA A 892 68.15 11.83 -1.32
C ALA A 892 67.70 11.70 0.13
N LEU A 893 67.84 10.49 0.69
CA LEU A 893 67.51 10.24 2.09
C LEU A 893 68.67 9.53 2.79
N GLY A 894 68.92 8.26 2.43
CA GLY A 894 70.04 7.52 2.99
C GLY A 894 70.26 6.17 2.32
N THR B 3 -6.71 -38.77 -2.44
CA THR B 3 -7.23 -37.41 -2.47
C THR B 3 -7.89 -37.08 -3.81
N PHE B 4 -8.87 -36.20 -3.76
CA PHE B 4 -9.65 -35.83 -4.94
C PHE B 4 -9.75 -34.31 -5.01
N GLN B 5 -9.36 -33.73 -6.14
CA GLN B 5 -9.31 -32.28 -6.26
C GLN B 5 -10.36 -31.76 -7.25
N MET B 6 -11.28 -30.94 -6.75
CA MET B 6 -12.35 -30.40 -7.59
C MET B 6 -12.57 -28.92 -7.35
N PHE B 7 -12.64 -28.14 -8.43
CA PHE B 7 -13.02 -26.75 -8.36
C PHE B 7 -14.54 -26.63 -8.47
N TRP B 8 -15.19 -26.34 -7.36
CA TRP B 8 -16.66 -26.34 -7.34
C TRP B 8 -17.25 -25.04 -7.87
N LEU B 9 -18.35 -25.19 -8.59
CA LEU B 9 -19.03 -24.11 -9.29
C LEU B 9 -20.44 -23.90 -8.77
N ASP B 10 -21.18 -24.99 -8.60
CA ASP B 10 -22.58 -24.92 -8.23
C ASP B 10 -22.98 -26.11 -7.37
N TYR B 11 -24.21 -26.08 -6.86
CA TYR B 11 -24.70 -27.13 -5.98
C TYR B 11 -26.20 -27.37 -6.15
N CYS B 12 -26.72 -28.37 -5.46
CA CYS B 12 -28.16 -28.59 -5.38
C CYS B 12 -28.51 -29.46 -4.18
N GLU B 13 -29.72 -29.27 -3.65
CA GLU B 13 -30.18 -30.04 -2.51
C GLU B 13 -31.14 -31.13 -2.96
N VAL B 14 -30.98 -32.34 -2.44
CA VAL B 14 -31.87 -33.44 -2.76
C VAL B 14 -31.85 -34.53 -1.71
N ASN B 15 -33.03 -34.84 -1.17
CA ASN B 15 -33.17 -35.90 -0.18
C ASN B 15 -32.24 -35.71 1.02
N ASN B 16 -32.24 -34.50 1.58
CA ASN B 16 -31.39 -34.18 2.72
C ASN B 16 -29.91 -34.49 2.53
N THR B 17 -29.44 -34.51 1.29
CA THR B 17 -28.00 -34.58 1.01
C THR B 17 -27.60 -33.32 0.26
N LEU B 18 -26.31 -33.13 0.06
CA LEU B 18 -25.87 -31.95 -0.67
C LEU B 18 -24.93 -32.31 -1.82
N ILE B 19 -25.29 -31.88 -3.03
CA ILE B 19 -24.48 -32.22 -4.20
C ILE B 19 -23.74 -31.01 -4.74
N LEU B 20 -22.45 -31.19 -5.02
CA LEU B 20 -21.62 -30.14 -5.59
C LEU B 20 -21.25 -30.51 -7.01
N PHE B 21 -21.43 -29.58 -7.93
CA PHE B 21 -21.01 -29.78 -9.31
C PHE B 21 -19.79 -28.92 -9.54
N GLY B 22 -18.78 -29.45 -10.24
CA GLY B 22 -17.56 -28.70 -10.47
C GLY B 22 -16.69 -29.39 -11.50
N LYS B 23 -15.43 -28.99 -11.56
CA LYS B 23 -14.49 -29.55 -12.53
C LYS B 23 -13.36 -30.26 -11.81
N VAL B 24 -12.90 -31.36 -12.39
CA VAL B 24 -11.79 -32.11 -11.83
C VAL B 24 -10.71 -32.22 -12.89
N LYS B 25 -9.46 -32.08 -12.46
CA LYS B 25 -8.33 -32.22 -13.36
C LYS B 25 -7.93 -33.68 -13.44
N LEU B 26 -7.58 -34.12 -14.64
CA LEU B 26 -7.21 -35.51 -14.85
C LEU B 26 -5.70 -35.61 -15.01
N LYS B 27 -5.20 -36.84 -15.07
CA LYS B 27 -3.76 -37.07 -15.17
C LYS B 27 -3.16 -36.32 -16.35
N ASP B 28 -3.92 -36.21 -17.43
CA ASP B 28 -3.49 -35.47 -18.62
C ASP B 28 -3.81 -33.99 -18.53
N ASP B 29 -4.06 -33.51 -17.32
CA ASP B 29 -4.38 -32.10 -17.07
C ASP B 29 -5.72 -31.66 -17.68
N ASN B 30 -6.49 -32.62 -18.20
CA ASN B 30 -7.78 -32.31 -18.79
C ASN B 30 -8.82 -32.13 -17.69
N CYS B 31 -9.71 -31.16 -17.87
CA CYS B 31 -10.76 -30.90 -16.89
C CYS B 31 -12.09 -31.46 -17.37
N VAL B 32 -12.77 -32.20 -16.51
CA VAL B 32 -14.08 -32.74 -16.82
C VAL B 32 -15.08 -32.36 -15.73
N SER B 33 -16.37 -32.48 -16.02
CA SER B 33 -17.37 -32.16 -15.01
C SER B 33 -17.45 -33.29 -14.00
N ALA B 34 -17.86 -32.96 -12.78
CA ALA B 34 -17.96 -33.96 -11.71
C ALA B 34 -18.96 -33.53 -10.66
N MET B 35 -19.57 -34.50 -9.98
CA MET B 35 -20.46 -34.21 -8.88
C MET B 35 -20.07 -35.00 -7.64
N VAL B 36 -20.23 -34.38 -6.47
CA VAL B 36 -19.90 -35.01 -5.21
C VAL B 36 -21.12 -34.95 -4.30
N GLN B 37 -21.67 -36.11 -3.97
CA GLN B 37 -22.78 -36.17 -3.04
C GLN B 37 -22.22 -36.19 -1.61
N ILE B 38 -22.76 -35.31 -0.78
CA ILE B 38 -22.25 -35.12 0.57
C ILE B 38 -23.28 -35.59 1.58
N ASN B 39 -22.92 -36.68 2.27
CA ASN B 39 -23.72 -37.23 3.35
C ASN B 39 -23.09 -36.81 4.68
N GLY B 40 -23.80 -37.07 5.77
CA GLY B 40 -23.24 -36.85 7.09
C GLY B 40 -23.27 -35.41 7.56
N LEU B 41 -23.91 -34.54 6.78
CA LEU B 41 -24.07 -33.15 7.19
C LEU B 41 -25.09 -33.05 8.31
N CYS B 42 -24.79 -32.21 9.29
CA CYS B 42 -25.71 -31.98 10.41
C CYS B 42 -25.98 -30.50 10.60
N ARG B 43 -27.14 -30.19 11.16
CA ARG B 43 -27.44 -28.85 11.63
C ARG B 43 -26.74 -28.67 12.96
N GLU B 44 -26.13 -27.51 13.16
CA GLU B 44 -25.53 -27.17 14.44
C GLU B 44 -26.58 -26.44 15.25
N LEU B 45 -27.07 -27.10 16.29
CA LEU B 45 -28.09 -26.51 17.15
C LEU B 45 -27.45 -26.06 18.46
N PHE B 46 -27.88 -24.91 18.95
CA PHE B 46 -27.31 -24.39 20.19
C PHE B 46 -28.39 -24.17 21.22
N PHE B 47 -28.36 -25.00 22.26
CA PHE B 47 -29.37 -24.95 23.32
C PHE B 47 -28.88 -24.02 24.43
N LEU B 48 -29.66 -22.98 24.67
CA LEU B 48 -29.33 -21.94 25.64
C LEU B 48 -29.83 -22.28 27.04
N PRO B 49 -28.91 -22.60 27.96
CA PRO B 49 -29.28 -22.98 29.33
C PRO B 49 -29.93 -21.84 30.13
N ARG B 50 -30.82 -22.20 31.04
CA ARG B 50 -31.50 -21.23 31.90
C ARG B 50 -30.57 -20.79 33.03
N GLU B 51 -30.93 -19.72 33.70
CA GLU B 51 -30.15 -19.20 34.82
C GLU B 51 -29.86 -20.31 35.83
N GLY B 52 -28.60 -20.71 35.90
CA GLY B 52 -28.18 -21.73 36.86
C GLY B 52 -28.14 -23.12 36.27
N LYS B 53 -27.88 -23.20 34.96
CA LYS B 53 -27.84 -24.49 34.28
C LYS B 53 -26.59 -24.63 33.44
N THR B 54 -26.28 -25.86 33.02
CA THR B 54 -25.09 -26.12 32.23
C THR B 54 -25.47 -26.88 30.96
N PRO B 55 -24.52 -26.97 30.01
CA PRO B 55 -24.71 -27.74 28.78
C PRO B 55 -24.97 -29.22 29.05
N THR B 56 -24.39 -29.74 30.13
CA THR B 56 -24.62 -31.13 30.52
C THR B 56 -26.05 -31.38 31.01
N ASP B 57 -26.64 -30.39 31.67
CA ASP B 57 -28.03 -30.50 32.13
C ASP B 57 -28.96 -30.69 30.94
N ILE B 58 -28.69 -29.95 29.87
CA ILE B 58 -29.43 -30.07 28.62
C ILE B 58 -29.13 -31.41 27.97
N HIS B 59 -27.85 -31.76 27.96
CA HIS B 59 -27.36 -32.97 27.30
C HIS B 59 -28.14 -34.18 27.78
N GLU B 60 -28.34 -34.25 29.09
CA GLU B 60 -29.06 -35.36 29.70
C GLU B 60 -30.52 -35.37 29.28
N GLU B 61 -31.13 -34.18 29.23
CA GLU B 61 -32.56 -34.08 28.94
C GLU B 61 -32.90 -34.40 27.48
N ILE B 62 -32.48 -33.53 26.57
CA ILE B 62 -32.92 -33.63 25.16
C ILE B 62 -32.29 -34.76 24.34
N ILE B 63 -31.03 -35.10 24.59
CA ILE B 63 -30.35 -36.08 23.75
C ILE B 63 -31.10 -37.41 23.71
N PRO B 64 -31.47 -37.95 24.87
CA PRO B 64 -32.28 -39.18 24.86
C PRO B 64 -33.61 -38.96 24.14
N LEU B 65 -34.17 -37.77 24.28
CA LEU B 65 -35.43 -37.43 23.63
C LEU B 65 -35.25 -37.30 22.12
N LEU B 66 -34.09 -36.81 21.71
CA LEU B 66 -33.79 -36.63 20.29
C LEU B 66 -33.50 -37.98 19.63
N MET B 67 -32.78 -38.84 20.35
CA MET B 67 -32.48 -40.17 19.85
C MET B 67 -33.78 -40.91 19.53
N ASP B 68 -34.80 -40.67 20.34
CA ASP B 68 -36.08 -41.34 20.18
C ASP B 68 -36.85 -40.81 18.97
N LYS B 69 -37.07 -39.50 18.93
CA LYS B 69 -37.83 -38.89 17.84
C LYS B 69 -37.20 -39.18 16.48
N TYR B 70 -35.91 -38.90 16.35
CA TYR B 70 -35.22 -39.07 15.07
C TYR B 70 -34.67 -40.49 14.87
N GLY B 71 -34.59 -41.26 15.96
CA GLY B 71 -34.18 -42.64 15.88
C GLY B 71 -32.70 -42.85 15.62
N LEU B 72 -31.86 -42.13 16.36
CA LEU B 72 -30.41 -42.27 16.24
C LEU B 72 -29.84 -43.05 17.42
N ASP B 73 -28.82 -43.86 17.14
CA ASP B 73 -28.14 -44.61 18.19
C ASP B 73 -27.30 -43.68 19.06
N ASN B 74 -26.49 -42.84 18.41
CA ASN B 74 -25.71 -41.84 19.13
C ASN B 74 -25.74 -40.50 18.42
N ILE B 75 -25.77 -39.43 19.21
CA ILE B 75 -25.77 -38.07 18.68
C ILE B 75 -24.62 -37.29 19.28
N ARG B 76 -23.72 -36.81 18.43
CA ARG B 76 -22.59 -36.02 18.90
C ARG B 76 -23.07 -34.71 19.50
N ALA B 77 -22.62 -34.43 20.72
CA ALA B 77 -22.94 -33.18 21.40
C ALA B 77 -21.80 -32.82 22.33
N LYS B 78 -21.61 -31.51 22.53
CA LYS B 78 -20.52 -31.01 23.37
C LYS B 78 -20.85 -29.61 23.84
N PRO B 79 -20.30 -29.22 25.01
CA PRO B 79 -20.45 -27.82 25.44
C PRO B 79 -19.63 -26.88 24.57
N GLN B 80 -20.15 -25.70 24.29
CA GLN B 80 -19.38 -24.68 23.58
C GLN B 80 -19.81 -23.27 23.94
N LYS B 81 -18.84 -22.42 24.26
CA LYS B 81 -19.10 -21.05 24.65
C LYS B 81 -19.35 -20.22 23.39
N MET B 82 -20.51 -19.58 23.32
CA MET B 82 -20.87 -18.81 22.13
C MET B 82 -21.36 -17.41 22.53
N LYS B 83 -21.17 -16.46 21.62
CA LYS B 83 -21.64 -15.09 21.82
C LYS B 83 -22.91 -14.81 21.01
N TYR B 84 -23.78 -13.95 21.53
CA TYR B 84 -24.97 -13.53 20.81
C TYR B 84 -25.15 -12.02 20.95
N SER B 85 -25.37 -11.33 19.83
CA SER B 85 -25.43 -9.87 19.84
C SER B 85 -26.49 -9.32 18.91
N PHE B 86 -27.52 -10.10 18.62
CA PHE B 86 -28.56 -9.69 17.68
C PHE B 86 -29.87 -9.31 18.36
N GLU B 87 -30.95 -9.23 17.60
CA GLU B 87 -32.16 -8.52 18.04
C GLU B 87 -33.07 -9.26 19.03
N LEU B 88 -32.79 -10.53 19.33
CA LEU B 88 -33.63 -11.26 20.28
C LEU B 88 -33.37 -10.80 21.72
N PRO B 89 -34.43 -10.34 22.40
CA PRO B 89 -34.33 -9.84 23.78
C PRO B 89 -34.16 -10.94 24.82
N ASP B 90 -33.57 -10.59 25.96
CA ASP B 90 -33.39 -11.51 27.08
C ASP B 90 -32.28 -12.56 26.86
N ILE B 91 -31.77 -12.67 25.64
CA ILE B 91 -30.65 -13.57 25.39
C ILE B 91 -29.33 -12.83 25.68
N PRO B 92 -28.43 -13.47 26.44
CA PRO B 92 -27.23 -12.76 26.91
C PRO B 92 -26.15 -12.61 25.84
N SER B 93 -25.27 -11.64 26.06
CA SER B 93 -24.15 -11.37 25.14
C SER B 93 -23.29 -12.61 24.94
N GLU B 94 -23.11 -13.39 26.00
CA GLU B 94 -22.29 -14.59 25.95
C GLU B 94 -22.81 -15.63 26.93
N SER B 95 -22.77 -16.90 26.53
CA SER B 95 -23.23 -17.98 27.40
C SER B 95 -22.62 -19.31 26.99
N ASP B 96 -22.76 -20.30 27.87
CA ASP B 96 -22.39 -21.66 27.53
C ASP B 96 -23.61 -22.35 26.95
N TYR B 97 -23.45 -22.91 25.75
CA TYR B 97 -24.53 -23.57 25.04
C TYR B 97 -24.22 -25.06 24.92
N LEU B 98 -25.25 -25.83 24.61
CA LEU B 98 -25.03 -27.22 24.23
C LEU B 98 -25.12 -27.34 22.72
N LYS B 99 -23.97 -27.59 22.10
CA LYS B 99 -23.89 -27.79 20.66
C LYS B 99 -24.27 -29.24 20.33
N VAL B 100 -25.38 -29.39 19.63
CA VAL B 100 -25.88 -30.69 19.22
C VAL B 100 -25.77 -30.80 17.70
N LEU B 101 -25.07 -31.83 17.23
CA LEU B 101 -24.96 -32.06 15.81
C LEU B 101 -26.08 -33.00 15.39
N LEU B 102 -27.14 -32.44 14.82
CA LEU B 102 -28.30 -33.22 14.43
C LEU B 102 -28.30 -33.43 12.92
N PRO B 103 -28.01 -34.66 12.46
CA PRO B 103 -27.92 -34.92 11.02
C PRO B 103 -29.18 -34.55 10.24
N TYR B 104 -29.00 -34.18 8.97
CA TYR B 104 -30.13 -33.89 8.09
C TYR B 104 -30.83 -35.18 7.69
N GLN B 105 -30.04 -36.23 7.48
CA GLN B 105 -30.57 -37.53 7.10
C GLN B 105 -30.83 -38.38 8.33
N THR B 106 -32.10 -38.53 8.70
CA THR B 106 -32.47 -39.39 9.82
C THR B 106 -33.49 -40.44 9.39
N PRO B 107 -33.44 -41.62 10.03
CA PRO B 107 -34.39 -42.70 9.75
C PRO B 107 -35.84 -42.29 9.96
N LYS B 108 -36.10 -41.44 10.94
CA LYS B 108 -37.45 -40.99 11.24
C LYS B 108 -37.57 -39.48 11.17
N SER B 109 -38.78 -39.00 10.90
CA SER B 109 -39.11 -37.57 10.95
C SER B 109 -37.95 -36.67 10.54
N SER B 110 -37.29 -37.01 9.43
CA SER B 110 -36.16 -36.22 8.95
C SER B 110 -36.59 -34.85 8.46
N ARG B 111 -37.89 -34.67 8.25
CA ARG B 111 -38.40 -33.39 7.75
C ARG B 111 -38.93 -32.50 8.87
N ASP B 112 -38.83 -32.96 10.11
CA ASP B 112 -39.29 -32.18 11.25
C ASP B 112 -38.13 -31.44 11.91
N THR B 113 -38.20 -30.11 11.88
CA THR B 113 -37.16 -29.28 12.46
C THR B 113 -37.51 -28.89 13.89
N ILE B 114 -36.49 -28.62 14.70
CA ILE B 114 -36.73 -28.25 16.08
C ILE B 114 -36.97 -26.74 16.21
N PRO B 115 -38.19 -26.36 16.66
CA PRO B 115 -38.54 -24.95 16.82
C PRO B 115 -37.69 -24.24 17.87
N SER B 116 -37.46 -22.94 17.71
CA SER B 116 -36.66 -22.20 18.66
C SER B 116 -37.43 -22.02 19.97
N ASP B 117 -38.76 -22.05 19.87
CA ASP B 117 -39.65 -21.92 21.03
C ASP B 117 -39.95 -23.28 21.65
N LEU B 118 -38.95 -24.16 21.59
CA LEU B 118 -38.98 -25.50 22.16
C LEU B 118 -38.98 -25.34 23.67
N SER B 119 -40.11 -25.59 24.31
CA SER B 119 -40.20 -25.34 25.75
C SER B 119 -39.86 -26.49 26.67
N SER B 120 -38.85 -26.23 27.50
CA SER B 120 -38.41 -27.20 28.49
C SER B 120 -38.13 -26.47 29.82
N ASP B 121 -37.84 -27.22 30.88
CA ASP B 121 -37.49 -26.66 32.18
C ASP B 121 -36.00 -26.29 32.29
N THR B 122 -35.22 -26.74 31.32
CA THR B 122 -33.77 -26.51 31.30
C THR B 122 -33.30 -25.34 30.45
N PHE B 123 -33.60 -25.40 29.16
CA PHE B 123 -33.24 -24.33 28.25
C PHE B 123 -34.50 -23.59 27.86
N TYR B 124 -34.34 -22.42 27.23
CA TYR B 124 -35.51 -21.68 26.76
C TYR B 124 -35.49 -21.35 25.27
N HIS B 125 -34.33 -21.48 24.63
CA HIS B 125 -34.22 -21.13 23.22
C HIS B 125 -33.25 -22.08 22.54
N VAL B 126 -33.41 -22.23 21.23
CA VAL B 126 -32.54 -23.08 20.43
C VAL B 126 -32.23 -22.43 19.09
N PHE B 127 -30.95 -22.36 18.74
CA PHE B 127 -30.56 -21.79 17.46
C PHE B 127 -30.18 -22.89 16.47
N GLY B 128 -30.36 -22.60 15.18
CA GLY B 128 -29.96 -23.51 14.13
C GLY B 128 -30.95 -24.63 13.85
N GLY B 129 -32.21 -24.43 14.21
CA GLY B 129 -33.22 -25.46 14.02
C GLY B 129 -33.61 -25.64 12.56
N ASN B 130 -33.77 -24.55 11.85
CA ASN B 130 -34.18 -24.58 10.45
C ASN B 130 -33.02 -24.37 9.48
N SER B 131 -31.80 -24.59 9.96
CA SER B 131 -30.60 -24.42 9.15
C SER B 131 -30.74 -25.04 7.76
N ASN B 132 -30.26 -24.34 6.75
CA ASN B 132 -30.22 -24.87 5.40
C ASN B 132 -28.95 -25.68 5.19
N ILE B 133 -29.07 -26.78 4.44
CA ILE B 133 -27.95 -27.72 4.27
C ILE B 133 -26.73 -27.11 3.58
N PHE B 134 -26.95 -26.32 2.54
CA PHE B 134 -25.83 -25.70 1.83
C PHE B 134 -25.15 -24.68 2.73
N GLU B 135 -25.94 -23.92 3.47
CA GLU B 135 -25.42 -22.91 4.37
C GLU B 135 -24.58 -23.58 5.44
N SER B 136 -25.06 -24.70 5.94
CA SER B 136 -24.35 -25.46 6.97
C SER B 136 -22.99 -25.92 6.45
N PHE B 137 -22.97 -26.50 5.26
CA PHE B 137 -21.71 -26.97 4.67
C PHE B 137 -20.68 -25.86 4.49
N VAL B 138 -21.11 -24.77 3.88
CA VAL B 138 -20.21 -23.67 3.54
C VAL B 138 -19.66 -22.94 4.76
N ILE B 139 -20.50 -22.77 5.77
CA ILE B 139 -20.12 -22.10 7.00
C ILE B 139 -19.19 -22.96 7.84
N GLN B 140 -19.56 -24.23 7.98
CA GLN B 140 -18.81 -25.17 8.81
C GLN B 140 -17.44 -25.47 8.23
N ASN B 141 -17.36 -25.57 6.90
CA ASN B 141 -16.10 -25.87 6.24
C ASN B 141 -15.41 -24.60 5.73
N ARG B 142 -16.01 -23.45 6.03
CA ARG B 142 -15.42 -22.17 5.70
C ARG B 142 -15.11 -22.04 4.22
N ILE B 143 -16.06 -22.45 3.38
CA ILE B 143 -15.92 -22.33 1.95
C ILE B 143 -16.38 -20.93 1.54
N MET B 144 -15.53 -20.19 0.84
CA MET B 144 -15.86 -18.83 0.45
C MET B 144 -15.99 -18.71 -1.05
N GLY B 145 -17.16 -19.06 -1.56
CA GLY B 145 -17.45 -19.02 -2.99
C GLY B 145 -16.69 -20.07 -3.76
N PRO B 146 -16.72 -19.97 -5.10
CA PRO B 146 -16.08 -20.96 -5.98
C PRO B 146 -14.57 -21.04 -5.78
N CYS B 147 -14.07 -22.24 -5.53
CA CYS B 147 -12.66 -22.43 -5.23
C CYS B 147 -12.27 -23.89 -5.41
N TRP B 148 -10.99 -24.19 -5.24
CA TRP B 148 -10.50 -25.55 -5.27
C TRP B 148 -10.77 -26.25 -3.93
N LEU B 149 -11.16 -27.51 -4.00
CA LEU B 149 -11.45 -28.29 -2.81
C LEU B 149 -10.66 -29.60 -2.85
N ASP B 150 -9.99 -29.91 -1.76
CA ASP B 150 -9.41 -31.22 -1.55
C ASP B 150 -10.43 -32.15 -0.91
N ILE B 151 -10.77 -33.22 -1.61
CA ILE B 151 -11.80 -34.14 -1.16
C ILE B 151 -11.20 -35.52 -0.94
N LYS B 152 -11.15 -35.93 0.32
CA LYS B 152 -10.57 -37.23 0.68
C LYS B 152 -11.65 -38.26 1.00
N GLY B 153 -11.34 -39.54 0.77
CA GLY B 153 -12.29 -40.60 1.01
C GLY B 153 -13.48 -40.56 0.05
N ALA B 154 -13.20 -40.23 -1.20
CA ALA B 154 -14.22 -40.19 -2.24
C ALA B 154 -14.59 -41.59 -2.72
N ASP B 155 -15.88 -41.90 -2.72
CA ASP B 155 -16.38 -43.21 -3.14
C ASP B 155 -16.77 -43.17 -4.62
N PHE B 156 -16.01 -43.87 -5.45
CA PHE B 156 -16.26 -43.89 -6.89
C PHE B 156 -17.23 -44.98 -7.33
N ASN B 157 -17.62 -45.85 -6.41
CA ASN B 157 -18.48 -46.99 -6.76
C ASN B 157 -19.87 -46.92 -6.15
N SER B 158 -20.11 -45.89 -5.34
CA SER B 158 -21.42 -45.71 -4.71
C SER B 158 -22.42 -45.10 -5.68
N ILE B 159 -22.01 -44.04 -6.36
CA ILE B 159 -22.92 -43.27 -7.20
C ILE B 159 -22.91 -43.79 -8.63
N ARG B 160 -24.11 -44.09 -9.12
CA ARG B 160 -24.29 -44.57 -10.48
C ARG B 160 -25.46 -43.88 -11.16
N ASN B 161 -25.20 -43.27 -12.31
CA ASN B 161 -26.24 -42.61 -13.09
C ASN B 161 -27.01 -41.56 -12.30
N ALA B 162 -26.31 -40.71 -11.57
CA ALA B 162 -26.94 -39.66 -10.79
C ALA B 162 -26.94 -38.31 -11.51
N SER B 163 -26.01 -38.14 -12.44
CA SER B 163 -25.78 -36.85 -13.07
C SER B 163 -25.42 -36.94 -14.55
N HIS B 164 -25.24 -35.78 -15.16
CA HIS B 164 -24.79 -35.70 -16.54
C HIS B 164 -23.29 -35.41 -16.59
N CYS B 165 -22.62 -35.64 -15.47
CA CYS B 165 -21.19 -35.35 -15.34
C CYS B 165 -20.34 -36.57 -15.70
N ALA B 166 -19.07 -36.31 -16.01
CA ALA B 166 -18.14 -37.37 -16.36
C ALA B 166 -17.74 -38.21 -15.14
N VAL B 167 -17.69 -37.56 -13.98
CA VAL B 167 -17.29 -38.24 -12.74
C VAL B 167 -18.37 -38.09 -11.67
N GLU B 168 -18.74 -39.20 -11.04
CA GLU B 168 -19.72 -39.19 -9.97
C GLU B 168 -19.19 -39.91 -8.73
N VAL B 169 -19.03 -39.16 -7.65
CA VAL B 169 -18.54 -39.73 -6.39
C VAL B 169 -19.36 -39.26 -5.20
N SER B 170 -19.18 -39.93 -4.06
CA SER B 170 -19.83 -39.52 -2.82
C SER B 170 -18.85 -39.57 -1.64
N VAL B 171 -19.22 -38.88 -0.56
CA VAL B 171 -18.43 -38.91 0.67
C VAL B 171 -19.38 -39.13 1.84
N ASP B 172 -18.92 -39.90 2.82
CA ASP B 172 -19.76 -40.28 3.95
C ASP B 172 -19.89 -39.15 4.97
N LYS B 173 -18.94 -38.22 4.94
CA LYS B 173 -18.93 -37.11 5.88
C LYS B 173 -18.36 -35.85 5.22
N PRO B 174 -18.90 -34.68 5.58
CA PRO B 174 -18.49 -33.39 4.99
C PRO B 174 -17.08 -32.97 5.40
N GLN B 175 -16.59 -33.50 6.51
CA GLN B 175 -15.27 -33.12 7.02
C GLN B 175 -14.15 -33.56 6.06
N ASN B 176 -14.50 -34.45 5.14
CA ASN B 176 -13.56 -34.90 4.11
C ASN B 176 -13.24 -33.83 3.08
N ILE B 177 -14.04 -32.77 3.06
CA ILE B 177 -13.86 -31.70 2.08
C ILE B 177 -13.29 -30.44 2.75
N THR B 178 -12.13 -30.03 2.27
CA THR B 178 -11.45 -28.83 2.77
C THR B 178 -11.08 -27.91 1.62
N PRO B 179 -11.25 -26.59 1.80
CA PRO B 179 -10.88 -25.65 0.73
C PRO B 179 -9.36 -25.47 0.61
N THR B 180 -8.90 -25.09 -0.57
CA THR B 180 -7.48 -24.88 -0.83
C THR B 180 -7.21 -23.38 -0.97
N THR B 181 -5.95 -22.98 -0.91
CA THR B 181 -5.58 -21.58 -1.03
C THR B 181 -5.35 -21.16 -2.48
N THR B 182 -5.27 -22.12 -3.38
CA THR B 182 -5.04 -21.85 -4.80
C THR B 182 -5.92 -20.73 -5.31
N LYS B 183 -5.30 -19.72 -5.92
CA LYS B 183 -6.04 -18.57 -6.44
C LYS B 183 -6.50 -18.81 -7.88
N THR B 184 -5.81 -19.70 -8.59
CA THR B 184 -6.15 -19.99 -9.97
C THR B 184 -7.37 -20.90 -10.07
N MET B 185 -7.91 -21.01 -11.29
CA MET B 185 -9.07 -21.84 -11.55
C MET B 185 -8.94 -22.50 -12.91
N PRO B 186 -9.67 -23.62 -13.12
CA PRO B 186 -9.61 -24.32 -14.40
C PRO B 186 -10.33 -23.56 -15.50
N ASN B 187 -10.12 -23.96 -16.75
CA ASN B 187 -10.85 -23.37 -17.87
C ASN B 187 -12.32 -23.77 -17.80
N LEU B 188 -13.20 -22.88 -18.25
CA LEU B 188 -14.63 -23.17 -18.25
C LEU B 188 -15.13 -23.48 -19.65
N ARG B 189 -16.18 -24.29 -19.72
CA ARG B 189 -16.84 -24.60 -20.98
C ARG B 189 -18.11 -23.77 -21.07
N CYS B 190 -18.10 -22.77 -21.94
CA CYS B 190 -19.24 -21.87 -22.08
C CYS B 190 -20.03 -22.24 -23.33
N LEU B 191 -21.36 -22.12 -23.25
CA LEU B 191 -22.21 -22.35 -24.41
C LEU B 191 -23.23 -21.24 -24.53
N SER B 192 -23.09 -20.43 -25.58
CA SER B 192 -24.04 -19.36 -25.85
C SER B 192 -25.25 -19.93 -26.58
N LEU B 193 -26.44 -19.59 -26.06
CA LEU B 193 -27.70 -20.05 -26.63
C LEU B 193 -28.46 -18.87 -27.22
N SER B 194 -29.02 -19.06 -28.41
CA SER B 194 -29.94 -18.08 -28.96
C SER B 194 -31.20 -18.74 -29.49
N ILE B 195 -32.36 -18.31 -29.02
CA ILE B 195 -33.59 -19.00 -29.36
C ILE B 195 -34.57 -18.11 -30.13
N GLN B 196 -35.08 -18.65 -31.24
CA GLN B 196 -36.13 -18.00 -32.01
C GLN B 196 -37.42 -18.79 -31.87
N THR B 197 -38.50 -18.08 -31.56
CA THR B 197 -39.78 -18.74 -31.28
C THR B 197 -40.89 -18.34 -32.25
N LEU B 198 -42.02 -19.04 -32.12
CA LEU B 198 -43.21 -18.76 -32.90
C LEU B 198 -44.39 -19.01 -31.96
N MET B 199 -45.44 -18.22 -32.08
CA MET B 199 -46.60 -18.38 -31.19
C MET B 199 -47.76 -19.03 -31.92
N ASN B 200 -48.22 -20.17 -31.42
CA ASN B 200 -49.39 -20.82 -31.98
C ASN B 200 -50.65 -20.39 -31.24
N PRO B 201 -51.57 -19.70 -31.94
CA PRO B 201 -52.74 -19.09 -31.30
C PRO B 201 -53.85 -20.10 -30.96
N LYS B 202 -53.86 -21.23 -31.65
CA LYS B 202 -54.86 -22.26 -31.42
C LYS B 202 -54.75 -22.73 -29.97
N GLU B 203 -53.56 -23.16 -29.58
CA GLU B 203 -53.31 -23.71 -28.25
C GLU B 203 -52.60 -22.74 -27.30
N ASN B 204 -52.31 -21.52 -27.77
CA ASN B 204 -51.64 -20.47 -26.98
C ASN B 204 -50.24 -20.77 -26.42
N LYS B 205 -49.31 -21.14 -27.30
CA LYS B 205 -47.96 -21.51 -26.85
C LYS B 205 -46.83 -20.89 -27.65
N GLN B 206 -45.87 -20.28 -26.96
CA GLN B 206 -44.69 -19.75 -27.63
C GLN B 206 -43.79 -20.96 -27.87
N GLU B 207 -43.73 -21.38 -29.13
CA GLU B 207 -42.97 -22.55 -29.54
C GLU B 207 -41.59 -22.16 -30.05
N ILE B 208 -40.68 -23.11 -30.02
CA ILE B 208 -39.31 -22.87 -30.46
C ILE B 208 -39.15 -23.28 -31.92
N VAL B 209 -38.67 -22.34 -32.73
CA VAL B 209 -38.45 -22.59 -34.15
C VAL B 209 -37.00 -22.96 -34.39
N SER B 210 -36.08 -22.21 -33.79
CA SER B 210 -34.65 -22.51 -33.98
C SER B 210 -33.80 -22.21 -32.74
N ILE B 211 -32.63 -22.83 -32.69
CA ILE B 211 -31.69 -22.65 -31.59
C ILE B 211 -30.25 -22.60 -32.10
N THR B 212 -29.48 -21.61 -31.65
CA THR B 212 -28.06 -21.53 -31.99
C THR B 212 -27.21 -21.83 -30.77
N LEU B 213 -26.20 -22.66 -30.99
CA LEU B 213 -25.30 -23.13 -29.95
C LEU B 213 -23.88 -22.80 -30.36
N SER B 214 -23.23 -21.92 -29.59
CA SER B 214 -21.85 -21.54 -29.87
C SER B 214 -20.94 -21.93 -28.70
N ALA B 215 -19.97 -22.78 -28.96
CA ALA B 215 -19.16 -23.36 -27.90
C ALA B 215 -17.78 -22.72 -27.77
N TYR B 216 -17.43 -22.33 -26.55
CA TYR B 216 -16.14 -21.77 -26.22
C TYR B 216 -15.56 -22.59 -25.07
N ARG B 217 -14.80 -23.62 -25.41
CA ARG B 217 -14.42 -24.65 -24.46
C ARG B 217 -13.28 -24.30 -23.52
N ASN B 218 -12.61 -23.17 -23.76
CA ASN B 218 -11.47 -22.80 -22.93
C ASN B 218 -11.46 -21.33 -22.51
N ILE B 219 -12.52 -20.91 -21.85
CA ILE B 219 -12.59 -19.55 -21.29
C ILE B 219 -11.88 -19.50 -19.95
N SER B 220 -10.73 -18.84 -19.92
CA SER B 220 -9.96 -18.69 -18.69
C SER B 220 -10.19 -17.32 -18.06
N LEU B 221 -10.70 -17.30 -16.82
CA LEU B 221 -10.87 -16.05 -16.10
C LEU B 221 -9.59 -15.60 -15.43
N ASP B 222 -8.55 -16.44 -15.46
CA ASP B 222 -7.26 -16.09 -14.88
C ASP B 222 -6.46 -15.19 -15.80
N SER B 223 -6.90 -15.11 -17.05
CA SER B 223 -6.26 -14.24 -18.04
C SER B 223 -7.36 -13.52 -18.83
N PRO B 224 -7.03 -12.35 -19.37
CA PRO B 224 -8.06 -11.62 -20.14
C PRO B 224 -8.52 -12.41 -21.36
N ILE B 225 -9.81 -12.33 -21.66
CA ILE B 225 -10.38 -13.03 -22.80
C ILE B 225 -10.17 -12.21 -24.07
N PRO B 226 -9.55 -12.82 -25.10
CA PRO B 226 -9.28 -12.06 -26.32
C PRO B 226 -10.55 -11.53 -26.96
N GLU B 227 -10.51 -10.29 -27.42
CA GLU B 227 -11.67 -9.66 -28.04
C GLU B 227 -12.06 -10.38 -29.33
N ASN B 228 -13.35 -10.42 -29.62
CA ASN B 228 -13.87 -11.17 -30.76
C ASN B 228 -13.37 -12.60 -30.77
N ILE B 229 -13.34 -13.22 -29.60
CA ILE B 229 -12.89 -14.61 -29.47
C ILE B 229 -13.69 -15.52 -30.40
N LYS B 230 -12.99 -16.45 -31.03
CA LYS B 230 -13.59 -17.33 -32.02
C LYS B 230 -14.11 -18.61 -31.36
N PRO B 231 -15.31 -19.05 -31.76
CA PRO B 231 -15.92 -20.25 -31.17
C PRO B 231 -15.25 -21.52 -31.65
N ASP B 232 -15.23 -22.55 -30.81
CA ASP B 232 -14.65 -23.84 -31.18
C ASP B 232 -15.61 -24.62 -32.07
N ASP B 233 -16.91 -24.39 -31.88
CA ASP B 233 -17.92 -25.07 -32.67
C ASP B 233 -19.20 -24.24 -32.73
N LEU B 234 -19.85 -24.24 -33.89
CA LEU B 234 -21.08 -23.49 -34.09
C LEU B 234 -22.12 -24.34 -34.81
N CYS B 235 -23.29 -24.50 -34.21
CA CYS B 235 -24.33 -25.32 -34.80
C CYS B 235 -25.73 -24.74 -34.56
N THR B 236 -26.59 -24.85 -35.57
CA THR B 236 -27.95 -24.32 -35.47
C THR B 236 -28.97 -25.42 -35.79
N LEU B 237 -29.96 -25.59 -34.92
CA LEU B 237 -31.02 -26.56 -35.13
C LEU B 237 -32.30 -25.83 -35.50
N VAL B 238 -33.05 -26.34 -36.48
CA VAL B 238 -34.27 -25.66 -36.89
C VAL B 238 -35.38 -26.59 -37.37
N ARG B 239 -36.61 -26.26 -37.00
CA ARG B 239 -37.81 -26.97 -37.45
C ARG B 239 -38.70 -26.02 -38.26
N PRO B 240 -39.56 -26.56 -39.12
CA PRO B 240 -40.40 -25.70 -39.97
C PRO B 240 -41.50 -25.03 -39.15
N PRO B 241 -41.58 -23.69 -39.22
CA PRO B 241 -42.55 -22.94 -38.41
C PRO B 241 -44.01 -23.10 -38.86
N GLN B 242 -44.24 -23.34 -40.15
CA GLN B 242 -45.61 -23.45 -40.66
C GLN B 242 -45.97 -24.85 -41.14
N SER B 243 -45.09 -25.48 -41.90
CA SER B 243 -45.41 -26.75 -42.54
C SER B 243 -44.74 -27.91 -41.83
N THR B 244 -44.76 -29.08 -42.46
CA THR B 244 -44.19 -30.29 -41.87
C THR B 244 -42.84 -30.63 -42.48
N SER B 245 -42.47 -29.92 -43.54
CA SER B 245 -41.20 -30.16 -44.22
C SER B 245 -40.61 -28.85 -44.73
N PHE B 246 -39.29 -28.80 -44.84
CA PHE B 246 -38.60 -27.64 -45.37
C PHE B 246 -38.53 -27.75 -46.89
N PRO B 247 -38.35 -26.60 -47.56
CA PRO B 247 -38.10 -26.68 -49.00
C PRO B 247 -36.80 -27.44 -49.25
N LEU B 248 -36.71 -28.13 -50.38
CA LEU B 248 -35.50 -28.88 -50.72
C LEU B 248 -34.36 -27.92 -51.04
N GLY B 249 -33.13 -28.38 -50.81
CA GLY B 249 -31.96 -27.58 -51.10
C GLY B 249 -31.61 -26.59 -50.00
N LEU B 250 -32.49 -26.48 -49.00
CA LEU B 250 -32.22 -25.60 -47.87
C LEU B 250 -30.87 -25.93 -47.22
N ALA B 251 -30.60 -27.22 -47.03
CA ALA B 251 -29.35 -27.66 -46.43
C ALA B 251 -28.14 -27.27 -47.29
N ALA B 252 -28.32 -27.35 -48.61
CA ALA B 252 -27.25 -27.01 -49.54
C ALA B 252 -26.95 -25.52 -49.47
N LEU B 253 -27.99 -24.71 -49.30
CA LEU B 253 -27.82 -23.27 -49.22
C LEU B 253 -27.25 -22.86 -47.87
N ALA B 254 -27.59 -23.62 -46.83
CA ALA B 254 -27.12 -23.33 -45.47
C ALA B 254 -25.63 -23.54 -45.37
N LYS B 255 -25.17 -24.69 -45.87
CA LYS B 255 -23.74 -25.00 -45.89
C LYS B 255 -22.99 -23.94 -46.69
N GLN B 256 -23.66 -23.38 -47.68
CA GLN B 256 -23.07 -22.40 -48.57
C GLN B 256 -22.99 -20.99 -47.95
N LYS B 257 -24.06 -20.60 -47.25
CA LYS B 257 -24.20 -19.23 -46.75
C LYS B 257 -24.02 -19.10 -45.24
N LEU B 258 -24.41 -20.14 -44.51
CA LEU B 258 -24.40 -20.08 -43.05
C LEU B 258 -23.16 -20.75 -42.45
N PRO B 259 -22.54 -20.10 -41.45
CA PRO B 259 -21.36 -20.66 -40.77
C PRO B 259 -21.75 -21.75 -39.78
N GLY B 260 -20.83 -22.68 -39.53
CA GLY B 260 -21.09 -23.77 -38.61
C GLY B 260 -22.02 -24.81 -39.21
N ARG B 261 -22.37 -25.82 -38.41
CA ARG B 261 -23.26 -26.88 -38.85
C ARG B 261 -24.71 -26.42 -38.79
N VAL B 262 -25.53 -26.96 -39.68
CA VAL B 262 -26.96 -26.70 -39.64
C VAL B 262 -27.75 -28.01 -39.76
N ARG B 263 -28.63 -28.26 -38.80
CA ARG B 263 -29.41 -29.48 -38.75
C ARG B 263 -30.91 -29.18 -38.82
N LEU B 264 -31.57 -29.83 -39.76
CA LEU B 264 -32.98 -29.59 -40.02
C LEU B 264 -33.80 -30.74 -39.47
N PHE B 265 -34.95 -30.41 -38.88
CA PHE B 265 -35.80 -31.42 -38.24
C PHE B 265 -37.22 -31.30 -38.75
N ASN B 266 -37.97 -32.39 -38.65
CA ASN B 266 -39.34 -32.43 -39.18
C ASN B 266 -40.36 -31.83 -38.21
N ASN B 267 -39.97 -31.70 -36.94
CA ASN B 267 -40.85 -31.11 -35.96
C ASN B 267 -40.05 -30.53 -34.79
N GLU B 268 -40.75 -29.87 -33.87
CA GLU B 268 -40.12 -29.24 -32.73
C GLU B 268 -39.62 -30.25 -31.72
N LYS B 269 -40.34 -31.35 -31.56
CA LYS B 269 -39.99 -32.38 -30.59
C LYS B 269 -38.64 -33.03 -30.90
N ALA B 270 -38.45 -33.41 -32.15
CA ALA B 270 -37.20 -34.04 -32.57
C ALA B 270 -36.04 -33.08 -32.41
N MET B 271 -36.30 -31.80 -32.68
CA MET B 271 -35.26 -30.77 -32.56
C MET B 271 -34.80 -30.67 -31.12
N LEU B 272 -35.75 -30.55 -30.20
CA LEU B 272 -35.45 -30.40 -28.78
C LEU B 272 -34.80 -31.64 -28.20
N SER B 273 -35.13 -32.81 -28.74
CA SER B 273 -34.48 -34.05 -28.28
C SER B 273 -33.01 -33.98 -28.67
N CYS B 274 -32.75 -33.53 -29.90
CA CYS B 274 -31.39 -33.39 -30.38
C CYS B 274 -30.65 -32.34 -29.57
N PHE B 275 -31.36 -31.28 -29.18
CA PHE B 275 -30.76 -30.21 -28.40
C PHE B 275 -30.25 -30.75 -27.08
N CYS B 276 -31.11 -31.45 -26.35
CA CYS B 276 -30.75 -32.07 -25.08
C CYS B 276 -29.56 -33.02 -25.21
N ALA B 277 -29.53 -33.81 -26.29
CA ALA B 277 -28.42 -34.75 -26.48
C ALA B 277 -27.09 -34.01 -26.71
N MET B 278 -27.16 -32.97 -27.53
CA MET B 278 -25.98 -32.17 -27.86
C MET B 278 -25.47 -31.46 -26.62
N LEU B 279 -26.40 -31.01 -25.78
CA LEU B 279 -26.08 -30.28 -24.57
C LEU B 279 -25.34 -31.21 -23.61
N LYS B 280 -25.84 -32.43 -23.46
CA LYS B 280 -25.23 -33.41 -22.58
C LYS B 280 -23.80 -33.69 -23.04
N VAL B 281 -23.60 -33.85 -24.34
CA VAL B 281 -22.28 -34.15 -24.88
C VAL B 281 -21.29 -32.99 -24.73
N GLU B 282 -21.76 -31.78 -24.99
CA GLU B 282 -20.96 -30.57 -24.87
C GLU B 282 -20.59 -30.38 -23.41
N ASP B 283 -21.58 -30.56 -22.55
CA ASP B 283 -21.39 -30.50 -21.11
C ASP B 283 -20.73 -29.18 -20.69
N PRO B 284 -21.38 -28.05 -21.03
CA PRO B 284 -20.81 -26.75 -20.69
C PRO B 284 -20.89 -26.45 -19.19
N ASP B 285 -19.97 -25.63 -18.71
CA ASP B 285 -19.99 -25.19 -17.32
C ASP B 285 -20.88 -23.96 -17.20
N VAL B 286 -20.95 -23.19 -18.28
CA VAL B 286 -21.72 -21.95 -18.28
C VAL B 286 -22.61 -21.87 -19.52
N ILE B 287 -23.88 -21.51 -19.31
CA ILE B 287 -24.79 -21.25 -20.42
C ILE B 287 -25.02 -19.75 -20.54
N ILE B 288 -24.48 -19.16 -21.61
CA ILE B 288 -24.59 -17.73 -21.85
C ILE B 288 -25.78 -17.42 -22.74
N GLY B 289 -26.45 -16.31 -22.47
CA GLY B 289 -27.53 -15.86 -23.33
C GLY B 289 -28.02 -14.47 -22.99
N HIS B 290 -29.09 -14.05 -23.64
CA HIS B 290 -29.65 -12.72 -23.44
C HIS B 290 -31.12 -12.84 -23.10
N ARG B 291 -31.47 -12.47 -21.87
CA ARG B 291 -32.83 -12.63 -21.36
C ARG B 291 -33.25 -14.09 -21.29
N LEU B 292 -32.32 -14.96 -20.93
CA LEU B 292 -32.64 -16.37 -20.69
C LEU B 292 -33.43 -16.52 -19.41
N GLN B 293 -32.92 -15.94 -18.34
CA GLN B 293 -33.45 -16.14 -17.00
C GLN B 293 -34.98 -16.04 -16.92
N ASN B 294 -35.55 -14.96 -17.43
CA ASN B 294 -36.99 -14.74 -17.32
C ASN B 294 -37.79 -14.76 -18.63
N VAL B 295 -37.14 -15.11 -19.74
CA VAL B 295 -37.84 -15.22 -21.01
C VAL B 295 -37.59 -16.55 -21.73
N TYR B 296 -36.43 -16.67 -22.35
CA TYR B 296 -36.15 -17.79 -23.24
C TYR B 296 -35.88 -19.12 -22.53
N LEU B 297 -35.31 -19.06 -21.33
CA LEU B 297 -35.07 -20.28 -20.56
C LEU B 297 -36.40 -20.88 -20.11
N ASP B 298 -37.34 -20.01 -19.73
CA ASP B 298 -38.67 -20.43 -19.34
C ASP B 298 -39.41 -21.09 -20.49
N VAL B 299 -39.35 -20.46 -21.66
CA VAL B 299 -39.97 -21.02 -22.86
C VAL B 299 -39.42 -22.42 -23.16
N LEU B 300 -38.10 -22.52 -23.19
CA LEU B 300 -37.42 -23.77 -23.50
C LEU B 300 -37.85 -24.90 -22.57
N ALA B 301 -37.88 -24.61 -21.27
CA ALA B 301 -38.29 -25.61 -20.29
C ALA B 301 -39.72 -26.06 -20.55
N HIS B 302 -40.61 -25.09 -20.68
CA HIS B 302 -42.02 -25.36 -20.89
C HIS B 302 -42.30 -26.13 -22.19
N ARG B 303 -41.46 -25.95 -23.20
CA ARG B 303 -41.60 -26.69 -24.45
C ARG B 303 -41.13 -28.13 -24.30
N MET B 304 -40.03 -28.33 -23.56
CA MET B 304 -39.53 -29.66 -23.29
C MET B 304 -40.56 -30.44 -22.48
N HIS B 305 -41.29 -29.73 -21.64
CA HIS B 305 -42.35 -30.30 -20.83
C HIS B 305 -43.54 -30.69 -21.70
N ASP B 306 -44.02 -29.70 -22.46
CA ASP B 306 -45.16 -29.86 -23.35
C ASP B 306 -44.95 -31.02 -24.33
N LEU B 307 -43.77 -31.06 -24.93
CA LEU B 307 -43.46 -32.08 -25.93
C LEU B 307 -42.90 -33.33 -25.28
N ASN B 308 -43.02 -33.41 -23.96
CA ASN B 308 -42.62 -34.59 -23.21
C ASN B 308 -41.22 -35.08 -23.57
N ILE B 309 -40.26 -34.15 -23.61
CA ILE B 309 -38.87 -34.49 -23.87
C ILE B 309 -38.26 -35.16 -22.65
N PRO B 310 -37.83 -36.42 -22.79
CA PRO B 310 -37.30 -37.21 -21.66
C PRO B 310 -35.93 -36.75 -21.17
N THR B 311 -35.11 -36.21 -22.08
CA THR B 311 -33.75 -35.82 -21.74
C THR B 311 -33.64 -34.34 -21.36
N PHE B 312 -34.72 -33.77 -20.85
CA PHE B 312 -34.77 -32.36 -20.53
C PHE B 312 -33.75 -31.95 -19.48
N SER B 313 -33.39 -32.89 -18.60
CA SER B 313 -32.58 -32.58 -17.44
C SER B 313 -31.13 -32.25 -17.78
N SER B 314 -30.75 -32.45 -19.05
CA SER B 314 -29.41 -32.09 -19.48
C SER B 314 -29.24 -30.58 -19.57
N ILE B 315 -30.32 -29.84 -19.34
CA ILE B 315 -30.20 -28.38 -19.24
C ILE B 315 -29.41 -28.04 -17.99
N GLY B 316 -29.42 -28.95 -17.02
CA GLY B 316 -28.58 -28.84 -15.85
C GLY B 316 -27.62 -30.01 -15.81
N ARG B 317 -27.05 -30.27 -14.64
CA ARG B 317 -26.10 -31.37 -14.48
C ARG B 317 -26.61 -32.50 -13.59
N ARG B 318 -27.76 -32.33 -12.96
CA ARG B 318 -28.36 -33.42 -12.21
C ARG B 318 -29.28 -34.19 -13.14
N LEU B 319 -29.30 -35.51 -12.99
CA LEU B 319 -30.17 -36.33 -13.83
C LEU B 319 -31.51 -36.54 -13.14
N ARG B 320 -32.58 -36.24 -13.87
CA ARG B 320 -33.94 -36.45 -13.38
C ARG B 320 -34.76 -37.09 -14.48
N ARG B 321 -35.58 -38.05 -14.09
CA ARG B 321 -36.50 -38.68 -15.03
C ARG B 321 -37.78 -37.89 -15.20
N THR B 322 -38.23 -37.24 -14.14
CA THR B 322 -39.50 -36.53 -14.15
C THR B 322 -39.37 -35.08 -13.73
N TRP B 323 -40.31 -34.27 -14.19
CA TRP B 323 -40.40 -32.87 -13.78
C TRP B 323 -40.95 -32.82 -12.36
N PRO B 324 -40.79 -31.67 -11.69
CA PRO B 324 -41.43 -31.49 -10.38
C PRO B 324 -42.95 -31.61 -10.49
N GLU B 325 -43.58 -32.14 -9.45
CA GLU B 325 -45.01 -32.44 -9.49
C GLU B 325 -45.84 -31.20 -9.81
N LYS B 326 -45.55 -30.11 -9.11
CA LYS B 326 -46.28 -28.85 -9.31
C LYS B 326 -45.66 -28.02 -10.43
N PHE B 327 -45.25 -28.67 -11.52
CA PHE B 327 -44.65 -27.98 -12.65
C PHE B 327 -45.63 -27.76 -13.80
N GLY B 328 -45.96 -26.50 -14.05
CA GLY B 328 -46.89 -26.15 -15.12
C GLY B 328 -48.28 -25.91 -14.58
N ARG B 329 -48.35 -25.44 -13.34
CA ARG B 329 -49.60 -25.13 -12.70
C ARG B 329 -50.03 -23.71 -13.07
N GLY B 330 -49.32 -23.11 -14.02
CA GLY B 330 -49.60 -21.74 -14.43
C GLY B 330 -49.02 -20.72 -13.48
N ASN B 331 -48.19 -21.16 -12.55
CA ASN B 331 -47.55 -20.27 -11.59
C ASN B 331 -46.18 -19.81 -12.09
N SER B 332 -46.18 -18.76 -12.90
CA SER B 332 -44.94 -18.22 -13.48
C SER B 332 -43.87 -17.93 -12.44
N ASN B 333 -44.29 -17.73 -11.19
CA ASN B 333 -43.35 -17.42 -10.11
C ASN B 333 -42.64 -18.67 -9.57
N MET B 334 -43.42 -19.72 -9.31
CA MET B 334 -42.88 -20.97 -8.77
C MET B 334 -42.14 -21.75 -9.86
N ASN B 335 -42.65 -21.67 -11.09
CA ASN B 335 -42.04 -22.33 -12.22
C ASN B 335 -40.59 -21.90 -12.38
N HIS B 336 -40.33 -20.60 -12.18
CA HIS B 336 -38.98 -20.08 -12.27
C HIS B 336 -38.05 -20.83 -11.33
N PHE B 337 -38.50 -21.08 -10.10
CA PHE B 337 -37.71 -21.81 -9.13
C PHE B 337 -37.39 -23.20 -9.65
N PHE B 338 -38.41 -23.88 -10.16
CA PHE B 338 -38.20 -25.21 -10.71
C PHE B 338 -37.13 -25.23 -11.80
N ILE B 339 -37.16 -24.24 -12.68
CA ILE B 339 -36.19 -24.16 -13.77
C ILE B 339 -34.76 -23.98 -13.26
N SER B 340 -34.59 -23.04 -12.34
CA SER B 340 -33.28 -22.77 -11.77
C SER B 340 -32.72 -24.02 -11.10
N ASP B 341 -33.59 -24.76 -10.43
CA ASP B 341 -33.19 -25.96 -9.72
C ASP B 341 -32.75 -27.05 -10.70
N ILE B 342 -33.50 -27.21 -11.77
CA ILE B 342 -33.20 -28.23 -12.77
C ILE B 342 -31.88 -27.92 -13.47
N CYS B 343 -31.56 -26.64 -13.61
CA CYS B 343 -30.32 -26.21 -14.25
C CYS B 343 -29.09 -26.35 -13.35
N SER B 344 -29.29 -26.47 -12.04
CA SER B 344 -28.19 -26.60 -11.09
C SER B 344 -27.03 -27.42 -11.64
N GLY B 345 -25.83 -26.84 -11.57
CA GLY B 345 -24.63 -27.49 -12.06
C GLY B 345 -24.07 -26.71 -13.24
N ARG B 346 -24.94 -26.00 -13.94
CA ARG B 346 -24.53 -25.17 -15.06
C ARG B 346 -24.88 -23.73 -14.72
N LEU B 347 -23.90 -22.83 -14.82
CA LEU B 347 -24.11 -21.43 -14.46
C LEU B 347 -24.82 -20.67 -15.57
N ILE B 348 -25.88 -19.95 -15.22
CA ILE B 348 -26.62 -19.16 -16.20
C ILE B 348 -26.07 -17.74 -16.27
N CYS B 349 -25.36 -17.45 -17.36
CA CYS B 349 -24.75 -16.15 -17.55
C CYS B 349 -25.63 -15.28 -18.44
N ASP B 350 -26.62 -14.63 -17.83
CA ASP B 350 -27.54 -13.76 -18.55
C ASP B 350 -27.05 -12.32 -18.50
N ILE B 351 -26.68 -11.79 -19.66
CA ILE B 351 -26.16 -10.43 -19.76
C ILE B 351 -27.24 -9.36 -19.60
N ALA B 352 -28.50 -9.76 -19.71
CA ALA B 352 -29.60 -8.80 -19.64
C ALA B 352 -30.46 -9.02 -18.40
N ASN B 353 -29.91 -9.68 -17.40
CA ASN B 353 -30.58 -9.83 -16.11
C ASN B 353 -30.20 -8.70 -15.17
N GLU B 354 -30.76 -8.70 -13.97
CA GLU B 354 -30.50 -7.62 -13.02
C GLU B 354 -29.01 -7.35 -12.85
N MET B 355 -28.22 -8.43 -12.78
CA MET B 355 -26.77 -8.31 -12.63
C MET B 355 -26.12 -7.71 -13.87
N GLY B 356 -26.43 -8.29 -15.02
CA GLY B 356 -25.86 -7.84 -16.29
C GLY B 356 -26.12 -6.37 -16.55
N GLN B 357 -27.32 -5.91 -16.23
CA GLN B 357 -27.68 -4.52 -16.46
C GLN B 357 -26.79 -3.59 -15.64
N SER B 358 -26.46 -4.00 -14.43
CA SER B 358 -25.65 -3.18 -13.53
C SER B 358 -24.27 -2.88 -14.11
N LEU B 359 -23.78 -3.76 -14.99
CA LEU B 359 -22.47 -3.57 -15.59
C LEU B 359 -22.55 -2.81 -16.92
N THR B 360 -23.75 -2.57 -17.39
CA THR B 360 -23.96 -1.84 -18.63
C THR B 360 -24.95 -0.70 -18.40
N PRO B 361 -24.58 0.23 -17.50
CA PRO B 361 -25.44 1.37 -17.15
C PRO B 361 -25.63 2.35 -18.30
N LYS B 362 -24.73 2.35 -19.27
CA LYS B 362 -24.88 3.21 -20.44
C LYS B 362 -25.96 2.70 -21.39
N CYS B 363 -26.49 1.51 -21.09
CA CYS B 363 -27.61 0.98 -21.86
C CYS B 363 -28.93 1.48 -21.27
N GLN B 364 -29.96 1.51 -22.09
CA GLN B 364 -31.27 2.00 -21.66
C GLN B 364 -32.38 0.97 -21.85
N SER B 365 -32.31 0.23 -22.95
CA SER B 365 -33.26 -0.84 -23.22
C SER B 365 -32.66 -2.21 -22.92
N TRP B 366 -31.34 -2.32 -23.09
CA TRP B 366 -30.66 -3.59 -22.95
C TRP B 366 -31.07 -4.61 -24.01
N ASP B 367 -31.44 -4.10 -25.19
CA ASP B 367 -31.69 -4.97 -26.33
C ASP B 367 -30.35 -5.46 -26.83
N LEU B 368 -30.31 -6.67 -27.35
CA LEU B 368 -29.04 -7.31 -27.70
C LEU B 368 -28.18 -6.40 -28.58
N SER B 369 -28.79 -5.84 -29.63
CA SER B 369 -28.09 -4.96 -30.55
C SER B 369 -27.56 -3.74 -29.82
N GLU B 370 -28.36 -3.21 -28.92
CA GLU B 370 -27.99 -2.02 -28.17
C GLU B 370 -26.78 -2.32 -27.31
N MET B 371 -26.83 -3.44 -26.60
CA MET B 371 -25.73 -3.84 -25.73
C MET B 371 -24.43 -4.02 -26.53
N TYR B 372 -24.54 -4.60 -27.72
CA TYR B 372 -23.37 -4.86 -28.55
C TYR B 372 -22.71 -3.55 -28.98
N GLN B 373 -23.52 -2.57 -29.35
CA GLN B 373 -23.01 -1.26 -29.76
C GLN B 373 -22.32 -0.54 -28.60
N VAL B 374 -23.03 -0.43 -27.48
CA VAL B 374 -22.54 0.27 -26.30
C VAL B 374 -21.23 -0.30 -25.77
N THR B 375 -21.15 -1.63 -25.70
CA THR B 375 -20.04 -2.29 -25.04
C THR B 375 -18.84 -2.55 -25.96
N CYS B 376 -19.11 -2.83 -27.23
CA CYS B 376 -18.05 -3.19 -28.17
C CYS B 376 -17.81 -2.13 -29.24
N GLU B 377 -18.67 -1.11 -29.28
CA GLU B 377 -18.57 -0.06 -30.29
C GLU B 377 -18.55 -0.65 -31.69
N LYS B 378 -19.52 -1.53 -31.95
CA LYS B 378 -19.68 -2.16 -33.25
C LYS B 378 -21.15 -2.12 -33.60
N GLU B 379 -21.47 -1.99 -34.88
CA GLU B 379 -22.85 -1.78 -35.30
C GLU B 379 -23.52 -3.05 -35.80
N HIS B 380 -24.75 -3.29 -35.35
CA HIS B 380 -25.55 -4.39 -35.85
C HIS B 380 -27.00 -3.93 -36.01
N LYS B 381 -27.54 -4.13 -37.22
CA LYS B 381 -28.93 -3.75 -37.48
C LYS B 381 -29.82 -4.95 -37.20
N PRO B 382 -30.66 -4.85 -36.15
CA PRO B 382 -31.47 -6.00 -35.77
C PRO B 382 -32.56 -6.30 -36.79
N LEU B 383 -32.69 -7.57 -37.17
CA LEU B 383 -33.74 -8.00 -38.09
C LEU B 383 -34.94 -8.46 -37.28
N ASP B 384 -36.11 -7.93 -37.60
CA ASP B 384 -37.33 -8.33 -36.91
C ASP B 384 -37.87 -9.57 -37.60
N ILE B 385 -37.62 -10.73 -36.99
CA ILE B 385 -38.05 -12.00 -37.56
C ILE B 385 -39.40 -12.41 -37.00
N ASP B 386 -40.38 -12.56 -37.88
CA ASP B 386 -41.70 -13.04 -37.50
C ASP B 386 -42.05 -14.27 -38.34
N TYR B 387 -41.93 -15.45 -37.74
CA TYR B 387 -42.11 -16.70 -38.45
C TYR B 387 -43.57 -16.98 -38.84
N GLN B 388 -44.48 -16.16 -38.34
CA GLN B 388 -45.88 -16.27 -38.74
C GLN B 388 -46.04 -15.80 -40.19
N ASN B 389 -45.09 -14.98 -40.63
CA ASN B 389 -45.08 -14.49 -42.00
C ASN B 389 -45.01 -15.66 -42.98
N PRO B 390 -45.84 -15.62 -44.03
CA PRO B 390 -45.91 -16.77 -44.95
C PRO B 390 -44.64 -16.96 -45.79
N GLN B 391 -43.85 -15.90 -45.91
CA GLN B 391 -42.64 -15.94 -46.73
C GLN B 391 -41.68 -17.03 -46.29
N TYR B 392 -41.68 -17.31 -44.99
CA TYR B 392 -40.73 -18.24 -44.40
C TYR B 392 -40.98 -19.70 -44.75
N GLN B 393 -42.17 -20.02 -45.26
CA GLN B 393 -42.49 -21.41 -45.57
C GLN B 393 -41.87 -21.87 -46.88
N ASN B 394 -41.89 -21.02 -47.90
CA ASN B 394 -41.38 -21.39 -49.22
C ASN B 394 -40.17 -20.58 -49.67
N ASP B 395 -39.85 -19.51 -48.95
CA ASP B 395 -38.72 -18.67 -49.35
C ASP B 395 -37.47 -19.10 -48.59
N VAL B 396 -36.66 -19.90 -49.28
CA VAL B 396 -35.44 -20.45 -48.72
C VAL B 396 -34.46 -19.37 -48.28
N ASN B 397 -34.45 -18.25 -49.00
CA ASN B 397 -33.56 -17.14 -48.67
C ASN B 397 -34.05 -16.36 -47.46
N SER B 398 -35.36 -16.35 -47.24
CA SER B 398 -35.93 -15.71 -46.08
C SER B 398 -35.55 -16.49 -44.83
N MET B 399 -35.80 -17.79 -44.87
CA MET B 399 -35.44 -18.68 -43.78
C MET B 399 -33.95 -18.57 -43.49
N THR B 400 -33.14 -18.54 -44.54
CA THR B 400 -31.69 -18.42 -44.38
C THR B 400 -31.28 -17.11 -43.73
N MET B 401 -31.96 -16.02 -44.08
CA MET B 401 -31.66 -14.72 -43.49
C MET B 401 -32.00 -14.70 -42.01
N ALA B 402 -33.09 -15.37 -41.64
CA ALA B 402 -33.53 -15.42 -40.26
C ALA B 402 -32.55 -16.25 -39.42
N LEU B 403 -32.10 -17.36 -39.98
CA LEU B 403 -31.16 -18.23 -39.29
C LEU B 403 -29.82 -17.52 -39.12
N GLN B 404 -29.45 -16.72 -40.11
CA GLN B 404 -28.23 -15.93 -40.03
C GLN B 404 -28.36 -14.89 -38.92
N GLU B 405 -29.54 -14.31 -38.78
CA GLU B 405 -29.80 -13.35 -37.71
C GLU B 405 -29.64 -14.01 -36.35
N ASN B 406 -30.18 -15.21 -36.19
CA ASN B 406 -30.10 -15.92 -34.92
C ASN B 406 -28.65 -16.25 -34.55
N ILE B 407 -27.88 -16.73 -35.52
CA ILE B 407 -26.47 -17.05 -35.33
C ILE B 407 -25.71 -15.82 -34.86
N THR B 408 -25.95 -14.70 -35.53
CA THR B 408 -25.29 -13.45 -35.21
C THR B 408 -25.58 -13.10 -33.75
N ASN B 409 -26.86 -13.16 -33.38
CA ASN B 409 -27.29 -12.88 -32.01
C ASN B 409 -26.57 -13.74 -30.98
N CYS B 410 -26.40 -15.03 -31.26
CA CYS B 410 -25.69 -15.90 -30.34
C CYS B 410 -24.24 -15.44 -30.14
N MET B 411 -23.58 -15.11 -31.24
CA MET B 411 -22.18 -14.69 -31.19
C MET B 411 -22.05 -13.35 -30.47
N ILE B 412 -23.07 -12.51 -30.63
CA ILE B 412 -23.08 -11.20 -30.00
C ILE B 412 -23.24 -11.37 -28.49
N SER B 413 -24.15 -12.24 -28.09
CA SER B 413 -24.43 -12.47 -26.68
C SER B 413 -23.16 -12.89 -25.97
N ALA B 414 -22.46 -13.85 -26.57
CA ALA B 414 -21.23 -14.34 -25.97
C ALA B 414 -20.18 -13.24 -25.87
N GLU B 415 -19.95 -12.53 -26.97
CA GLU B 415 -18.90 -11.52 -27.02
C GLU B 415 -19.14 -10.42 -25.98
N VAL B 416 -20.40 -10.04 -25.82
CA VAL B 416 -20.79 -9.02 -24.84
C VAL B 416 -20.52 -9.52 -23.43
N SER B 417 -20.93 -10.74 -23.15
CA SER B 417 -20.76 -11.33 -21.82
C SER B 417 -19.30 -11.35 -21.42
N TYR B 418 -18.41 -11.60 -22.39
CA TYR B 418 -16.98 -11.63 -22.12
C TYR B 418 -16.42 -10.22 -21.96
N ARG B 419 -16.92 -9.30 -22.78
CA ARG B 419 -16.42 -7.93 -22.80
C ARG B 419 -16.74 -7.20 -21.50
N ILE B 420 -17.96 -7.38 -21.00
CA ILE B 420 -18.37 -6.73 -19.76
C ILE B 420 -17.83 -7.50 -18.54
N GLN B 421 -17.22 -8.65 -18.80
CA GLN B 421 -16.54 -9.41 -17.74
C GLN B 421 -17.49 -9.76 -16.60
N LEU B 422 -18.67 -10.25 -16.96
CA LEU B 422 -19.71 -10.59 -16.00
C LEU B 422 -19.29 -11.76 -15.09
N LEU B 423 -18.60 -12.73 -15.67
CA LEU B 423 -18.19 -13.93 -14.94
C LEU B 423 -17.18 -13.59 -13.85
N THR B 424 -16.11 -12.90 -14.22
CA THR B 424 -15.07 -12.55 -13.25
C THR B 424 -15.62 -11.74 -12.09
N LEU B 425 -16.40 -10.71 -12.38
CA LEU B 425 -16.93 -9.85 -11.32
C LEU B 425 -17.85 -10.61 -10.36
N THR B 426 -18.75 -11.43 -10.91
CA THR B 426 -19.67 -12.18 -10.05
C THR B 426 -18.91 -13.21 -9.22
N LYS B 427 -17.84 -13.76 -9.79
CA LYS B 427 -17.01 -14.73 -9.08
C LYS B 427 -16.35 -14.06 -7.88
N GLN B 428 -15.80 -12.88 -8.11
CA GLN B 428 -15.12 -12.12 -7.08
C GLN B 428 -16.10 -11.79 -5.95
N LEU B 429 -17.30 -11.38 -6.32
CA LEU B 429 -18.31 -10.99 -5.35
C LEU B 429 -18.71 -12.20 -4.51
N THR B 430 -18.72 -13.37 -5.15
CA THR B 430 -19.08 -14.60 -4.46
C THR B 430 -18.01 -15.02 -3.43
N ASN B 431 -16.75 -14.91 -3.82
CA ASN B 431 -15.63 -15.23 -2.94
C ASN B 431 -15.58 -14.25 -1.76
N LEU B 432 -15.98 -13.01 -2.03
CA LEU B 432 -16.00 -11.98 -1.00
C LEU B 432 -17.13 -12.20 0.02
N ALA B 433 -18.29 -12.58 -0.47
CA ALA B 433 -19.44 -12.78 0.41
C ALA B 433 -19.50 -14.22 0.94
N GLY B 434 -18.91 -15.14 0.21
CA GLY B 434 -18.89 -16.55 0.59
C GLY B 434 -20.20 -17.28 0.34
N ASN B 435 -20.99 -16.80 -0.62
CA ASN B 435 -22.25 -17.43 -0.99
C ASN B 435 -22.03 -18.31 -2.22
N ALA B 436 -23.11 -18.64 -2.91
CA ALA B 436 -23.03 -19.44 -4.13
C ALA B 436 -22.92 -18.56 -5.37
N TRP B 437 -22.05 -18.95 -6.29
CA TRP B 437 -21.87 -18.23 -7.55
C TRP B 437 -23.21 -18.06 -8.27
N ALA B 438 -24.01 -19.11 -8.27
CA ALA B 438 -25.33 -19.09 -8.92
C ALA B 438 -26.18 -17.90 -8.47
N GLN B 439 -26.24 -17.66 -7.17
CA GLN B 439 -27.02 -16.55 -6.64
C GLN B 439 -26.58 -15.23 -7.25
N THR B 440 -25.27 -15.00 -7.22
CA THR B 440 -24.66 -13.79 -7.74
C THR B 440 -24.98 -13.56 -9.22
N LEU B 441 -24.84 -14.60 -10.02
CA LEU B 441 -25.08 -14.51 -11.46
C LEU B 441 -26.51 -14.10 -11.76
N GLY B 442 -27.37 -14.20 -10.75
CA GLY B 442 -28.77 -13.82 -10.90
C GLY B 442 -28.73 -12.32 -10.70
N GLY B 443 -28.00 -11.93 -9.66
CA GLY B 443 -27.81 -10.54 -9.30
C GLY B 443 -28.62 -10.19 -8.06
N THR B 444 -28.39 -10.93 -7.00
CA THR B 444 -29.08 -10.68 -5.75
C THR B 444 -28.18 -9.91 -4.80
N ARG B 445 -28.77 -9.25 -3.81
CA ARG B 445 -27.98 -8.52 -2.81
C ARG B 445 -28.05 -9.17 -1.43
N ALA B 446 -29.21 -9.69 -1.07
CA ALA B 446 -29.33 -10.35 0.23
C ALA B 446 -28.94 -11.81 0.08
N GLY B 447 -28.17 -12.05 -0.98
CA GLY B 447 -27.58 -13.33 -1.27
C GLY B 447 -26.20 -13.12 -0.67
N ARG B 448 -25.58 -12.03 -1.13
CA ARG B 448 -24.25 -11.64 -0.71
C ARG B 448 -24.19 -10.76 0.54
N ASN B 449 -25.34 -10.25 0.97
CA ASN B 449 -25.38 -9.40 2.16
C ASN B 449 -25.63 -10.21 3.43
N GLU B 450 -26.10 -11.44 3.26
CA GLU B 450 -26.39 -12.27 4.41
C GLU B 450 -25.21 -13.20 4.68
N TYR B 451 -24.58 -13.70 3.62
CA TYR B 451 -23.47 -14.63 3.79
C TYR B 451 -22.20 -13.99 4.34
N ILE B 452 -21.75 -12.90 3.74
CA ILE B 452 -20.55 -12.23 4.23
C ILE B 452 -20.60 -12.10 5.75
N LEU B 453 -21.80 -11.87 6.26
CA LEU B 453 -22.01 -11.70 7.70
C LEU B 453 -22.10 -13.05 8.41
N LEU B 454 -22.70 -14.05 7.78
CA LEU B 454 -22.75 -15.36 8.41
C LEU B 454 -21.33 -15.89 8.61
N HIS B 455 -20.43 -15.57 7.68
CA HIS B 455 -19.05 -16.03 7.71
C HIS B 455 -18.20 -15.22 8.68
N GLU B 456 -18.46 -13.91 8.74
CA GLU B 456 -17.68 -13.05 9.61
C GLU B 456 -17.99 -13.35 11.06
N PHE B 457 -19.28 -13.38 11.37
CA PHE B 457 -19.73 -13.60 12.74
C PHE B 457 -19.47 -15.03 13.20
N SER B 458 -19.69 -16.01 12.32
CA SER B 458 -19.44 -17.40 12.68
C SER B 458 -17.96 -17.65 12.94
N ARG B 459 -17.08 -17.02 12.16
CA ARG B 459 -15.64 -17.18 12.35
C ARG B 459 -15.20 -16.57 13.68
N ASN B 460 -15.91 -15.57 14.15
CA ASN B 460 -15.59 -14.91 15.41
C ASN B 460 -16.43 -15.43 16.58
N GLY B 461 -16.95 -16.64 16.44
CA GLY B 461 -17.59 -17.33 17.54
C GLY B 461 -18.96 -16.79 17.93
N PHE B 462 -19.65 -16.16 16.99
CA PHE B 462 -20.99 -15.63 17.23
C PHE B 462 -22.06 -16.55 16.66
N ILE B 463 -23.21 -16.57 17.34
CA ILE B 463 -24.39 -17.24 16.83
C ILE B 463 -25.14 -16.28 15.93
N VAL B 464 -25.48 -16.75 14.72
CA VAL B 464 -26.16 -15.90 13.74
C VAL B 464 -27.67 -16.10 13.84
N PRO B 465 -28.44 -15.09 13.43
CA PRO B 465 -29.90 -15.20 13.48
C PRO B 465 -30.41 -16.29 12.54
N ASP B 466 -31.52 -16.92 12.91
CA ASP B 466 -32.18 -17.89 12.05
C ASP B 466 -32.98 -17.15 10.98
N LYS B 467 -33.24 -17.81 9.86
CA LYS B 467 -34.00 -17.20 8.78
C LYS B 467 -35.43 -17.76 8.73
N VAL B 500 -31.27 15.09 1.61
CA VAL B 500 -31.70 15.31 0.23
C VAL B 500 -32.00 16.79 -0.02
N PHE B 501 -31.48 17.31 -1.13
CA PHE B 501 -31.60 18.73 -1.47
C PHE B 501 -32.44 18.91 -2.74
N GLU B 502 -33.52 19.67 -2.62
CA GLU B 502 -34.37 19.97 -3.77
C GLU B 502 -33.51 20.50 -4.90
N PRO B 503 -33.75 20.01 -6.14
CA PRO B 503 -32.92 20.40 -7.28
C PRO B 503 -33.15 21.84 -7.72
N GLU B 504 -32.10 22.49 -8.20
CA GLU B 504 -32.20 23.83 -8.77
C GLU B 504 -32.51 23.69 -10.26
N LYS B 505 -33.81 23.65 -10.57
CA LYS B 505 -34.26 23.37 -11.93
C LYS B 505 -33.92 24.52 -12.88
N GLY B 506 -33.28 24.18 -14.00
CA GLY B 506 -32.93 25.14 -15.02
C GLY B 506 -31.66 24.75 -15.73
N LEU B 507 -31.22 25.59 -16.67
CA LEU B 507 -29.97 25.37 -17.37
C LEU B 507 -28.79 25.90 -16.57
N HIS B 508 -27.72 25.11 -16.51
CA HIS B 508 -26.51 25.50 -15.79
C HIS B 508 -25.36 25.61 -16.77
N LYS B 509 -24.91 26.85 -17.01
CA LYS B 509 -23.93 27.12 -18.05
C LYS B 509 -22.51 26.75 -17.61
N ASN B 510 -22.27 26.83 -16.31
CA ASN B 510 -20.94 26.52 -15.77
C ASN B 510 -20.76 25.04 -15.50
N TYR B 511 -19.52 24.59 -15.56
CA TYR B 511 -19.19 23.19 -15.30
C TYR B 511 -19.77 22.72 -13.97
N VAL B 512 -20.54 21.64 -14.02
CA VAL B 512 -21.08 21.03 -12.81
C VAL B 512 -20.39 19.69 -12.55
N LEU B 513 -19.92 19.50 -11.33
CA LEU B 513 -19.24 18.27 -10.96
C LEU B 513 -20.13 17.43 -10.05
N VAL B 514 -20.34 16.18 -10.45
CA VAL B 514 -21.05 15.22 -9.62
C VAL B 514 -20.07 14.63 -8.62
N MET B 515 -20.32 14.81 -7.33
CA MET B 515 -19.41 14.27 -6.33
C MET B 515 -19.95 12.99 -5.71
N ASP B 516 -19.13 11.96 -5.82
CA ASP B 516 -19.40 10.62 -5.36
C ASP B 516 -18.81 10.49 -3.93
N PHE B 517 -19.70 10.18 -3.00
CA PHE B 517 -19.51 9.95 -1.57
C PHE B 517 -19.33 8.45 -1.43
N ASN B 518 -18.32 7.97 -2.13
CA ASN B 518 -17.99 6.57 -2.23
C ASN B 518 -18.08 5.80 -0.94
N SER B 519 -19.24 5.16 -0.76
CA SER B 519 -19.44 4.38 0.45
C SER B 519 -19.70 5.22 1.70
N LEU B 520 -20.62 6.18 1.60
CA LEU B 520 -20.95 7.09 2.70
C LEU B 520 -21.45 6.26 3.88
N TYR B 521 -22.39 5.36 3.68
CA TYR B 521 -22.96 4.61 4.79
C TYR B 521 -21.88 3.77 5.50
N PRO B 522 -21.06 3.04 4.73
CA PRO B 522 -19.98 2.25 5.33
C PRO B 522 -19.04 3.13 6.15
N SER B 523 -18.70 4.30 5.61
CA SER B 523 -17.82 5.23 6.30
C SER B 523 -18.41 5.67 7.63
N ILE B 524 -19.73 5.84 7.67
CA ILE B 524 -20.39 6.22 8.92
C ILE B 524 -20.29 5.10 9.94
N ILE B 525 -20.50 3.86 9.49
CA ILE B 525 -20.44 2.70 10.36
C ILE B 525 -19.03 2.43 10.89
N GLN B 526 -18.04 2.77 10.09
CA GLN B 526 -16.64 2.53 10.46
C GLN B 526 -16.10 3.64 11.36
N GLU B 527 -16.54 4.87 11.11
CA GLU B 527 -16.06 6.03 11.84
C GLU B 527 -16.59 6.03 13.26
N PHE B 528 -17.91 5.86 13.37
CA PHE B 528 -18.58 5.88 14.66
C PHE B 528 -18.61 4.50 15.30
N ASN B 529 -18.06 3.51 14.59
CA ASN B 529 -17.95 2.16 15.12
C ASN B 529 -19.33 1.55 15.38
N ILE B 530 -20.18 1.57 14.37
CA ILE B 530 -21.52 1.01 14.48
C ILE B 530 -21.51 -0.47 14.19
N CYS B 531 -22.00 -1.26 15.14
CA CYS B 531 -22.05 -2.70 14.99
C CYS B 531 -23.15 -3.29 15.85
N PHE B 532 -23.49 -4.55 15.58
CA PHE B 532 -24.44 -5.26 16.41
C PHE B 532 -23.81 -5.49 17.77
N THR B 533 -22.48 -5.52 17.81
CA THR B 533 -21.73 -5.80 19.03
C THR B 533 -21.40 -4.55 19.84
N THR B 534 -21.57 -3.37 19.25
CA THR B 534 -21.11 -2.14 19.90
C THR B 534 -22.22 -1.19 20.31
N VAL B 535 -23.35 -1.22 19.59
CA VAL B 535 -24.42 -0.26 19.84
C VAL B 535 -25.45 -0.80 20.84
N ASP B 536 -25.44 -0.24 22.04
CA ASP B 536 -26.46 -0.59 23.03
C ASP B 536 -27.83 -0.09 22.59
N ARG B 537 -28.74 -1.03 22.38
CA ARG B 537 -30.07 -0.71 21.86
C ARG B 537 -31.14 -1.48 22.61
N ASN B 538 -32.36 -0.95 22.60
CA ASN B 538 -33.48 -1.61 23.24
C ASN B 538 -34.11 -2.62 22.30
N LYS B 539 -33.88 -3.90 22.57
CA LYS B 539 -34.34 -4.98 21.69
C LYS B 539 -35.82 -5.26 21.88
N GLU B 540 -36.41 -4.67 22.92
CA GLU B 540 -37.86 -4.72 23.09
C GLU B 540 -38.51 -3.69 22.17
N ASP B 541 -38.00 -2.47 22.23
CA ASP B 541 -38.50 -1.39 21.37
C ASP B 541 -37.51 -1.05 20.27
N ILE B 542 -37.76 -1.56 19.07
CA ILE B 542 -36.88 -1.32 17.92
C ILE B 542 -37.05 0.10 17.37
N ASP B 543 -38.14 0.75 17.74
CA ASP B 543 -38.41 2.11 17.28
C ASP B 543 -37.69 3.13 18.16
N GLU B 544 -37.08 2.65 19.24
CA GLU B 544 -36.30 3.51 20.10
C GLU B 544 -34.96 3.82 19.45
N LEU B 545 -34.63 5.09 19.34
CA LEU B 545 -33.36 5.50 18.75
C LEU B 545 -32.25 5.29 19.77
N PRO B 546 -31.22 4.53 19.39
CA PRO B 546 -30.09 4.31 20.32
C PRO B 546 -29.03 5.39 20.15
N SER B 547 -27.95 5.29 20.91
CA SER B 547 -26.87 6.26 20.82
C SER B 547 -25.63 5.60 20.24
N VAL B 548 -24.77 6.42 19.66
CA VAL B 548 -23.50 5.93 19.12
C VAL B 548 -22.61 5.48 20.28
N PRO B 549 -21.80 4.43 20.07
CA PRO B 549 -20.96 3.98 21.18
C PRO B 549 -19.87 5.00 21.51
N PRO B 550 -19.42 5.02 22.77
CA PRO B 550 -18.34 5.92 23.19
C PRO B 550 -16.99 5.49 22.61
N SER B 551 -16.11 6.46 22.37
CA SER B 551 -14.79 6.20 21.79
C SER B 551 -14.06 5.06 22.49
N GLU B 552 -14.42 4.80 23.75
CA GLU B 552 -13.77 3.77 24.55
C GLU B 552 -14.02 2.36 23.99
N VAL B 553 -15.21 2.13 23.47
CA VAL B 553 -15.59 0.81 22.95
C VAL B 553 -14.68 0.34 21.82
N ASP B 554 -14.24 -0.92 21.92
CA ASP B 554 -13.35 -1.52 20.92
C ASP B 554 -14.06 -1.68 19.58
N GLN B 555 -13.27 -1.72 18.51
CA GLN B 555 -13.80 -1.88 17.16
C GLN B 555 -14.70 -3.12 17.08
N GLY B 556 -15.90 -2.91 16.52
CA GLY B 556 -16.86 -3.99 16.36
C GLY B 556 -16.53 -4.92 15.20
N VAL B 557 -17.34 -5.94 15.03
CA VAL B 557 -17.13 -6.93 13.97
C VAL B 557 -17.34 -6.33 12.59
N LEU B 558 -18.52 -5.72 12.42
CA LEU B 558 -18.94 -5.16 11.15
C LEU B 558 -17.98 -4.08 10.67
N PRO B 559 -17.69 -3.09 11.53
CA PRO B 559 -16.73 -2.04 11.15
C PRO B 559 -15.33 -2.56 10.86
N ARG B 560 -14.89 -3.62 11.54
CA ARG B 560 -13.57 -4.18 11.26
C ARG B 560 -13.51 -4.78 9.86
N LEU B 561 -14.55 -5.53 9.49
CA LEU B 561 -14.64 -6.10 8.16
C LEU B 561 -14.59 -4.98 7.14
N LEU B 562 -15.35 -3.92 7.38
CA LEU B 562 -15.38 -2.78 6.48
C LEU B 562 -13.98 -2.19 6.32
N ALA B 563 -13.26 -2.03 7.42
CA ALA B 563 -11.92 -1.45 7.39
C ALA B 563 -11.02 -2.29 6.52
N ASN B 564 -11.15 -3.61 6.65
CA ASN B 564 -10.35 -4.55 5.86
C ASN B 564 -10.64 -4.39 4.37
N LEU B 565 -11.91 -4.26 4.02
CA LEU B 565 -12.32 -4.06 2.64
C LEU B 565 -11.77 -2.76 2.06
N VAL B 566 -11.78 -1.70 2.87
CA VAL B 566 -11.29 -0.40 2.44
C VAL B 566 -9.78 -0.45 2.17
N ASP B 567 -9.06 -1.13 3.06
CA ASP B 567 -7.62 -1.26 2.93
C ASP B 567 -7.30 -2.00 1.63
N ARG B 568 -8.02 -3.09 1.39
CA ARG B 568 -7.83 -3.88 0.20
C ARG B 568 -8.05 -3.05 -1.06
N ARG B 569 -9.12 -2.24 -1.06
CA ARG B 569 -9.42 -1.39 -2.21
C ARG B 569 -8.28 -0.41 -2.46
N ARG B 570 -7.70 0.11 -1.37
CA ARG B 570 -6.57 1.03 -1.47
C ARG B 570 -5.38 0.34 -2.13
N GLU B 571 -5.05 -0.86 -1.67
CA GLU B 571 -3.93 -1.63 -2.21
C GLU B 571 -4.10 -1.84 -3.71
N VAL B 572 -5.35 -2.09 -4.11
CA VAL B 572 -5.69 -2.30 -5.51
C VAL B 572 -5.42 -1.02 -6.31
N LYS B 573 -5.83 0.11 -5.75
CA LYS B 573 -5.65 1.39 -6.40
C LYS B 573 -4.16 1.69 -6.58
N LYS B 574 -3.37 1.31 -5.56
CA LYS B 574 -1.92 1.51 -5.60
C LYS B 574 -1.30 0.72 -6.74
N VAL B 575 -1.75 -0.52 -6.91
CA VAL B 575 -1.26 -1.33 -8.01
C VAL B 575 -1.64 -0.71 -9.35
N MET B 576 -2.82 -0.10 -9.41
CA MET B 576 -3.27 0.55 -10.63
C MET B 576 -2.39 1.72 -11.03
N LYS B 577 -2.04 2.56 -10.06
CA LYS B 577 -1.19 3.72 -10.32
C LYS B 577 0.11 3.39 -11.03
N THR B 578 0.74 2.29 -10.65
CA THR B 578 2.02 1.89 -11.24
C THR B 578 1.79 1.05 -12.49
N GLU B 579 0.89 0.09 -12.37
CA GLU B 579 0.58 -0.82 -13.48
C GLU B 579 0.59 -0.12 -14.83
N THR B 580 1.28 -0.74 -15.78
CA THR B 580 1.40 -0.20 -17.13
C THR B 580 0.64 -1.08 -18.12
N ASP B 581 0.58 -2.38 -17.82
CA ASP B 581 -0.11 -3.33 -18.69
C ASP B 581 -1.61 -3.02 -18.71
N PRO B 582 -2.13 -2.62 -19.88
CA PRO B 582 -3.56 -2.32 -20.06
C PRO B 582 -4.46 -3.44 -19.53
N HIS B 583 -3.95 -4.67 -19.62
CA HIS B 583 -4.70 -5.84 -19.18
C HIS B 583 -4.85 -5.86 -17.67
N LYS B 584 -3.71 -5.89 -16.96
CA LYS B 584 -3.73 -5.91 -15.51
C LYS B 584 -4.49 -4.71 -14.94
N ARG B 585 -4.38 -3.56 -15.60
CA ARG B 585 -5.07 -2.37 -15.16
C ARG B 585 -6.58 -2.60 -15.14
N VAL B 586 -7.15 -2.98 -16.28
CA VAL B 586 -8.59 -3.24 -16.34
C VAL B 586 -9.01 -4.26 -15.27
N GLN B 587 -8.19 -5.29 -15.10
CA GLN B 587 -8.46 -6.32 -14.10
C GLN B 587 -8.53 -5.70 -12.71
N CYS B 588 -7.62 -4.78 -12.43
CA CYS B 588 -7.59 -4.08 -11.14
C CYS B 588 -8.91 -3.36 -10.95
N ASP B 589 -9.42 -2.77 -12.04
CA ASP B 589 -10.69 -2.09 -11.97
C ASP B 589 -11.77 -3.05 -11.51
N ILE B 590 -11.75 -4.27 -12.03
CA ILE B 590 -12.74 -5.25 -11.58
C ILE B 590 -12.58 -5.61 -10.10
N ARG B 591 -11.37 -5.84 -9.64
CA ARG B 591 -11.11 -6.19 -8.24
C ARG B 591 -11.66 -5.14 -7.26
N GLN B 592 -11.34 -3.87 -7.53
CA GLN B 592 -11.77 -2.79 -6.67
C GLN B 592 -13.28 -2.62 -6.77
N GLN B 593 -13.83 -2.88 -7.96
CA GLN B 593 -15.27 -2.81 -8.14
C GLN B 593 -15.98 -3.83 -7.25
N ALA B 594 -15.45 -5.04 -7.19
CA ALA B 594 -16.06 -6.09 -6.38
C ALA B 594 -16.02 -5.68 -4.91
N LEU B 595 -14.88 -5.13 -4.49
CA LEU B 595 -14.74 -4.69 -3.11
C LEU B 595 -15.67 -3.52 -2.76
N LYS B 596 -15.84 -2.60 -3.71
CA LYS B 596 -16.69 -1.43 -3.53
C LYS B 596 -18.15 -1.85 -3.39
N LEU B 597 -18.57 -2.79 -4.23
CA LEU B 597 -19.94 -3.29 -4.24
C LEU B 597 -20.20 -4.04 -2.94
N THR B 598 -19.17 -4.75 -2.48
CA THR B 598 -19.28 -5.53 -1.24
C THR B 598 -19.47 -4.58 -0.06
N ALA B 599 -18.72 -3.50 -0.04
CA ALA B 599 -18.79 -2.52 1.05
C ALA B 599 -20.11 -1.73 0.98
N ASN B 600 -20.56 -1.46 -0.24
CA ASN B 600 -21.76 -0.66 -0.46
C ASN B 600 -23.04 -1.46 -0.30
N SER B 601 -22.90 -2.75 -0.02
CA SER B 601 -24.04 -3.61 0.15
C SER B 601 -24.18 -4.01 1.61
N MET B 602 -23.25 -3.52 2.43
CA MET B 602 -23.24 -3.84 3.84
C MET B 602 -24.43 -3.22 4.57
N TYR B 603 -24.87 -2.05 4.13
CA TYR B 603 -25.98 -1.37 4.77
C TYR B 603 -27.26 -2.21 4.72
N GLY B 604 -27.55 -2.74 3.53
CA GLY B 604 -28.74 -3.55 3.34
C GLY B 604 -28.88 -4.63 4.40
N CYS B 605 -27.76 -5.03 4.96
CA CYS B 605 -27.73 -6.06 5.99
C CYS B 605 -28.60 -5.69 7.17
N LEU B 606 -28.42 -4.45 7.65
CA LEU B 606 -29.16 -3.94 8.80
C LEU B 606 -30.30 -3.02 8.39
N GLY B 607 -30.33 -2.63 7.12
CA GLY B 607 -31.25 -1.61 6.64
C GLY B 607 -32.53 -2.13 6.01
N TYR B 608 -32.46 -3.26 5.31
CA TYR B 608 -33.65 -3.81 4.67
C TYR B 608 -34.52 -4.64 5.62
N VAL B 609 -35.82 -4.35 5.61
CA VAL B 609 -36.75 -4.86 6.60
C VAL B 609 -36.75 -6.39 6.66
N ASN B 610 -36.62 -7.01 5.49
CA ASN B 610 -36.66 -8.48 5.41
C ASN B 610 -35.27 -9.09 5.40
N SER B 611 -34.29 -8.34 5.91
CA SER B 611 -32.94 -8.86 6.01
C SER B 611 -32.78 -9.75 7.24
N ARG B 612 -31.95 -10.78 7.10
CA ARG B 612 -31.66 -11.69 8.20
C ARG B 612 -31.00 -10.94 9.35
N PHE B 613 -30.28 -9.87 9.01
CA PHE B 613 -29.56 -9.08 10.00
C PHE B 613 -30.20 -7.72 10.25
N TYR B 614 -31.46 -7.59 9.87
CA TYR B 614 -32.17 -6.32 10.03
C TYR B 614 -32.11 -5.85 11.48
N ALA B 615 -31.81 -4.56 11.66
CA ALA B 615 -31.81 -3.96 12.98
C ALA B 615 -32.22 -2.51 12.87
N LYS B 616 -33.48 -2.23 13.17
CA LYS B 616 -34.05 -0.90 12.99
C LYS B 616 -33.31 0.18 13.77
N PRO B 617 -32.89 -0.12 15.02
CA PRO B 617 -32.17 0.92 15.75
C PRO B 617 -30.84 1.30 15.08
N LEU B 618 -30.18 0.34 14.46
CA LEU B 618 -28.90 0.59 13.79
C LEU B 618 -29.10 1.32 12.46
N ALA B 619 -30.14 0.93 11.73
CA ALA B 619 -30.45 1.57 10.46
C ALA B 619 -30.76 3.04 10.69
N MET B 620 -31.61 3.30 11.67
CA MET B 620 -32.01 4.65 12.03
C MET B 620 -30.82 5.49 12.46
N LEU B 621 -29.97 4.92 13.32
CA LEU B 621 -28.78 5.64 13.78
C LEU B 621 -27.90 6.10 12.61
N VAL B 622 -27.66 5.19 11.67
CA VAL B 622 -26.82 5.50 10.52
C VAL B 622 -27.49 6.53 9.62
N THR B 623 -28.81 6.43 9.46
CA THR B 623 -29.54 7.33 8.58
C THR B 623 -29.46 8.76 9.09
N ASN B 624 -29.63 8.91 10.40
CA ASN B 624 -29.61 10.22 11.02
C ASN B 624 -28.24 10.85 10.85
N LYS B 625 -27.19 10.04 11.04
CA LYS B 625 -25.84 10.53 10.79
C LYS B 625 -25.60 10.89 9.33
N GLY B 626 -26.26 10.18 8.42
CA GLY B 626 -26.18 10.52 7.01
C GLY B 626 -26.84 11.86 6.73
N ARG B 627 -27.88 12.17 7.50
CA ARG B 627 -28.56 13.45 7.36
C ARG B 627 -27.67 14.60 7.85
N GLU B 628 -26.98 14.38 8.97
CA GLU B 628 -26.07 15.38 9.51
C GLU B 628 -24.94 15.67 8.52
N ILE B 629 -24.28 14.61 8.07
CA ILE B 629 -23.16 14.70 7.16
C ILE B 629 -23.51 15.44 5.86
N LEU B 630 -24.67 15.12 5.29
CA LEU B 630 -25.09 15.79 4.06
C LEU B 630 -25.32 17.29 4.28
N MET B 631 -25.93 17.63 5.41
CA MET B 631 -26.18 19.03 5.73
C MET B 631 -24.86 19.81 5.82
N ASN B 632 -23.90 19.23 6.52
CA ASN B 632 -22.60 19.86 6.69
C ASN B 632 -21.86 19.97 5.36
N THR B 633 -22.05 18.99 4.50
CA THR B 633 -21.41 19.02 3.17
C THR B 633 -21.91 20.21 2.41
N ARG B 634 -23.22 20.46 2.49
CA ARG B 634 -23.81 21.61 1.82
C ARG B 634 -23.17 22.89 2.35
N GLN B 635 -23.04 23.00 3.67
CA GLN B 635 -22.40 24.16 4.26
C GLN B 635 -20.96 24.36 3.76
N LEU B 636 -20.23 23.26 3.59
CA LEU B 636 -18.86 23.33 3.11
C LEU B 636 -18.79 23.86 1.68
N ALA B 637 -19.70 23.40 0.84
CA ALA B 637 -19.74 23.85 -0.55
C ALA B 637 -20.01 25.34 -0.63
N GLU B 638 -21.04 25.79 0.09
CA GLU B 638 -21.41 27.20 0.15
C GLU B 638 -20.27 28.05 0.69
N SER B 639 -19.51 27.50 1.62
CA SER B 639 -18.37 28.23 2.19
C SER B 639 -17.34 28.52 1.11
N MET B 640 -17.29 27.66 0.09
CA MET B 640 -16.44 27.87 -1.07
C MET B 640 -17.18 28.65 -2.17
N ASN B 641 -18.29 29.27 -1.79
CA ASN B 641 -19.09 30.03 -2.76
C ASN B 641 -19.67 29.16 -3.88
N LEU B 642 -19.71 27.86 -3.64
CA LEU B 642 -20.30 26.92 -4.60
C LEU B 642 -21.77 26.71 -4.30
N LEU B 643 -22.52 26.29 -5.31
CA LEU B 643 -23.93 26.00 -5.14
C LEU B 643 -24.26 24.53 -5.35
N VAL B 644 -25.02 23.95 -4.41
CA VAL B 644 -25.44 22.58 -4.56
C VAL B 644 -26.67 22.58 -5.46
N VAL B 645 -26.48 22.13 -6.70
CA VAL B 645 -27.56 22.11 -7.68
C VAL B 645 -28.55 21.00 -7.32
N TYR B 646 -28.02 19.92 -6.78
CA TYR B 646 -28.83 18.81 -6.29
C TYR B 646 -27.97 17.97 -5.35
N GLY B 647 -28.61 17.18 -4.49
CA GLY B 647 -27.87 16.27 -3.64
C GLY B 647 -28.71 15.20 -2.97
N ASP B 648 -28.07 14.07 -2.66
CA ASP B 648 -28.71 12.99 -1.93
C ASP B 648 -27.64 12.15 -1.25
N THR B 649 -28.05 11.01 -0.69
CA THR B 649 -27.13 10.18 0.08
C THR B 649 -26.05 9.54 -0.80
N ASP B 650 -26.29 9.46 -2.10
CA ASP B 650 -25.34 8.83 -3.01
C ASP B 650 -24.35 9.83 -3.62
N SER B 651 -24.83 11.02 -3.94
CA SER B 651 -23.99 12.02 -4.60
C SER B 651 -24.47 13.46 -4.36
N VAL B 652 -23.58 14.41 -4.57
CA VAL B 652 -23.90 15.83 -4.48
C VAL B 652 -23.32 16.58 -5.67
N MET B 653 -24.18 17.22 -6.46
CA MET B 653 -23.75 17.94 -7.65
C MET B 653 -23.55 19.43 -7.33
N ILE B 654 -22.38 19.95 -7.69
CA ILE B 654 -21.99 21.32 -7.37
C ILE B 654 -21.61 22.15 -8.59
N ASP B 655 -22.20 23.34 -8.69
CA ASP B 655 -21.83 24.28 -9.73
C ASP B 655 -20.53 24.97 -9.34
N THR B 656 -19.49 24.79 -10.15
CA THR B 656 -18.18 25.34 -9.84
C THR B 656 -18.11 26.84 -10.14
N GLY B 657 -19.01 27.30 -11.00
CA GLY B 657 -19.03 28.71 -11.40
C GLY B 657 -17.99 29.01 -12.45
N CYS B 658 -17.38 27.97 -13.01
CA CYS B 658 -16.33 28.12 -14.00
C CYS B 658 -16.83 27.71 -15.38
N ASP B 659 -16.11 28.13 -16.42
CA ASP B 659 -16.44 27.76 -17.79
C ASP B 659 -15.25 27.04 -18.41
N ASN B 660 -14.40 26.50 -17.56
CA ASN B 660 -13.17 25.84 -17.99
C ASN B 660 -13.02 24.50 -17.29
N TYR B 661 -12.60 23.48 -18.02
CA TYR B 661 -12.42 22.14 -17.45
C TYR B 661 -11.36 22.17 -16.34
N ALA B 662 -10.22 22.79 -16.64
CA ALA B 662 -9.13 22.88 -15.67
C ALA B 662 -9.55 23.58 -14.38
N ASP B 663 -10.12 24.78 -14.51
CA ASP B 663 -10.51 25.57 -13.36
C ASP B 663 -11.54 24.82 -12.53
N ALA B 664 -12.38 24.06 -13.22
CA ALA B 664 -13.45 23.32 -12.57
C ALA B 664 -12.87 22.17 -11.77
N ILE B 665 -11.88 21.49 -12.34
CA ILE B 665 -11.24 20.37 -11.67
C ILE B 665 -10.52 20.81 -10.42
N LYS B 666 -9.85 21.96 -10.48
CA LYS B 666 -9.20 22.49 -9.30
C LYS B 666 -10.22 22.76 -8.21
N ILE B 667 -11.37 23.32 -8.60
CA ILE B 667 -12.45 23.54 -7.64
C ILE B 667 -12.89 22.21 -7.00
N GLY B 668 -13.08 21.19 -7.82
CA GLY B 668 -13.54 19.89 -7.36
C GLY B 668 -12.59 19.23 -6.39
N LEU B 669 -11.29 19.38 -6.65
CA LEU B 669 -10.25 18.80 -5.81
C LEU B 669 -10.16 19.53 -4.48
N GLY B 670 -10.29 20.85 -4.51
CA GLY B 670 -10.28 21.64 -3.30
C GLY B 670 -11.44 21.25 -2.41
N PHE B 671 -12.58 20.97 -3.02
CA PHE B 671 -13.77 20.57 -2.29
C PHE B 671 -13.59 19.18 -1.68
N LYS B 672 -13.00 18.27 -2.45
CA LYS B 672 -12.74 16.92 -1.99
C LYS B 672 -11.85 16.93 -0.74
N ARG B 673 -10.76 17.68 -0.81
CA ARG B 673 -9.82 17.80 0.30
C ARG B 673 -10.54 18.37 1.51
N LEU B 674 -11.33 19.42 1.28
CA LEU B 674 -12.04 20.08 2.35
C LEU B 674 -12.94 19.11 3.11
N VAL B 675 -13.69 18.29 2.38
CA VAL B 675 -14.60 17.33 3.00
C VAL B 675 -13.83 16.26 3.78
N ASN B 676 -12.71 15.80 3.23
CA ASN B 676 -11.93 14.77 3.88
C ASN B 676 -11.29 15.24 5.18
N GLU B 677 -10.91 16.52 5.22
CA GLU B 677 -10.35 17.10 6.44
C GLU B 677 -11.41 17.10 7.54
N ARG B 678 -12.66 17.23 7.15
CA ARG B 678 -13.76 17.23 8.11
C ARG B 678 -14.18 15.81 8.49
N TYR B 679 -14.08 14.90 7.53
CA TYR B 679 -14.44 13.51 7.74
C TYR B 679 -13.34 12.62 7.16
N ARG B 680 -12.29 12.42 7.95
CA ARG B 680 -11.08 11.73 7.50
C ARG B 680 -11.28 10.31 6.98
N LEU B 681 -12.31 9.61 7.42
CA LEU B 681 -12.58 8.26 6.92
C LEU B 681 -13.58 8.28 5.76
N LEU B 682 -14.13 9.47 5.46
CA LEU B 682 -15.04 9.64 4.34
C LEU B 682 -14.30 10.22 3.14
N GLU B 683 -14.09 9.41 2.12
CA GLU B 683 -13.37 9.83 0.93
C GLU B 683 -14.27 9.98 -0.29
N ILE B 684 -14.61 11.23 -0.63
CA ILE B 684 -15.41 11.50 -1.81
C ILE B 684 -14.48 11.81 -2.99
N ASP B 685 -14.99 11.66 -4.22
CA ASP B 685 -14.21 11.93 -5.41
C ASP B 685 -15.05 12.47 -6.56
N ILE B 686 -14.40 13.02 -7.57
CA ILE B 686 -15.10 13.54 -8.75
C ILE B 686 -15.49 12.38 -9.67
N ASP B 687 -16.80 12.17 -9.81
CA ASP B 687 -17.34 11.04 -10.55
C ASP B 687 -17.75 11.42 -11.98
N ASN B 688 -18.32 12.60 -12.13
CA ASN B 688 -18.85 13.04 -13.43
C ASN B 688 -18.68 14.54 -13.65
N VAL B 689 -18.16 14.89 -14.83
CA VAL B 689 -17.97 16.30 -15.18
C VAL B 689 -18.96 16.73 -16.25
N PHE B 690 -19.84 17.66 -15.91
CA PHE B 690 -20.82 18.19 -16.86
C PHE B 690 -20.43 19.59 -17.32
N LYS B 691 -19.97 19.72 -18.56
CA LYS B 691 -19.68 21.03 -19.13
C LYS B 691 -20.94 21.90 -19.02
N LYS B 692 -22.08 21.31 -19.34
CA LYS B 692 -23.36 21.98 -19.18
C LYS B 692 -24.36 21.02 -18.53
N LEU B 693 -25.36 21.57 -17.84
CA LEU B 693 -26.35 20.75 -17.17
C LEU B 693 -27.74 21.40 -17.17
N LEU B 694 -28.67 20.76 -17.86
CA LEU B 694 -30.07 21.13 -17.78
C LEU B 694 -30.80 20.21 -16.80
N LEU B 695 -31.03 20.71 -15.59
CA LEU B 695 -31.65 19.90 -14.55
C LEU B 695 -33.15 20.17 -14.50
N HIS B 696 -33.94 19.11 -14.40
CA HIS B 696 -35.40 19.23 -14.48
C HIS B 696 -36.08 18.65 -13.24
N ALA B 697 -35.54 17.56 -12.72
CA ALA B 697 -36.04 16.97 -11.48
C ALA B 697 -34.97 16.11 -10.83
N LYS B 698 -35.31 15.47 -9.72
CA LYS B 698 -34.36 14.68 -8.96
C LYS B 698 -33.46 13.84 -9.86
N LYS B 699 -34.08 12.98 -10.65
CA LYS B 699 -33.33 12.05 -11.49
C LYS B 699 -33.72 12.25 -12.95
N LYS B 700 -34.00 13.50 -13.30
CA LYS B 700 -34.42 13.85 -14.65
C LYS B 700 -33.61 15.06 -15.13
N TYR B 701 -32.65 14.80 -16.01
CA TYR B 701 -31.79 15.87 -16.52
C TYR B 701 -31.11 15.49 -17.82
N ALA B 702 -30.59 16.49 -18.53
CA ALA B 702 -29.73 16.28 -19.68
C ALA B 702 -28.43 17.03 -19.41
N ALA B 703 -27.32 16.52 -19.93
CA ALA B 703 -26.03 17.15 -19.63
C ALA B 703 -24.95 16.79 -20.65
N LEU B 704 -23.86 17.56 -20.67
CA LEU B 704 -22.74 17.29 -21.56
C LEU B 704 -21.57 16.77 -20.74
N THR B 705 -21.37 15.46 -20.73
CA THR B 705 -20.28 14.87 -19.97
C THR B 705 -18.94 15.03 -20.69
N VAL B 706 -17.88 15.25 -19.92
CA VAL B 706 -16.53 15.43 -20.49
C VAL B 706 -15.59 14.26 -20.22
N ASN B 707 -15.06 13.68 -21.28
CA ASN B 707 -14.13 12.56 -21.17
C ASN B 707 -12.75 12.94 -21.69
N THR B 715 -13.31 15.14 -24.32
CA THR B 715 -14.35 15.03 -25.33
C THR B 715 -15.73 15.14 -24.70
N THR B 716 -16.65 15.84 -25.38
CA THR B 716 -17.99 16.03 -24.85
C THR B 716 -18.98 14.98 -25.37
N VAL B 717 -19.93 14.60 -24.52
CA VAL B 717 -20.95 13.62 -24.86
C VAL B 717 -22.26 13.93 -24.14
N LEU B 718 -23.37 13.72 -24.84
CA LEU B 718 -24.69 13.95 -24.26
C LEU B 718 -25.14 12.78 -23.38
N GLU B 719 -25.71 13.11 -22.22
CA GLU B 719 -26.20 12.12 -21.27
C GLU B 719 -27.58 12.56 -20.80
N VAL B 720 -28.53 11.64 -20.84
CA VAL B 720 -29.91 11.94 -20.46
C VAL B 720 -30.44 10.89 -19.51
N LYS B 721 -31.11 11.34 -18.45
CA LYS B 721 -31.73 10.45 -17.47
C LYS B 721 -33.14 10.94 -17.19
N GLY B 722 -34.13 10.06 -17.33
CA GLY B 722 -35.46 10.35 -16.81
C GLY B 722 -36.38 11.22 -17.64
N LEU B 723 -35.86 11.81 -18.71
CA LEU B 723 -36.67 12.70 -19.55
C LEU B 723 -37.63 11.93 -20.43
N ASP B 724 -38.62 12.62 -20.98
CA ASP B 724 -39.61 12.01 -21.86
C ASP B 724 -38.94 11.22 -22.98
N MET B 725 -37.74 11.69 -23.35
CA MET B 725 -36.98 11.09 -24.45
C MET B 725 -36.50 9.68 -24.14
N LYS B 726 -36.68 9.24 -22.89
CA LYS B 726 -36.20 7.93 -22.46
C LYS B 726 -37.34 6.91 -22.27
N ARG B 727 -38.58 7.40 -22.28
CA ARG B 727 -39.74 6.53 -22.07
C ARG B 727 -40.15 5.79 -23.33
N ARG B 728 -40.82 4.65 -23.16
CA ARG B 728 -41.33 3.87 -24.28
C ARG B 728 -42.41 4.64 -25.04
N GLU B 729 -43.24 5.34 -24.28
CA GLU B 729 -44.44 5.98 -24.82
C GLU B 729 -44.16 7.12 -25.81
N PHE B 730 -42.90 7.53 -25.93
CA PHE B 730 -42.54 8.56 -26.90
C PHE B 730 -41.75 7.97 -28.06
N CYS B 731 -42.15 8.34 -29.27
CA CYS B 731 -41.64 7.71 -30.49
C CYS B 731 -40.23 8.19 -30.87
N PRO B 732 -39.54 7.44 -31.73
CA PRO B 732 -38.21 7.78 -32.21
C PRO B 732 -38.13 9.18 -32.83
N LEU B 733 -39.20 9.63 -33.47
CA LEU B 733 -39.23 11.00 -33.98
C LEU B 733 -39.17 11.97 -32.82
N SER B 734 -39.99 11.73 -31.81
CA SER B 734 -40.02 12.56 -30.61
C SER B 734 -38.66 12.54 -29.93
N ARG B 735 -38.02 11.37 -29.92
CA ARG B 735 -36.69 11.23 -29.33
C ARG B 735 -35.64 11.97 -30.14
N ASP B 736 -35.83 12.02 -31.46
CA ASP B 736 -34.88 12.68 -32.34
C ASP B 736 -34.96 14.19 -32.15
N VAL B 737 -36.18 14.68 -31.94
CA VAL B 737 -36.43 16.09 -31.70
C VAL B 737 -35.83 16.48 -30.36
N SER B 738 -36.06 15.66 -29.35
CA SER B 738 -35.54 15.90 -28.01
C SER B 738 -34.02 15.97 -28.04
N ILE B 739 -33.41 15.04 -28.75
CA ILE B 739 -31.95 14.97 -28.83
C ILE B 739 -31.35 16.20 -29.49
N HIS B 740 -31.87 16.58 -30.64
CA HIS B 740 -31.34 17.74 -31.37
C HIS B 740 -31.51 19.03 -30.57
N VAL B 741 -32.70 19.21 -30.01
CA VAL B 741 -33.02 20.40 -29.23
C VAL B 741 -32.04 20.56 -28.10
N LEU B 742 -31.86 19.50 -27.33
CA LEU B 742 -30.91 19.49 -26.22
C LEU B 742 -29.51 19.86 -26.69
N ASN B 743 -29.03 19.14 -27.70
CA ASN B 743 -27.71 19.39 -28.28
C ASN B 743 -27.46 20.87 -28.55
N THR B 744 -28.46 21.55 -29.10
CA THR B 744 -28.33 22.97 -29.42
C THR B 744 -28.39 23.84 -28.16
N ILE B 745 -29.25 23.49 -27.23
CA ILE B 745 -29.41 24.24 -25.99
C ILE B 745 -28.16 24.15 -25.13
N LEU B 746 -27.58 22.94 -25.06
CA LEU B 746 -26.37 22.72 -24.29
C LEU B 746 -25.13 23.16 -25.08
N SER B 747 -25.34 23.69 -26.28
CA SER B 747 -24.26 24.21 -27.09
C SER B 747 -23.66 25.48 -26.48
N ASP B 748 -22.48 25.86 -26.95
CA ASP B 748 -21.78 27.03 -26.43
C ASP B 748 -22.22 28.32 -27.12
N LYS B 749 -22.89 28.19 -28.26
CA LYS B 749 -23.35 29.36 -29.02
C LYS B 749 -24.37 30.18 -28.23
N ASP B 750 -24.38 31.49 -28.50
CA ASP B 750 -25.23 32.43 -27.75
C ASP B 750 -26.69 31.96 -27.66
N PRO B 751 -27.34 32.26 -26.51
CA PRO B 751 -28.68 31.77 -26.14
C PRO B 751 -29.84 32.19 -27.04
N GLU B 752 -29.81 33.39 -27.61
CA GLU B 752 -30.87 33.78 -28.54
C GLU B 752 -30.73 33.05 -29.87
N GLU B 753 -29.48 32.84 -30.30
CA GLU B 753 -29.21 32.09 -31.51
C GLU B 753 -29.61 30.62 -31.33
N ALA B 754 -29.39 30.10 -30.12
CA ALA B 754 -29.73 28.72 -29.81
C ALA B 754 -31.26 28.50 -29.81
N LEU B 755 -31.98 29.40 -29.15
CA LEU B 755 -33.44 29.28 -29.09
C LEU B 755 -34.08 29.56 -30.44
N GLN B 756 -33.44 30.40 -31.24
CA GLN B 756 -33.94 30.70 -32.57
C GLN B 756 -33.68 29.51 -33.49
N GLU B 757 -32.55 28.86 -33.30
CA GLU B 757 -32.22 27.64 -34.03
C GLU B 757 -33.23 26.54 -33.69
N VAL B 758 -33.64 26.52 -32.42
CA VAL B 758 -34.65 25.56 -31.97
C VAL B 758 -35.98 25.79 -32.66
N TYR B 759 -36.46 27.04 -32.68
CA TYR B 759 -37.72 27.34 -33.35
C TYR B 759 -37.63 27.05 -34.84
N ASP B 760 -36.47 27.35 -35.42
CA ASP B 760 -36.24 27.14 -36.85
C ASP B 760 -36.23 25.64 -37.19
N TYR B 761 -35.77 24.85 -36.23
CA TYR B 761 -35.75 23.40 -36.38
C TYR B 761 -37.17 22.86 -36.36
N LEU B 762 -37.93 23.29 -35.37
CA LEU B 762 -39.31 22.83 -35.16
C LEU B 762 -40.26 23.16 -36.31
N GLU B 763 -40.20 24.38 -36.83
CA GLU B 763 -41.02 24.76 -37.97
C GLU B 763 -40.86 23.77 -39.13
N ASP B 764 -39.60 23.47 -39.44
CA ASP B 764 -39.25 22.57 -40.54
C ASP B 764 -39.72 21.16 -40.28
N ILE B 765 -39.56 20.69 -39.05
CA ILE B 765 -40.00 19.35 -38.68
C ILE B 765 -41.51 19.24 -38.83
N ARG B 766 -42.19 20.30 -38.43
CA ARG B 766 -43.65 20.35 -38.48
C ARG B 766 -44.13 20.20 -39.90
N ILE B 767 -43.47 20.89 -40.82
CA ILE B 767 -43.85 20.78 -42.22
C ILE B 767 -43.64 19.34 -42.69
N LYS B 768 -42.52 18.75 -42.29
CA LYS B 768 -42.23 17.36 -42.67
C LYS B 768 -43.29 16.38 -42.13
N VAL B 769 -43.84 16.69 -40.96
CA VAL B 769 -44.87 15.84 -40.35
C VAL B 769 -46.22 15.98 -41.05
N GLU B 770 -46.63 17.22 -41.29
CA GLU B 770 -47.90 17.52 -41.94
C GLU B 770 -47.99 16.93 -43.35
N THR B 771 -46.88 17.00 -44.09
CA THR B 771 -46.81 16.46 -45.44
C THR B 771 -46.53 14.95 -45.43
N ASN B 772 -46.38 14.39 -44.23
CA ASN B 772 -46.11 12.97 -44.08
C ASN B 772 -44.86 12.53 -44.84
N ASN B 773 -43.76 13.26 -44.65
CA ASN B 773 -42.52 12.96 -45.32
C ASN B 773 -41.48 12.33 -44.40
N ILE B 774 -41.95 11.77 -43.29
CA ILE B 774 -41.08 11.06 -42.35
C ILE B 774 -41.45 9.57 -42.33
N ARG B 775 -40.44 8.71 -42.20
CA ARG B 775 -40.67 7.28 -42.17
C ARG B 775 -41.70 6.94 -41.09
N ILE B 776 -42.56 5.96 -41.38
CA ILE B 776 -43.61 5.58 -40.45
C ILE B 776 -43.02 4.90 -39.22
N ASP B 777 -41.82 4.32 -39.40
CA ASP B 777 -41.12 3.67 -38.29
C ASP B 777 -40.91 4.63 -37.13
N LYS B 778 -40.63 5.89 -37.46
CA LYS B 778 -40.33 6.90 -36.44
C LYS B 778 -41.55 7.33 -35.62
N TYR B 779 -42.74 6.89 -36.02
CA TYR B 779 -43.97 7.25 -35.31
C TYR B 779 -44.41 6.14 -34.35
N LYS B 780 -43.65 5.06 -34.28
CA LYS B 780 -44.06 3.91 -33.48
C LYS B 780 -43.99 4.15 -31.97
N ILE B 781 -45.01 3.68 -31.26
CA ILE B 781 -45.12 3.89 -29.82
C ILE B 781 -45.34 2.56 -29.10
N ASN B 782 -44.43 2.21 -28.21
CA ASN B 782 -44.52 0.95 -27.48
C ASN B 782 -45.11 1.18 -26.08
N MET B 783 -45.87 0.20 -25.61
CA MET B 783 -46.48 0.27 -24.28
C MET B 783 -46.76 -1.13 -23.75
N LYS B 784 -46.16 -1.46 -22.61
CA LYS B 784 -46.30 -2.79 -22.03
C LYS B 784 -47.57 -2.89 -21.19
N VAL B 819 -46.35 -6.33 -25.10
CA VAL B 819 -46.00 -4.96 -25.50
C VAL B 819 -46.69 -4.59 -26.81
N ILE B 820 -47.42 -3.49 -26.79
CA ILE B 820 -48.18 -3.05 -27.96
C ILE B 820 -47.43 -1.93 -28.69
N THR B 821 -47.14 -2.14 -29.96
CA THR B 821 -46.54 -1.09 -30.79
C THR B 821 -47.60 -0.54 -31.72
N PHE B 822 -47.88 0.75 -31.62
CA PHE B 822 -48.95 1.37 -32.40
C PHE B 822 -48.62 2.78 -32.87
N VAL B 823 -49.47 3.26 -33.79
CA VAL B 823 -49.37 4.61 -34.34
C VAL B 823 -50.77 5.21 -34.39
N ILE B 824 -50.88 6.46 -33.99
CA ILE B 824 -52.15 7.19 -34.05
C ILE B 824 -52.38 7.69 -35.47
N THR B 825 -53.54 7.38 -36.04
CA THR B 825 -53.82 7.73 -37.43
C THR B 825 -54.84 8.86 -37.51
N LYS B 826 -55.09 9.32 -38.73
CA LYS B 826 -55.98 10.46 -38.96
C LYS B 826 -57.36 9.99 -39.42
N LEU B 839 -64.44 10.83 -34.05
CA LEU B 839 -63.21 10.04 -34.00
C LEU B 839 -62.47 10.29 -32.70
N SER B 840 -61.86 9.24 -32.15
CA SER B 840 -61.12 9.33 -30.89
C SER B 840 -59.66 8.93 -31.07
N VAL B 841 -58.81 9.44 -30.19
CA VAL B 841 -57.38 9.13 -30.22
C VAL B 841 -57.13 7.63 -30.06
N ALA B 842 -57.78 7.03 -29.06
CA ALA B 842 -57.62 5.60 -28.82
C ALA B 842 -58.17 4.79 -29.99
N GLU B 843 -59.29 5.25 -30.55
CA GLU B 843 -59.93 4.58 -31.68
C GLU B 843 -59.07 4.64 -32.94
N ARG B 844 -58.34 5.75 -33.11
CA ARG B 844 -57.49 5.94 -34.28
C ARG B 844 -56.15 5.23 -34.16
N ALA B 845 -55.90 4.58 -33.02
CA ALA B 845 -54.66 3.84 -32.82
C ALA B 845 -54.69 2.50 -33.56
N HIS B 846 -53.58 2.19 -34.23
CA HIS B 846 -53.48 0.91 -34.96
C HIS B 846 -52.10 0.29 -34.78
N ALA B 847 -52.04 -1.05 -34.82
CA ALA B 847 -50.77 -1.75 -34.70
C ALA B 847 -49.80 -1.25 -35.76
N LEU B 848 -48.55 -1.03 -35.37
CA LEU B 848 -47.55 -0.50 -36.30
C LEU B 848 -47.50 -1.33 -37.58
N ASN B 849 -47.41 -2.65 -37.42
CA ASN B 849 -47.32 -3.55 -38.57
C ASN B 849 -48.46 -3.39 -39.57
N GLU B 850 -49.66 -3.16 -39.06
CA GLU B 850 -50.81 -2.88 -39.91
C GLU B 850 -50.60 -1.57 -40.66
N VAL B 851 -50.18 -0.55 -39.92
CA VAL B 851 -49.90 0.77 -40.50
C VAL B 851 -48.75 0.74 -41.50
N MET B 852 -47.85 -0.22 -41.34
CA MET B 852 -46.66 -0.30 -42.18
C MET B 852 -47.04 -0.67 -43.61
N ILE B 853 -48.18 -1.32 -43.76
CA ILE B 853 -48.67 -1.70 -45.09
C ILE B 853 -49.23 -0.47 -45.79
N LYS B 854 -48.45 0.04 -46.74
CA LYS B 854 -48.73 1.31 -47.40
C LYS B 854 -50.09 1.33 -48.12
N SER B 855 -50.66 0.15 -48.36
CA SER B 855 -51.92 0.04 -49.09
C SER B 855 -53.16 0.20 -48.20
N ASN B 856 -52.98 0.22 -46.89
CA ASN B 856 -54.09 0.40 -45.97
C ASN B 856 -54.53 1.86 -45.87
N ASN B 857 -53.74 2.77 -46.43
CA ASN B 857 -54.04 4.19 -46.37
C ASN B 857 -54.21 4.68 -44.94
N LEU B 858 -53.28 4.31 -44.08
CA LEU B 858 -53.27 4.75 -42.69
C LEU B 858 -52.10 5.69 -42.43
N ILE B 859 -52.35 7.00 -42.59
CA ILE B 859 -51.31 7.99 -42.33
C ILE B 859 -51.39 8.50 -40.88
N PRO B 860 -50.23 8.85 -40.30
CA PRO B 860 -50.20 9.34 -38.92
C PRO B 860 -50.95 10.67 -38.76
N ASP B 861 -51.57 10.88 -37.61
CA ASP B 861 -52.29 12.12 -37.34
C ASP B 861 -51.30 13.22 -36.95
N PRO B 862 -51.14 14.23 -37.82
CA PRO B 862 -50.18 15.32 -37.55
C PRO B 862 -50.51 16.09 -36.27
N GLN B 863 -51.77 16.35 -36.03
CA GLN B 863 -52.21 17.08 -34.83
C GLN B 863 -51.65 16.45 -33.56
N TYR B 864 -51.82 15.13 -33.44
CA TYR B 864 -51.40 14.43 -32.23
C TYR B 864 -49.89 14.45 -32.05
N TYR B 865 -49.16 14.11 -33.10
CA TYR B 865 -47.71 13.97 -33.01
C TYR B 865 -47.00 15.32 -32.82
N LEU B 866 -47.60 16.38 -33.32
CA LEU B 866 -47.02 17.71 -33.16
C LEU B 866 -47.36 18.27 -31.79
N GLU B 867 -48.54 17.92 -31.28
CA GLU B 867 -48.97 18.39 -29.97
C GLU B 867 -48.39 17.54 -28.83
N LYS B 868 -48.85 16.31 -28.70
CA LYS B 868 -48.48 15.47 -27.56
C LYS B 868 -47.09 14.83 -27.65
N GLN B 869 -46.55 14.69 -28.86
CA GLN B 869 -45.27 13.99 -29.03
C GLN B 869 -44.10 14.93 -29.34
N ILE B 870 -44.40 16.11 -29.88
CA ILE B 870 -43.34 17.08 -30.20
C ILE B 870 -43.44 18.34 -29.34
N PHE B 871 -44.63 18.89 -29.21
CA PHE B 871 -44.78 20.13 -28.45
C PHE B 871 -44.57 19.91 -26.95
N ALA B 872 -45.47 19.18 -26.31
CA ALA B 872 -45.42 19.00 -24.85
C ALA B 872 -44.04 18.67 -24.31
N PRO B 873 -43.36 17.68 -24.92
CA PRO B 873 -42.04 17.28 -24.41
C PRO B 873 -41.04 18.44 -24.46
N VAL B 874 -41.09 19.23 -25.52
CA VAL B 874 -40.21 20.38 -25.66
C VAL B 874 -40.58 21.49 -24.67
N GLU B 875 -41.89 21.67 -24.46
CA GLU B 875 -42.40 22.65 -23.52
C GLU B 875 -41.85 22.36 -22.13
N ARG B 876 -41.63 21.08 -21.85
CA ARG B 876 -41.02 20.71 -20.58
C ARG B 876 -39.50 20.84 -20.62
N LEU B 877 -38.90 20.51 -21.74
CA LEU B 877 -37.45 20.63 -21.91
C LEU B 877 -36.97 22.08 -21.79
N LEU B 878 -37.76 23.02 -22.28
CA LEU B 878 -37.36 24.42 -22.30
C LEU B 878 -38.21 25.24 -21.35
N GLU B 879 -38.89 24.56 -20.43
CA GLU B 879 -39.84 25.20 -19.53
C GLU B 879 -39.19 26.29 -18.67
N ARG B 880 -37.96 26.05 -18.23
CA ARG B 880 -37.25 26.98 -17.36
C ARG B 880 -35.98 27.52 -17.99
N ILE B 881 -36.07 27.91 -19.26
CA ILE B 881 -34.92 28.49 -19.94
C ILE B 881 -35.17 29.96 -20.24
N ASP B 882 -34.17 30.79 -19.93
CA ASP B 882 -34.30 32.23 -20.11
C ASP B 882 -34.62 32.57 -21.55
N SER B 883 -35.55 33.50 -21.73
CA SER B 883 -35.97 33.95 -23.06
C SER B 883 -36.73 32.87 -23.82
N PHE B 884 -37.26 31.90 -23.09
CA PHE B 884 -38.09 30.87 -23.70
C PHE B 884 -39.52 31.39 -23.80
N ASN B 885 -40.16 31.14 -24.93
CA ASN B 885 -41.52 31.61 -25.15
C ASN B 885 -42.39 30.52 -25.76
N VAL B 886 -43.36 30.05 -24.99
CA VAL B 886 -44.28 29.02 -25.45
C VAL B 886 -45.07 29.49 -26.67
N VAL B 887 -45.31 30.80 -26.77
CA VAL B 887 -46.04 31.32 -27.92
C VAL B 887 -45.30 31.05 -29.24
N ARG B 888 -44.01 31.36 -29.25
CA ARG B 888 -43.18 31.11 -30.44
C ARG B 888 -43.26 29.65 -30.86
N LEU B 889 -43.19 28.75 -29.88
CA LEU B 889 -43.18 27.32 -30.15
C LEU B 889 -44.52 26.86 -30.74
N SER B 890 -45.61 27.16 -30.04
CA SER B 890 -46.96 26.77 -30.47
C SER B 890 -47.29 27.34 -31.84
N GLU B 891 -46.75 28.51 -32.15
CA GLU B 891 -46.98 29.14 -33.45
C GLU B 891 -46.15 28.42 -34.50
N ALA B 892 -44.95 28.00 -34.11
CA ALA B 892 -44.10 27.21 -34.97
C ALA B 892 -44.65 25.79 -35.10
N LEU B 893 -45.78 25.53 -34.44
CA LEU B 893 -46.43 24.23 -34.55
C LEU B 893 -47.92 24.40 -34.88
N GLY B 894 -48.70 24.89 -33.93
CA GLY B 894 -50.11 25.14 -34.17
C GLY B 894 -50.77 25.88 -33.01
#